data_2E60
#
_entry.id   2E60
#
_entity_poly.entity_id   1
_entity_poly.type   'polypeptide(L)'
_entity_poly.pdbx_seq_one_letter_code
;GSSGSSGVAPLGLSVPSDVELPPTAKMHAIIERTASFVCRQGAQFEIMLKAKQARNSQFDFLRFDHYLNPYYKFIQKAMK
EGRYTVLAENKSDEKKKSGVS
;
_entity_poly.pdbx_strand_id   A
#
# COMPACT_ATOMS: atom_id res chain seq x y z
N GLY A 1 4.95 22.37 21.77
CA GLY A 1 5.98 23.23 21.21
C GLY A 1 7.12 22.44 20.60
N SER A 2 7.91 21.78 21.45
CA SER A 2 9.04 20.99 20.98
C SER A 2 8.70 19.51 20.94
N SER A 3 9.32 18.78 20.01
CA SER A 3 9.06 17.35 19.87
C SER A 3 7.60 17.10 19.49
N GLY A 4 7.24 15.81 19.41
CA GLY A 4 5.88 15.45 19.08
C GLY A 4 5.81 14.19 18.24
N SER A 5 5.23 14.29 17.06
CA SER A 5 5.09 13.14 16.16
C SER A 5 5.52 13.50 14.75
N SER A 6 5.79 12.48 13.94
CA SER A 6 6.21 12.69 12.56
C SER A 6 5.64 11.61 11.65
N GLY A 7 5.48 11.94 10.38
CA GLY A 7 4.94 10.99 9.42
C GLY A 7 3.53 11.34 9.00
N VAL A 8 3.10 10.83 7.85
CA VAL A 8 1.76 11.08 7.34
C VAL A 8 0.89 9.83 7.43
N ALA A 9 -0.38 10.02 7.77
CA ALA A 9 -1.31 8.91 7.90
C ALA A 9 -2.66 9.25 7.27
N PRO A 10 -3.44 8.21 6.93
CA PRO A 10 -4.76 8.39 6.33
C PRO A 10 -5.78 8.97 7.31
N LEU A 11 -7.05 8.98 6.89
CA LEU A 11 -8.11 9.52 7.73
C LEU A 11 -9.04 8.40 8.21
N GLY A 12 -9.87 7.90 7.31
CA GLY A 12 -10.79 6.83 7.66
C GLY A 12 -10.08 5.63 8.26
N LEU A 13 -8.97 5.24 7.67
CA LEU A 13 -8.19 4.10 8.15
C LEU A 13 -7.59 4.40 9.52
N SER A 14 -7.75 3.46 10.45
CA SER A 14 -7.21 3.63 11.79
C SER A 14 -6.09 2.62 12.05
N VAL A 15 -4.85 3.08 11.88
CA VAL A 15 -3.69 2.24 12.09
C VAL A 15 -3.38 2.09 13.57
N PRO A 16 -3.12 0.84 14.00
CA PRO A 16 -2.81 0.53 15.40
C PRO A 16 -1.45 1.08 15.83
N SER A 17 -1.04 0.74 17.04
CA SER A 17 0.24 1.19 17.57
C SER A 17 1.32 0.13 17.37
N ASP A 18 1.14 -0.70 16.35
CA ASP A 18 2.10 -1.74 16.04
C ASP A 18 2.78 -1.49 14.70
N VAL A 19 2.08 -0.76 13.82
CA VAL A 19 2.62 -0.44 12.50
C VAL A 19 3.27 0.93 12.49
N GLU A 20 4.33 1.06 11.69
CA GLU A 20 5.05 2.33 11.59
C GLU A 20 4.53 3.15 10.40
N LEU A 21 4.58 4.47 10.54
CA LEU A 21 4.12 5.37 9.49
C LEU A 21 5.22 5.59 8.45
N PRO A 22 4.82 6.03 7.25
CA PRO A 22 5.75 6.30 6.15
C PRO A 22 6.63 7.52 6.42
N PRO A 23 7.72 7.64 5.65
CA PRO A 23 8.66 8.77 5.78
C PRO A 23 8.05 10.09 5.32
N THR A 24 7.44 10.07 4.13
CA THR A 24 6.81 11.26 3.57
C THR A 24 5.63 10.90 2.69
N ALA A 25 4.87 11.92 2.28
CA ALA A 25 3.70 11.71 1.43
C ALA A 25 4.06 10.86 0.22
N LYS A 26 5.23 11.11 -0.35
CA LYS A 26 5.69 10.38 -1.52
C LYS A 26 5.61 8.87 -1.29
N MET A 27 6.41 8.39 -0.33
CA MET A 27 6.43 6.97 -0.01
C MET A 27 5.03 6.47 0.35
N HIS A 28 4.31 7.26 1.14
CA HIS A 28 2.96 6.91 1.55
C HIS A 28 2.06 6.65 0.34
N ALA A 29 2.16 7.53 -0.65
CA ALA A 29 1.37 7.41 -1.86
C ALA A 29 1.76 6.16 -2.66
N ILE A 30 3.07 5.96 -2.82
CA ILE A 30 3.58 4.81 -3.55
C ILE A 30 3.05 3.51 -2.97
N ILE A 31 3.08 3.42 -1.64
CA ILE A 31 2.60 2.22 -0.94
C ILE A 31 1.14 1.94 -1.28
N GLU A 32 0.26 2.83 -0.86
CA GLU A 32 -1.17 2.69 -1.12
C GLU A 32 -1.44 2.44 -2.60
N ARG A 33 -0.90 3.31 -3.44
CA ARG A 33 -1.08 3.19 -4.88
C ARG A 33 -0.70 1.79 -5.36
N THR A 34 0.46 1.30 -4.92
CA THR A 34 0.94 -0.02 -5.30
C THR A 34 0.02 -1.10 -4.76
N ALA A 35 -0.47 -0.91 -3.54
CA ALA A 35 -1.35 -1.88 -2.90
C ALA A 35 -2.61 -2.09 -3.73
N SER A 36 -3.23 -0.99 -4.15
CA SER A 36 -4.46 -1.06 -4.95
C SER A 36 -4.22 -1.85 -6.24
N PHE A 37 -3.06 -1.64 -6.85
CA PHE A 37 -2.71 -2.33 -8.08
C PHE A 37 -2.42 -3.80 -7.82
N VAL A 38 -1.68 -4.07 -6.75
CA VAL A 38 -1.31 -5.44 -6.38
C VAL A 38 -2.53 -6.22 -5.91
N CYS A 39 -3.55 -5.49 -5.46
CA CYS A 39 -4.78 -6.12 -4.97
C CYS A 39 -5.77 -6.31 -6.11
N ARG A 40 -5.77 -5.36 -7.05
CA ARG A 40 -6.68 -5.42 -8.19
C ARG A 40 -6.14 -6.38 -9.26
N GLN A 41 -4.86 -6.25 -9.56
CA GLN A 41 -4.23 -7.11 -10.56
C GLN A 41 -4.07 -8.53 -10.04
N GLY A 42 -3.82 -8.65 -8.74
CA GLY A 42 -3.64 -9.96 -8.14
C GLY A 42 -2.33 -10.08 -7.39
N ALA A 43 -2.20 -11.15 -6.61
CA ALA A 43 -0.98 -11.38 -5.83
C ALA A 43 0.25 -11.47 -6.74
N GLN A 44 0.07 -12.08 -7.90
CA GLN A 44 1.15 -12.24 -8.86
C GLN A 44 1.82 -10.90 -9.15
N PHE A 45 1.03 -9.83 -9.13
CA PHE A 45 1.55 -8.49 -9.38
C PHE A 45 2.74 -8.19 -8.49
N GLU A 46 2.58 -8.42 -7.20
CA GLU A 46 3.65 -8.18 -6.23
C GLU A 46 4.94 -8.86 -6.67
N ILE A 47 4.80 -10.07 -7.21
CA ILE A 47 5.96 -10.84 -7.67
C ILE A 47 6.67 -10.13 -8.82
N MET A 48 5.92 -9.81 -9.87
CA MET A 48 6.49 -9.13 -11.03
C MET A 48 7.21 -7.85 -10.60
N LEU A 49 6.59 -7.09 -9.72
CA LEU A 49 7.17 -5.84 -9.24
C LEU A 49 8.45 -6.11 -8.44
N LYS A 50 8.34 -6.95 -7.41
CA LYS A 50 9.48 -7.30 -6.57
C LYS A 50 10.59 -7.91 -7.41
N ALA A 51 10.24 -8.46 -8.56
CA ALA A 51 11.21 -9.08 -9.46
C ALA A 51 11.86 -8.04 -10.36
N LYS A 52 11.07 -7.47 -11.26
CA LYS A 52 11.57 -6.46 -12.18
C LYS A 52 12.18 -5.29 -11.43
N GLN A 53 11.39 -4.69 -10.54
CA GLN A 53 11.87 -3.55 -9.76
C GLN A 53 12.69 -4.02 -8.57
N ALA A 54 13.76 -4.76 -8.85
CA ALA A 54 14.63 -5.27 -7.79
C ALA A 54 15.64 -4.22 -7.36
N ARG A 55 15.94 -3.28 -8.25
CA ARG A 55 16.89 -2.21 -7.97
C ARG A 55 16.17 -0.97 -7.46
N ASN A 56 14.90 -0.82 -7.85
CA ASN A 56 14.11 0.34 -7.43
C ASN A 56 14.09 0.46 -5.91
N SER A 57 13.95 1.69 -5.43
CA SER A 57 13.92 1.94 -3.99
C SER A 57 12.50 2.23 -3.52
N GLN A 58 11.70 2.86 -4.39
CA GLN A 58 10.32 3.17 -4.06
C GLN A 58 9.54 1.93 -3.66
N PHE A 59 10.00 0.78 -4.15
CA PHE A 59 9.35 -0.49 -3.84
C PHE A 59 10.13 -1.25 -2.76
N ASP A 60 10.74 -0.52 -1.85
CA ASP A 60 11.51 -1.12 -0.77
C ASP A 60 10.60 -1.69 0.30
N PHE A 61 9.38 -1.17 0.38
CA PHE A 61 8.41 -1.62 1.36
C PHE A 61 8.09 -3.10 1.17
N LEU A 62 8.38 -3.61 -0.02
CA LEU A 62 8.13 -5.02 -0.33
C LEU A 62 9.14 -5.93 0.38
N ARG A 63 10.34 -5.41 0.59
CA ARG A 63 11.40 -6.17 1.26
C ARG A 63 10.97 -6.58 2.66
N PHE A 64 11.10 -7.88 2.94
CA PHE A 64 10.72 -8.41 4.24
C PHE A 64 11.52 -7.74 5.36
N ASP A 65 12.67 -7.21 5.01
CA ASP A 65 13.53 -6.54 5.98
C ASP A 65 13.30 -5.02 5.96
N HIS A 66 12.06 -4.63 5.74
CA HIS A 66 11.70 -3.21 5.70
C HIS A 66 10.69 -2.88 6.79
N TYR A 67 10.61 -1.60 7.14
CA TYR A 67 9.69 -1.15 8.17
C TYR A 67 8.28 -0.97 7.62
N LEU A 68 8.19 -0.82 6.30
CA LEU A 68 6.90 -0.64 5.65
C LEU A 68 6.24 -1.99 5.36
N ASN A 69 6.90 -3.06 5.80
CA ASN A 69 6.37 -4.41 5.61
C ASN A 69 4.94 -4.52 6.11
N PRO A 70 4.72 -4.15 7.37
CA PRO A 70 3.40 -4.19 8.01
C PRO A 70 2.45 -3.14 7.43
N TYR A 71 2.98 -1.96 7.16
CA TYR A 71 2.19 -0.87 6.62
C TYR A 71 1.60 -1.24 5.26
N TYR A 72 2.46 -1.68 4.35
CA TYR A 72 2.02 -2.08 3.02
C TYR A 72 1.13 -3.31 3.08
N LYS A 73 1.57 -4.33 3.80
CA LYS A 73 0.81 -5.56 3.94
C LYS A 73 -0.57 -5.28 4.53
N PHE A 74 -0.65 -4.27 5.39
CA PHE A 74 -1.92 -3.91 6.03
C PHE A 74 -2.85 -3.23 5.02
N ILE A 75 -2.38 -2.13 4.44
CA ILE A 75 -3.17 -1.40 3.46
C ILE A 75 -3.68 -2.31 2.36
N GLN A 76 -2.84 -3.27 1.95
CA GLN A 76 -3.20 -4.21 0.90
C GLN A 76 -4.26 -5.19 1.40
N LYS A 77 -3.96 -5.88 2.49
CA LYS A 77 -4.89 -6.85 3.05
C LYS A 77 -6.23 -6.20 3.36
N ALA A 78 -6.20 -4.94 3.77
CA ALA A 78 -7.42 -4.20 4.08
C ALA A 78 -8.18 -3.83 2.82
N MET A 79 -7.44 -3.37 1.81
CA MET A 79 -8.04 -2.98 0.54
C MET A 79 -8.72 -4.16 -0.13
N LYS A 80 -8.14 -5.35 0.04
CA LYS A 80 -8.70 -6.56 -0.55
C LYS A 80 -9.78 -7.15 0.34
N GLU A 81 -9.62 -6.99 1.65
CA GLU A 81 -10.59 -7.50 2.61
C GLU A 81 -11.88 -6.70 2.56
N GLY A 82 -11.79 -5.47 2.07
CA GLY A 82 -12.97 -4.63 1.98
C GLY A 82 -13.04 -3.61 3.10
N ARG A 83 -11.90 -3.06 3.48
CA ARG A 83 -11.83 -2.08 4.55
C ARG A 83 -11.26 -0.75 4.06
N TYR A 84 -10.18 -0.84 3.28
CA TYR A 84 -9.54 0.35 2.75
C TYR A 84 -10.02 0.64 1.33
N THR A 85 -10.31 1.91 1.06
CA THR A 85 -10.78 2.32 -0.26
C THR A 85 -9.92 3.44 -0.82
N VAL A 86 -9.89 3.54 -2.15
CA VAL A 86 -9.10 4.57 -2.81
C VAL A 86 -9.95 5.36 -3.80
N LEU A 87 -10.23 6.62 -3.47
CA LEU A 87 -11.04 7.48 -4.32
C LEU A 87 -12.39 6.84 -4.61
N ALA A 88 -13.18 7.50 -5.46
CA ALA A 88 -14.50 6.99 -5.82
C ALA A 88 -14.41 6.01 -6.99
N GLU A 89 -14.19 4.74 -6.67
CA GLU A 89 -14.08 3.70 -7.68
C GLU A 89 -15.22 2.69 -7.56
N ASN A 90 -16.45 3.20 -7.59
CA ASN A 90 -17.63 2.35 -7.48
C ASN A 90 -18.86 3.06 -8.03
N LYS A 91 -19.09 4.29 -7.56
CA LYS A 91 -20.24 5.07 -8.00
C LYS A 91 -20.03 6.55 -7.70
N SER A 92 -21.03 7.37 -8.02
CA SER A 92 -20.95 8.81 -7.79
C SER A 92 -22.30 9.47 -8.04
N ASP A 93 -22.98 9.02 -9.09
CA ASP A 93 -24.30 9.58 -9.43
C ASP A 93 -24.19 11.07 -9.74
N GLU A 94 -23.02 11.48 -10.22
CA GLU A 94 -22.80 12.89 -10.54
C GLU A 94 -21.76 13.03 -11.65
N LYS A 95 -21.62 14.25 -12.16
CA LYS A 95 -20.66 14.51 -13.23
C LYS A 95 -19.26 14.06 -12.83
N LYS A 96 -18.61 13.32 -13.73
CA LYS A 96 -17.26 12.84 -13.46
C LYS A 96 -16.23 13.64 -14.24
N LYS A 97 -14.96 13.50 -13.85
CA LYS A 97 -13.87 14.22 -14.51
C LYS A 97 -13.75 13.80 -15.97
N SER A 98 -12.86 14.45 -16.70
CA SER A 98 -12.64 14.15 -18.11
C SER A 98 -11.15 13.95 -18.40
N GLY A 99 -10.86 13.20 -19.46
CA GLY A 99 -9.48 12.95 -19.83
C GLY A 99 -8.98 13.90 -20.89
N VAL A 100 -7.72 14.32 -20.76
CA VAL A 100 -7.12 15.24 -21.72
C VAL A 100 -6.92 14.57 -23.07
N SER A 101 -7.23 15.31 -24.14
CA SER A 101 -7.09 14.79 -25.49
C SER A 101 -5.93 15.48 -26.22
N GLY A 1 20.82 16.92 5.08
CA GLY A 1 19.91 15.80 5.22
C GLY A 1 19.57 15.52 6.67
N SER A 2 18.27 15.57 7.00
CA SER A 2 17.82 15.32 8.35
C SER A 2 16.89 14.11 8.41
N SER A 3 16.46 13.75 9.61
CA SER A 3 15.57 12.61 9.80
C SER A 3 14.69 12.80 11.03
N GLY A 4 13.55 12.14 11.03
CA GLY A 4 12.62 12.26 12.15
C GLY A 4 11.43 13.13 11.84
N SER A 5 11.08 13.22 10.57
CA SER A 5 9.95 14.04 10.14
C SER A 5 8.64 13.50 10.70
N SER A 6 7.60 14.31 10.64
CA SER A 6 6.29 13.92 11.15
C SER A 6 5.73 12.74 10.37
N GLY A 7 4.98 11.88 11.04
CA GLY A 7 4.40 10.71 10.39
C GLY A 7 3.03 10.99 9.83
N VAL A 8 2.94 11.10 8.51
CA VAL A 8 1.67 11.36 7.84
C VAL A 8 0.84 10.09 7.72
N ALA A 9 -0.47 10.22 7.91
CA ALA A 9 -1.38 9.08 7.82
C ALA A 9 -2.59 9.42 6.96
N PRO A 10 -3.24 8.38 6.42
CA PRO A 10 -4.42 8.54 5.57
C PRO A 10 -5.64 9.01 6.36
N LEU A 11 -6.79 9.02 5.71
CA LEU A 11 -8.04 9.45 6.35
C LEU A 11 -9.00 8.28 6.51
N GLY A 12 -9.52 8.10 7.71
CA GLY A 12 -10.46 7.01 7.96
C GLY A 12 -9.77 5.77 8.50
N LEU A 13 -8.67 5.38 7.86
CA LEU A 13 -7.92 4.21 8.28
C LEU A 13 -7.18 4.47 9.59
N SER A 14 -7.49 3.67 10.60
CA SER A 14 -6.85 3.82 11.91
C SER A 14 -5.75 2.78 12.10
N VAL A 15 -4.51 3.17 11.80
CA VAL A 15 -3.38 2.28 11.94
C VAL A 15 -2.96 2.14 13.39
N PRO A 16 -2.71 0.90 13.83
CA PRO A 16 -2.31 0.59 15.20
C PRO A 16 -0.89 1.08 15.50
N SER A 17 -0.47 0.93 16.76
CA SER A 17 0.85 1.35 17.18
C SER A 17 1.93 0.38 16.68
N ASP A 18 1.52 -0.87 16.51
CA ASP A 18 2.45 -1.91 16.04
C ASP A 18 3.08 -1.50 14.70
N VAL A 19 2.25 -1.08 13.76
CA VAL A 19 2.73 -0.67 12.45
C VAL A 19 3.33 0.74 12.50
N GLU A 20 4.33 0.96 11.66
CA GLU A 20 4.99 2.27 11.61
C GLU A 20 4.47 3.10 10.44
N LEU A 21 4.45 4.42 10.62
CA LEU A 21 3.96 5.32 9.58
C LEU A 21 5.06 5.61 8.57
N PRO A 22 4.67 6.06 7.37
CA PRO A 22 5.60 6.39 6.29
C PRO A 22 6.42 7.63 6.58
N PRO A 23 7.53 7.80 5.85
CA PRO A 23 8.43 8.95 6.02
C PRO A 23 7.79 10.25 5.55
N THR A 24 7.22 10.23 4.36
CA THR A 24 6.57 11.41 3.79
C THR A 24 5.42 11.03 2.87
N ALA A 25 4.65 12.02 2.45
CA ALA A 25 3.52 11.78 1.56
C ALA A 25 3.93 10.98 0.34
N LYS A 26 5.14 11.23 -0.15
CA LYS A 26 5.66 10.52 -1.32
C LYS A 26 5.60 9.01 -1.10
N MET A 27 6.42 8.51 -0.18
CA MET A 27 6.45 7.08 0.12
C MET A 27 5.06 6.57 0.46
N HIS A 28 4.31 7.35 1.25
CA HIS A 28 2.97 6.96 1.66
C HIS A 28 2.09 6.70 0.43
N ALA A 29 2.16 7.61 -0.54
CA ALA A 29 1.38 7.47 -1.77
C ALA A 29 1.82 6.26 -2.57
N ILE A 30 3.12 6.07 -2.70
CA ILE A 30 3.67 4.95 -3.45
C ILE A 30 3.17 3.62 -2.89
N ILE A 31 3.17 3.50 -1.57
CA ILE A 31 2.70 2.28 -0.91
C ILE A 31 1.25 1.99 -1.26
N GLU A 32 0.35 2.88 -0.84
CA GLU A 32 -1.08 2.71 -1.11
C GLU A 32 -1.32 2.47 -2.61
N ARG A 33 -0.76 3.35 -3.43
CA ARG A 33 -0.92 3.23 -4.88
C ARG A 33 -0.55 1.83 -5.36
N THR A 34 0.59 1.32 -4.87
CA THR A 34 1.06 0.00 -5.26
C THR A 34 0.09 -1.08 -4.79
N ALA A 35 -0.37 -0.97 -3.55
CA ALA A 35 -1.30 -1.92 -2.98
C ALA A 35 -2.56 -2.05 -3.84
N SER A 36 -3.07 -0.89 -4.29
CA SER A 36 -4.27 -0.86 -5.11
C SER A 36 -4.10 -1.72 -6.36
N PHE A 37 -2.96 -1.56 -7.03
CA PHE A 37 -2.67 -2.31 -8.24
C PHE A 37 -2.40 -3.79 -7.91
N VAL A 38 -1.67 -4.02 -6.81
CA VAL A 38 -1.35 -5.37 -6.39
C VAL A 38 -2.60 -6.13 -5.97
N CYS A 39 -3.63 -5.39 -5.57
CA CYS A 39 -4.88 -6.01 -5.14
C CYS A 39 -5.81 -6.23 -6.33
N ARG A 40 -5.90 -5.23 -7.20
CA ARG A 40 -6.76 -5.33 -8.37
C ARG A 40 -6.18 -6.32 -9.39
N GLN A 41 -4.88 -6.22 -9.63
CA GLN A 41 -4.21 -7.10 -10.57
C GLN A 41 -4.09 -8.51 -10.01
N GLY A 42 -3.91 -8.61 -8.69
CA GLY A 42 -3.77 -9.91 -8.06
C GLY A 42 -2.48 -10.05 -7.29
N ALA A 43 -2.38 -11.09 -6.46
CA ALA A 43 -1.19 -11.33 -5.68
C ALA A 43 0.04 -11.47 -6.57
N GLN A 44 -0.14 -12.13 -7.71
CA GLN A 44 0.96 -12.33 -8.65
C GLN A 44 1.63 -11.01 -8.99
N PHE A 45 0.85 -9.94 -9.02
CA PHE A 45 1.37 -8.61 -9.34
C PHE A 45 2.57 -8.28 -8.45
N GLU A 46 2.41 -8.48 -7.15
CA GLU A 46 3.48 -8.20 -6.20
C GLU A 46 4.77 -8.89 -6.61
N ILE A 47 4.63 -10.13 -7.11
CA ILE A 47 5.80 -10.90 -7.54
C ILE A 47 6.52 -10.22 -8.69
N MET A 48 5.79 -9.94 -9.77
CA MET A 48 6.36 -9.29 -10.94
C MET A 48 7.07 -8.00 -10.55
N LEU A 49 6.41 -7.21 -9.69
CA LEU A 49 6.99 -5.95 -9.24
C LEU A 49 8.25 -6.18 -8.40
N LYS A 50 8.11 -7.00 -7.36
CA LYS A 50 9.24 -7.31 -6.48
C LYS A 50 10.38 -7.94 -7.27
N ALA A 51 10.06 -8.51 -8.43
CA ALA A 51 11.06 -9.14 -9.28
C ALA A 51 11.72 -8.12 -10.21
N LYS A 52 10.92 -7.58 -11.13
CA LYS A 52 11.42 -6.58 -12.08
C LYS A 52 12.01 -5.38 -11.34
N GLN A 53 11.21 -4.76 -10.48
CA GLN A 53 11.65 -3.60 -9.72
C GLN A 53 12.47 -4.03 -8.50
N ALA A 54 13.54 -4.77 -8.75
CA ALA A 54 14.42 -5.23 -7.67
C ALA A 54 15.44 -4.17 -7.30
N ARG A 55 15.75 -3.29 -8.25
CA ARG A 55 16.73 -2.24 -8.02
C ARG A 55 16.05 -0.95 -7.55
N ASN A 56 14.77 -0.81 -7.91
CA ASN A 56 14.00 0.37 -7.52
C ASN A 56 14.02 0.55 -6.01
N SER A 57 13.96 1.81 -5.57
CA SER A 57 13.96 2.13 -4.15
C SER A 57 12.56 2.47 -3.66
N GLN A 58 11.75 3.03 -4.55
CA GLN A 58 10.39 3.41 -4.22
C GLN A 58 9.59 2.19 -3.74
N PHE A 59 10.00 1.01 -4.17
CA PHE A 59 9.32 -0.23 -3.79
C PHE A 59 10.11 -0.96 -2.73
N ASP A 60 10.78 -0.22 -1.85
CA ASP A 60 11.57 -0.80 -0.78
C ASP A 60 10.67 -1.40 0.29
N PHE A 61 9.44 -0.90 0.37
CA PHE A 61 8.48 -1.39 1.36
C PHE A 61 8.20 -2.88 1.16
N LEU A 62 8.51 -3.37 -0.03
CA LEU A 62 8.28 -4.78 -0.36
C LEU A 62 9.29 -5.66 0.35
N ARG A 63 10.50 -5.14 0.55
CA ARG A 63 11.56 -5.88 1.22
C ARG A 63 11.12 -6.32 2.61
N PHE A 64 11.28 -7.61 2.89
CA PHE A 64 10.89 -8.16 4.19
C PHE A 64 11.66 -7.49 5.32
N ASP A 65 12.82 -6.92 4.98
CA ASP A 65 13.65 -6.23 5.96
C ASP A 65 13.38 -4.74 5.96
N HIS A 66 12.12 -4.37 5.72
CA HIS A 66 11.73 -2.97 5.69
C HIS A 66 10.71 -2.66 6.79
N TYR A 67 10.61 -1.39 7.15
CA TYR A 67 9.67 -0.97 8.19
C TYR A 67 8.27 -0.81 7.62
N LEU A 68 8.18 -0.65 6.31
CA LEU A 68 6.89 -0.50 5.63
C LEU A 68 6.27 -1.85 5.34
N ASN A 69 6.94 -2.92 5.76
CA ASN A 69 6.45 -4.27 5.53
C ASN A 69 5.01 -4.41 6.02
N PRO A 70 4.77 -4.07 7.29
CA PRO A 70 3.45 -4.15 7.91
C PRO A 70 2.49 -3.11 7.34
N TYR A 71 2.98 -1.89 7.15
CA TYR A 71 2.17 -0.80 6.61
C TYR A 71 1.60 -1.17 5.24
N TYR A 72 2.47 -1.58 4.33
CA TYR A 72 2.06 -1.95 2.99
C TYR A 72 1.18 -3.20 3.02
N LYS A 73 1.65 -4.24 3.72
CA LYS A 73 0.90 -5.48 3.83
C LYS A 73 -0.48 -5.23 4.42
N PHE A 74 -0.58 -4.23 5.29
CA PHE A 74 -1.85 -3.89 5.92
C PHE A 74 -2.79 -3.23 4.93
N ILE A 75 -2.35 -2.13 4.34
CA ILE A 75 -3.16 -1.40 3.38
C ILE A 75 -3.66 -2.32 2.27
N GLN A 76 -2.79 -3.22 1.82
CA GLN A 76 -3.15 -4.16 0.76
C GLN A 76 -4.14 -5.20 1.27
N LYS A 77 -3.77 -5.88 2.35
CA LYS A 77 -4.63 -6.91 2.93
C LYS A 77 -6.00 -6.35 3.24
N ALA A 78 -6.05 -5.08 3.66
CA ALA A 78 -7.31 -4.42 3.98
C ALA A 78 -8.09 -4.07 2.72
N MET A 79 -7.38 -3.56 1.71
CA MET A 79 -8.00 -3.18 0.45
C MET A 79 -8.61 -4.40 -0.24
N LYS A 80 -8.00 -5.56 -0.03
CA LYS A 80 -8.47 -6.80 -0.64
C LYS A 80 -9.52 -7.47 0.26
N GLU A 81 -9.34 -7.32 1.56
CA GLU A 81 -10.27 -7.91 2.52
C GLU A 81 -11.62 -7.21 2.49
N GLY A 82 -11.62 -5.97 2.01
CA GLY A 82 -12.85 -5.19 1.93
C GLY A 82 -12.98 -4.19 3.07
N ARG A 83 -11.86 -3.63 3.49
CA ARG A 83 -11.85 -2.66 4.58
C ARG A 83 -11.37 -1.30 4.08
N TYR A 84 -10.25 -1.31 3.35
CA TYR A 84 -9.69 -0.07 2.82
C TYR A 84 -10.22 0.23 1.42
N THR A 85 -10.68 1.46 1.22
CA THR A 85 -11.22 1.87 -0.07
C THR A 85 -10.40 3.01 -0.68
N VAL A 86 -10.27 3.00 -2.00
CA VAL A 86 -9.52 4.03 -2.70
C VAL A 86 -10.35 4.67 -3.81
N LEU A 87 -10.41 5.99 -3.82
CA LEU A 87 -11.17 6.73 -4.82
C LEU A 87 -12.65 6.38 -4.74
N ALA A 88 -13.44 6.96 -5.63
CA ALA A 88 -14.88 6.71 -5.67
C ALA A 88 -15.23 5.67 -6.74
N GLU A 89 -14.27 4.79 -7.04
CA GLU A 89 -14.48 3.76 -8.04
C GLU A 89 -14.57 2.38 -7.39
N ASN A 90 -15.77 1.81 -7.38
CA ASN A 90 -15.97 0.49 -6.79
C ASN A 90 -16.67 -0.44 -7.78
N LYS A 91 -16.31 -1.73 -7.72
CA LYS A 91 -16.89 -2.72 -8.61
C LYS A 91 -18.04 -3.47 -7.91
N SER A 92 -17.86 -3.74 -6.62
CA SER A 92 -18.88 -4.44 -5.85
C SER A 92 -19.12 -3.75 -4.51
N ASP A 93 -20.37 -3.35 -4.27
CA ASP A 93 -20.74 -2.68 -3.04
C ASP A 93 -21.25 -3.68 -2.01
N GLU A 94 -20.69 -3.62 -0.80
CA GLU A 94 -21.09 -4.52 0.27
C GLU A 94 -21.02 -3.82 1.63
N LYS A 95 -19.86 -3.24 1.92
CA LYS A 95 -19.66 -2.54 3.19
C LYS A 95 -18.97 -1.20 2.96
N LYS A 96 -19.60 -0.12 3.41
CA LYS A 96 -19.05 1.21 3.27
C LYS A 96 -19.61 2.17 4.32
N LYS A 97 -18.76 2.58 5.25
CA LYS A 97 -19.18 3.48 6.32
C LYS A 97 -18.27 4.71 6.36
N SER A 98 -18.13 5.37 5.22
CA SER A 98 -17.30 6.56 5.12
C SER A 98 -18.13 7.83 5.30
N GLY A 99 -17.80 8.61 6.32
CA GLY A 99 -18.53 9.84 6.58
C GLY A 99 -18.12 10.49 7.88
N VAL A 100 -17.41 11.62 7.77
CA VAL A 100 -16.95 12.34 8.96
C VAL A 100 -17.69 13.67 9.10
N SER A 101 -17.34 14.42 10.15
CA SER A 101 -17.97 15.71 10.40
C SER A 101 -16.92 16.81 10.51
N GLY A 1 17.56 25.40 5.75
CA GLY A 1 17.56 23.98 5.44
C GLY A 1 16.36 23.26 6.04
N SER A 2 15.32 23.09 5.23
CA SER A 2 14.10 22.42 5.69
C SER A 2 14.10 20.95 5.26
N SER A 3 15.18 20.24 5.58
CA SER A 3 15.30 18.84 5.23
C SER A 3 14.78 17.94 6.35
N GLY A 4 13.47 17.75 6.39
CA GLY A 4 12.88 16.92 7.42
C GLY A 4 11.36 16.94 7.38
N SER A 5 10.75 15.76 7.41
CA SER A 5 9.30 15.65 7.37
C SER A 5 8.80 14.69 8.45
N SER A 6 7.53 14.85 8.83
CA SER A 6 6.93 14.01 9.86
C SER A 6 6.14 12.86 9.23
N GLY A 7 5.99 11.78 9.97
CA GLY A 7 5.25 10.64 9.48
C GLY A 7 3.82 10.98 9.12
N VAL A 8 3.41 10.64 7.90
CA VAL A 8 2.05 10.92 7.44
C VAL A 8 1.18 9.68 7.51
N ALA A 9 -0.09 9.87 7.84
CA ALA A 9 -1.03 8.77 7.95
C ALA A 9 -2.39 9.14 7.35
N PRO A 10 -3.20 8.12 7.04
CA PRO A 10 -4.53 8.32 6.46
C PRO A 10 -5.52 8.92 7.45
N LEU A 11 -6.78 8.97 7.07
CA LEU A 11 -7.83 9.53 7.94
C LEU A 11 -8.78 8.44 8.41
N GLY A 12 -9.64 7.97 7.51
CA GLY A 12 -10.59 6.93 7.85
C GLY A 12 -9.91 5.66 8.35
N LEU A 13 -8.80 5.31 7.73
CA LEU A 13 -8.06 4.11 8.10
C LEU A 13 -7.33 4.32 9.42
N SER A 14 -7.63 3.48 10.40
CA SER A 14 -7.01 3.58 11.72
C SER A 14 -5.87 2.57 11.86
N VAL A 15 -4.63 3.07 11.88
CA VAL A 15 -3.47 2.21 12.00
C VAL A 15 -2.89 2.28 13.42
N PRO A 16 -2.56 1.10 13.98
CA PRO A 16 -2.00 1.00 15.32
C PRO A 16 -0.57 1.53 15.40
N SER A 17 -0.10 1.79 16.60
CA SER A 17 1.24 2.31 16.81
C SER A 17 2.29 1.27 16.42
N ASP A 18 1.92 0.00 16.52
CA ASP A 18 2.82 -1.10 16.18
C ASP A 18 3.38 -0.92 14.77
N VAL A 19 2.52 -0.51 13.84
CA VAL A 19 2.92 -0.31 12.45
C VAL A 19 3.63 1.03 12.28
N GLU A 20 4.82 0.99 11.69
CA GLU A 20 5.61 2.19 11.47
C GLU A 20 4.96 3.08 10.41
N LEU A 21 5.25 4.37 10.48
CA LEU A 21 4.69 5.33 9.52
C LEU A 21 5.67 5.61 8.38
N PRO A 22 5.14 6.11 7.26
CA PRO A 22 5.96 6.43 6.09
C PRO A 22 6.87 7.63 6.31
N PRO A 23 7.92 7.74 5.48
CA PRO A 23 8.88 8.84 5.57
C PRO A 23 8.29 10.17 5.15
N THR A 24 7.62 10.18 4.00
CA THR A 24 7.00 11.40 3.48
C THR A 24 5.76 11.06 2.66
N ALA A 25 5.01 12.10 2.31
CA ALA A 25 3.80 11.93 1.51
C ALA A 25 4.07 11.09 0.27
N LYS A 26 5.25 11.28 -0.32
CA LYS A 26 5.64 10.55 -1.51
C LYS A 26 5.57 9.04 -1.28
N MET A 27 6.42 8.54 -0.40
CA MET A 27 6.45 7.11 -0.08
C MET A 27 5.07 6.62 0.34
N HIS A 28 4.41 7.39 1.21
CA HIS A 28 3.07 7.03 1.67
C HIS A 28 2.12 6.79 0.50
N ALA A 29 2.23 7.64 -0.51
CA ALA A 29 1.37 7.52 -1.69
C ALA A 29 1.75 6.29 -2.51
N ILE A 30 3.05 6.07 -2.70
CA ILE A 30 3.53 4.93 -3.46
C ILE A 30 3.00 3.62 -2.89
N ILE A 31 3.09 3.47 -1.57
CA ILE A 31 2.62 2.27 -0.91
C ILE A 31 1.15 1.99 -1.23
N GLU A 32 0.28 2.92 -0.85
CA GLU A 32 -1.15 2.79 -1.11
C GLU A 32 -1.41 2.49 -2.58
N ARG A 33 -0.89 3.34 -3.45
CA ARG A 33 -1.07 3.18 -4.89
C ARG A 33 -0.65 1.77 -5.33
N THR A 34 0.52 1.33 -4.86
CA THR A 34 1.02 0.01 -5.22
C THR A 34 0.07 -1.08 -4.73
N ALA A 35 -0.37 -0.97 -3.49
CA ALA A 35 -1.28 -1.94 -2.91
C ALA A 35 -2.53 -2.10 -3.77
N SER A 36 -3.15 -0.98 -4.13
CA SER A 36 -4.36 -1.01 -4.96
C SER A 36 -4.13 -1.82 -6.22
N PHE A 37 -2.99 -1.61 -6.86
CA PHE A 37 -2.65 -2.33 -8.09
C PHE A 37 -2.36 -3.80 -7.79
N VAL A 38 -1.63 -4.05 -6.71
CA VAL A 38 -1.28 -5.40 -6.33
C VAL A 38 -2.52 -6.22 -5.95
N CYS A 39 -3.57 -5.51 -5.54
CA CYS A 39 -4.82 -6.17 -5.16
C CYS A 39 -5.69 -6.43 -6.38
N ARG A 40 -5.90 -5.40 -7.19
CA ARG A 40 -6.72 -5.51 -8.40
C ARG A 40 -6.06 -6.45 -9.40
N GLN A 41 -4.75 -6.27 -9.59
CA GLN A 41 -4.01 -7.11 -10.53
C GLN A 41 -3.84 -8.52 -10.00
N GLY A 42 -3.83 -8.66 -8.68
CA GLY A 42 -3.68 -9.97 -8.06
C GLY A 42 -2.37 -10.11 -7.32
N ALA A 43 -2.26 -11.14 -6.49
CA ALA A 43 -1.05 -11.39 -5.72
C ALA A 43 0.16 -11.49 -6.63
N GLN A 44 -0.02 -12.13 -7.78
CA GLN A 44 1.07 -12.30 -8.75
C GLN A 44 1.74 -10.97 -9.06
N PHE A 45 0.94 -9.90 -9.07
CA PHE A 45 1.45 -8.57 -9.35
C PHE A 45 2.66 -8.24 -8.47
N GLU A 46 2.49 -8.46 -7.17
CA GLU A 46 3.57 -8.18 -6.21
C GLU A 46 4.85 -8.88 -6.64
N ILE A 47 4.73 -10.09 -7.17
CA ILE A 47 5.88 -10.86 -7.62
C ILE A 47 6.59 -10.17 -8.78
N MET A 48 5.82 -9.90 -9.84
CA MET A 48 6.37 -9.24 -11.02
C MET A 48 7.11 -7.96 -10.63
N LEU A 49 6.50 -7.17 -9.75
CA LEU A 49 7.08 -5.92 -9.31
C LEU A 49 8.37 -6.17 -8.52
N LYS A 50 8.27 -6.99 -7.49
CA LYS A 50 9.43 -7.32 -6.66
C LYS A 50 10.54 -7.94 -7.50
N ALA A 51 10.16 -8.51 -8.64
CA ALA A 51 11.13 -9.14 -9.54
C ALA A 51 11.76 -8.11 -10.47
N LYS A 52 10.95 -7.56 -11.36
CA LYS A 52 11.44 -6.56 -12.31
C LYS A 52 12.06 -5.37 -11.58
N GLN A 53 11.28 -4.76 -10.69
CA GLN A 53 11.74 -3.61 -9.93
C GLN A 53 12.57 -4.06 -8.72
N ALA A 54 13.65 -4.80 -9.00
CA ALA A 54 14.53 -5.29 -7.94
C ALA A 54 15.52 -4.20 -7.52
N ARG A 55 15.83 -3.29 -8.44
CA ARG A 55 16.77 -2.21 -8.16
C ARG A 55 16.02 -0.91 -7.89
N ASN A 56 14.74 -1.02 -7.53
CA ASN A 56 13.92 0.15 -7.25
C ASN A 56 14.01 0.53 -5.77
N SER A 57 13.75 1.80 -5.47
CA SER A 57 13.81 2.28 -4.10
C SER A 57 12.40 2.46 -3.54
N GLN A 58 11.51 3.03 -4.35
CA GLN A 58 10.13 3.26 -3.93
C GLN A 58 9.46 1.95 -3.55
N PHE A 59 9.93 0.85 -4.13
CA PHE A 59 9.37 -0.46 -3.85
C PHE A 59 10.20 -1.21 -2.82
N ASP A 60 10.77 -0.46 -1.87
CA ASP A 60 11.59 -1.05 -0.82
C ASP A 60 10.73 -1.58 0.32
N PHE A 61 9.50 -1.10 0.39
CA PHE A 61 8.56 -1.52 1.43
C PHE A 61 8.26 -3.01 1.30
N LEU A 62 8.56 -3.58 0.14
CA LEU A 62 8.33 -5.00 -0.10
C LEU A 62 9.31 -5.85 0.67
N ARG A 63 10.52 -5.33 0.86
CA ARG A 63 11.56 -6.05 1.58
C ARG A 63 11.06 -6.48 2.97
N PHE A 64 11.21 -7.76 3.28
CA PHE A 64 10.77 -8.30 4.56
C PHE A 64 11.47 -7.58 5.71
N ASP A 65 12.65 -7.05 5.43
CA ASP A 65 13.42 -6.33 6.44
C ASP A 65 13.29 -4.82 6.27
N HIS A 66 12.07 -4.36 6.01
CA HIS A 66 11.80 -2.95 5.81
C HIS A 66 10.89 -2.41 6.90
N TYR A 67 10.80 -1.09 7.00
CA TYR A 67 9.96 -0.45 8.00
C TYR A 67 8.56 -0.18 7.45
N LEU A 68 8.25 -0.79 6.32
CA LEU A 68 6.95 -0.64 5.69
C LEU A 68 6.31 -1.98 5.36
N ASN A 69 6.86 -3.04 5.97
CA ASN A 69 6.35 -4.39 5.75
C ASN A 69 4.90 -4.50 6.22
N PRO A 70 4.66 -4.13 7.48
CA PRO A 70 3.31 -4.18 8.08
C PRO A 70 2.38 -3.13 7.49
N TYR A 71 2.91 -1.93 7.27
CA TYR A 71 2.11 -0.85 6.71
C TYR A 71 1.56 -1.22 5.34
N TYR A 72 2.45 -1.66 4.45
CA TYR A 72 2.05 -2.05 3.10
C TYR A 72 1.15 -3.28 3.14
N LYS A 73 1.58 -4.30 3.86
CA LYS A 73 0.81 -5.54 3.98
C LYS A 73 -0.57 -5.26 4.55
N PHE A 74 -0.67 -4.25 5.40
CA PHE A 74 -1.94 -3.88 6.02
C PHE A 74 -2.86 -3.22 5.00
N ILE A 75 -2.39 -2.12 4.42
CA ILE A 75 -3.17 -1.39 3.43
C ILE A 75 -3.67 -2.32 2.32
N GLN A 76 -2.81 -3.22 1.89
CA GLN A 76 -3.15 -4.17 0.84
C GLN A 76 -4.18 -5.18 1.33
N LYS A 77 -3.87 -5.85 2.43
CA LYS A 77 -4.76 -6.85 3.01
C LYS A 77 -6.14 -6.24 3.29
N ALA A 78 -6.16 -4.97 3.67
CA ALA A 78 -7.40 -4.28 3.96
C ALA A 78 -8.15 -3.93 2.68
N MET A 79 -7.41 -3.47 1.68
CA MET A 79 -8.01 -3.10 0.40
C MET A 79 -8.63 -4.32 -0.28
N LYS A 80 -8.02 -5.48 -0.07
CA LYS A 80 -8.53 -6.72 -0.66
C LYS A 80 -9.61 -7.35 0.23
N GLU A 81 -9.47 -7.17 1.54
CA GLU A 81 -10.43 -7.72 2.49
C GLU A 81 -11.75 -6.97 2.41
N GLY A 82 -11.70 -5.74 1.91
CA GLY A 82 -12.90 -4.93 1.80
C GLY A 82 -13.03 -3.92 2.92
N ARG A 83 -11.91 -3.32 3.30
CA ARG A 83 -11.90 -2.33 4.37
C ARG A 83 -11.36 -1.00 3.87
N TYR A 84 -10.28 -1.05 3.09
CA TYR A 84 -9.67 0.16 2.55
C TYR A 84 -10.14 0.41 1.12
N THR A 85 -10.48 1.66 0.83
CA THR A 85 -10.94 2.03 -0.51
C THR A 85 -10.16 3.23 -1.03
N VAL A 86 -9.94 3.26 -2.34
CA VAL A 86 -9.23 4.36 -2.98
C VAL A 86 -10.13 5.16 -3.90
N LEU A 87 -9.89 6.46 -3.97
CA LEU A 87 -10.70 7.34 -4.82
C LEU A 87 -9.94 7.70 -6.09
N ALA A 88 -10.58 8.49 -6.95
CA ALA A 88 -9.97 8.91 -8.21
C ALA A 88 -9.67 7.71 -9.10
N GLU A 89 -10.45 6.65 -8.93
CA GLU A 89 -10.27 5.43 -9.72
C GLU A 89 -11.19 5.42 -10.94
N ASN A 90 -10.60 5.35 -12.12
CA ASN A 90 -11.38 5.34 -13.36
C ASN A 90 -11.33 3.96 -14.02
N LYS A 91 -12.26 3.09 -13.64
CA LYS A 91 -12.33 1.75 -14.20
C LYS A 91 -13.52 1.60 -15.13
N SER A 92 -14.58 2.34 -14.84
CA SER A 92 -15.80 2.29 -15.65
C SER A 92 -16.84 3.27 -15.14
N ASP A 93 -16.98 4.40 -15.82
CA ASP A 93 -17.95 5.41 -15.42
C ASP A 93 -18.35 6.27 -16.62
N GLU A 94 -19.46 6.98 -16.48
CA GLU A 94 -19.96 7.84 -17.56
C GLU A 94 -20.19 9.26 -17.05
N LYS A 95 -19.58 10.23 -17.73
CA LYS A 95 -19.72 11.64 -17.36
C LYS A 95 -19.25 11.86 -15.92
N LYS A 96 -18.02 11.44 -15.63
CA LYS A 96 -17.45 11.60 -14.30
C LYS A 96 -16.91 13.02 -14.11
N LYS A 97 -16.50 13.64 -15.21
CA LYS A 97 -15.96 14.99 -15.16
C LYS A 97 -17.07 16.03 -15.29
N SER A 98 -17.57 16.49 -14.15
CA SER A 98 -18.65 17.49 -14.14
C SER A 98 -18.28 18.70 -14.98
N GLY A 99 -19.26 19.29 -15.63
CA GLY A 99 -19.03 20.45 -16.46
C GLY A 99 -19.18 21.76 -15.69
N VAL A 100 -19.28 22.87 -16.42
CA VAL A 100 -19.44 24.18 -15.80
C VAL A 100 -20.56 24.98 -16.47
N SER A 101 -21.56 24.25 -16.96
CA SER A 101 -22.70 24.89 -17.62
C SER A 101 -23.43 25.83 -16.67
N GLY A 1 18.72 3.49 15.59
CA GLY A 1 19.02 2.57 14.52
C GLY A 1 17.92 2.50 13.49
N SER A 2 16.68 2.38 13.95
CA SER A 2 15.53 2.31 13.06
C SER A 2 14.24 2.62 13.80
N SER A 3 13.73 3.83 13.60
CA SER A 3 12.50 4.26 14.25
C SER A 3 11.75 5.28 13.39
N GLY A 4 10.60 5.73 13.88
CA GLY A 4 9.80 6.70 13.15
C GLY A 4 9.10 7.68 14.06
N SER A 5 9.79 8.78 14.37
CA SER A 5 9.23 9.80 15.24
C SER A 5 8.10 10.55 14.54
N SER A 6 8.30 10.85 13.25
CA SER A 6 7.29 11.57 12.48
C SER A 6 6.88 10.76 11.25
N GLY A 7 5.73 11.11 10.67
CA GLY A 7 5.24 10.41 9.50
C GLY A 7 3.81 10.74 9.18
N VAL A 8 3.44 10.64 7.90
CA VAL A 8 2.09 10.93 7.47
C VAL A 8 1.21 9.68 7.53
N ALA A 9 -0.06 9.88 7.86
CA ALA A 9 -1.01 8.77 7.95
C ALA A 9 -2.36 9.16 7.36
N PRO A 10 -3.17 8.13 7.04
CA PRO A 10 -4.50 8.34 6.46
C PRO A 10 -5.48 8.94 7.46
N LEU A 11 -6.75 8.99 7.07
CA LEU A 11 -7.79 9.53 7.94
C LEU A 11 -8.73 8.44 8.43
N GLY A 12 -9.60 7.97 7.54
CA GLY A 12 -10.54 6.92 7.90
C GLY A 12 -9.84 5.67 8.40
N LEU A 13 -8.73 5.30 7.76
CA LEU A 13 -7.98 4.12 8.15
C LEU A 13 -7.22 4.36 9.45
N SER A 14 -7.45 3.50 10.43
CA SER A 14 -6.79 3.63 11.73
C SER A 14 -5.69 2.58 11.88
N VAL A 15 -4.44 3.03 11.87
CA VAL A 15 -3.30 2.13 12.00
C VAL A 15 -2.71 2.21 13.41
N PRO A 16 -2.42 1.04 13.99
CA PRO A 16 -1.84 0.95 15.34
C PRO A 16 -0.40 1.42 15.38
N SER A 17 0.16 1.47 16.59
CA SER A 17 1.54 1.92 16.77
C SER A 17 2.52 0.83 16.34
N ASP A 18 2.08 -0.42 16.42
CA ASP A 18 2.93 -1.55 16.04
C ASP A 18 3.46 -1.38 14.62
N VAL A 19 2.71 -0.65 13.80
CA VAL A 19 3.10 -0.41 12.41
C VAL A 19 3.84 0.91 12.27
N GLU A 20 4.96 0.89 11.55
CA GLU A 20 5.76 2.09 11.34
C GLU A 20 5.15 2.97 10.25
N LEU A 21 5.16 4.28 10.47
CA LEU A 21 4.61 5.23 9.52
C LEU A 21 5.60 5.52 8.40
N PRO A 22 5.09 6.01 7.26
CA PRO A 22 5.92 6.35 6.11
C PRO A 22 6.81 7.56 6.35
N PRO A 23 7.87 7.69 5.54
CA PRO A 23 8.82 8.80 5.66
C PRO A 23 8.21 10.13 5.23
N THR A 24 7.55 10.12 4.07
CA THR A 24 6.93 11.33 3.55
C THR A 24 5.70 10.99 2.70
N ALA A 25 4.94 12.02 2.34
CA ALA A 25 3.74 11.82 1.53
C ALA A 25 4.05 11.00 0.28
N LYS A 26 5.21 11.23 -0.31
CA LYS A 26 5.62 10.50 -1.51
C LYS A 26 5.56 8.99 -1.28
N MET A 27 6.36 8.52 -0.33
CA MET A 27 6.40 7.10 -0.01
C MET A 27 5.01 6.59 0.36
N HIS A 28 4.33 7.32 1.24
CA HIS A 28 2.99 6.94 1.68
C HIS A 28 2.07 6.71 0.48
N ALA A 29 2.23 7.54 -0.55
CA ALA A 29 1.41 7.43 -1.76
C ALA A 29 1.80 6.19 -2.57
N ILE A 30 3.11 6.00 -2.75
CA ILE A 30 3.61 4.86 -3.52
C ILE A 30 3.07 3.55 -2.95
N ILE A 31 3.16 3.40 -1.64
CA ILE A 31 2.68 2.18 -0.98
C ILE A 31 1.21 1.92 -1.31
N GLU A 32 0.34 2.82 -0.86
CA GLU A 32 -1.08 2.69 -1.11
C GLU A 32 -1.36 2.47 -2.60
N ARG A 33 -0.83 3.36 -3.43
CA ARG A 33 -1.02 3.27 -4.87
C ARG A 33 -0.63 1.89 -5.38
N THR A 34 0.48 1.37 -4.89
CA THR A 34 0.96 0.06 -5.30
C THR A 34 0.03 -1.04 -4.80
N ALA A 35 -0.38 -0.94 -3.54
CA ALA A 35 -1.28 -1.93 -2.95
C ALA A 35 -2.54 -2.10 -3.79
N SER A 36 -3.17 -0.99 -4.13
CA SER A 36 -4.40 -1.02 -4.93
C SER A 36 -4.19 -1.84 -6.20
N PHE A 37 -3.08 -1.59 -6.88
CA PHE A 37 -2.77 -2.30 -8.11
C PHE A 37 -2.46 -3.77 -7.83
N VAL A 38 -1.73 -4.01 -6.75
CA VAL A 38 -1.37 -5.37 -6.36
C VAL A 38 -2.60 -6.18 -5.98
N CYS A 39 -3.65 -5.49 -5.55
CA CYS A 39 -4.89 -6.15 -5.16
C CYS A 39 -5.78 -6.42 -6.38
N ARG A 40 -5.94 -5.40 -7.21
CA ARG A 40 -6.76 -5.53 -8.42
C ARG A 40 -6.11 -6.47 -9.43
N GLN A 41 -4.80 -6.30 -9.63
CA GLN A 41 -4.07 -7.13 -10.57
C GLN A 41 -3.88 -8.54 -10.02
N GLY A 42 -3.86 -8.66 -8.70
CA GLY A 42 -3.69 -9.96 -8.08
C GLY A 42 -2.36 -10.08 -7.35
N ALA A 43 -2.25 -11.11 -6.51
CA ALA A 43 -1.03 -11.34 -5.74
C ALA A 43 0.19 -11.43 -6.66
N GLN A 44 0.00 -12.05 -7.82
CA GLN A 44 1.08 -12.21 -8.78
C GLN A 44 1.75 -10.87 -9.08
N PHE A 45 0.96 -9.80 -9.07
CA PHE A 45 1.47 -8.47 -9.32
C PHE A 45 2.67 -8.16 -8.43
N GLU A 46 2.50 -8.36 -7.13
CA GLU A 46 3.56 -8.11 -6.17
C GLU A 46 4.85 -8.82 -6.57
N ILE A 47 4.70 -10.03 -7.12
CA ILE A 47 5.86 -10.80 -7.55
C ILE A 47 6.57 -10.13 -8.71
N MET A 48 5.82 -9.83 -9.77
CA MET A 48 6.38 -9.17 -10.94
C MET A 48 7.12 -7.90 -10.56
N LEU A 49 6.53 -7.12 -9.65
CA LEU A 49 7.14 -5.88 -9.20
C LEU A 49 8.42 -6.15 -8.42
N LYS A 50 8.31 -6.97 -7.38
CA LYS A 50 9.46 -7.30 -6.54
C LYS A 50 10.55 -7.96 -7.38
N ALA A 51 10.17 -8.52 -8.52
CA ALA A 51 11.11 -9.19 -9.41
C ALA A 51 11.76 -8.18 -10.36
N LYS A 52 10.95 -7.63 -11.26
CA LYS A 52 11.44 -6.65 -12.23
C LYS A 52 12.09 -5.46 -11.53
N GLN A 53 11.34 -4.84 -10.62
CA GLN A 53 11.84 -3.68 -9.88
C GLN A 53 12.70 -4.14 -8.71
N ALA A 54 13.76 -4.89 -9.01
CA ALA A 54 14.66 -5.38 -7.97
C ALA A 54 15.73 -4.35 -7.64
N ARG A 55 16.02 -3.48 -8.61
CA ARG A 55 17.02 -2.43 -8.42
C ARG A 55 16.39 -1.15 -7.89
N ASN A 56 15.11 -0.98 -8.16
CA ASN A 56 14.38 0.21 -7.71
C ASN A 56 14.49 0.37 -6.19
N SER A 57 14.36 1.60 -5.72
CA SER A 57 14.45 1.88 -4.30
C SER A 57 13.08 2.27 -3.73
N GLN A 58 12.29 2.96 -4.55
CA GLN A 58 10.95 3.39 -4.14
C GLN A 58 10.12 2.20 -3.66
N PHE A 59 10.45 1.02 -4.16
CA PHE A 59 9.73 -0.19 -3.77
C PHE A 59 10.47 -0.94 -2.67
N ASP A 60 11.12 -0.18 -1.78
CA ASP A 60 11.87 -0.76 -0.67
C ASP A 60 10.91 -1.33 0.37
N PHE A 61 9.67 -0.86 0.36
CA PHE A 61 8.67 -1.32 1.31
C PHE A 61 8.36 -2.80 1.11
N LEU A 62 8.77 -3.33 -0.05
CA LEU A 62 8.54 -4.73 -0.37
C LEU A 62 9.52 -5.62 0.38
N ARG A 63 10.67 -5.07 0.74
CA ARG A 63 11.69 -5.82 1.47
C ARG A 63 11.16 -6.29 2.82
N PHE A 64 11.40 -7.55 3.13
CA PHE A 64 10.95 -8.13 4.39
C PHE A 64 11.61 -7.43 5.58
N ASP A 65 12.79 -6.86 5.34
CA ASP A 65 13.53 -6.16 6.38
C ASP A 65 13.36 -4.65 6.24
N HIS A 66 12.13 -4.22 5.99
CA HIS A 66 11.84 -2.80 5.83
C HIS A 66 10.89 -2.31 6.92
N TYR A 67 10.75 -1.00 7.03
CA TYR A 67 9.87 -0.40 8.04
C TYR A 67 8.49 -0.13 7.46
N LEU A 68 8.19 -0.78 6.34
CA LEU A 68 6.89 -0.61 5.69
C LEU A 68 6.24 -1.96 5.40
N ASN A 69 6.91 -3.03 5.84
CA ASN A 69 6.40 -4.38 5.63
C ASN A 69 4.96 -4.50 6.11
N PRO A 70 4.72 -4.14 7.38
CA PRO A 70 3.38 -4.19 7.99
C PRO A 70 2.45 -3.15 7.41
N TYR A 71 2.97 -1.94 7.19
CA TYR A 71 2.17 -0.85 6.65
C TYR A 71 1.60 -1.22 5.29
N TYR A 72 2.47 -1.64 4.38
CA TYR A 72 2.06 -2.03 3.04
C TYR A 72 1.16 -3.26 3.08
N LYS A 73 1.60 -4.29 3.79
CA LYS A 73 0.84 -5.53 3.91
C LYS A 73 -0.54 -5.26 4.49
N PHE A 74 -0.63 -4.25 5.35
CA PHE A 74 -1.89 -3.89 5.98
C PHE A 74 -2.83 -3.22 4.97
N ILE A 75 -2.37 -2.12 4.39
CA ILE A 75 -3.17 -1.39 3.42
C ILE A 75 -3.67 -2.31 2.32
N GLN A 76 -2.80 -3.21 1.86
CA GLN A 76 -3.16 -4.16 0.81
C GLN A 76 -4.19 -5.17 1.32
N LYS A 77 -3.85 -5.84 2.43
CA LYS A 77 -4.74 -6.84 3.01
C LYS A 77 -6.11 -6.24 3.30
N ALA A 78 -6.14 -4.98 3.69
CA ALA A 78 -7.38 -4.29 3.99
C ALA A 78 -8.15 -3.95 2.72
N MET A 79 -7.43 -3.48 1.71
CA MET A 79 -8.04 -3.11 0.44
C MET A 79 -8.66 -4.33 -0.24
N LYS A 80 -8.05 -5.49 -0.03
CA LYS A 80 -8.55 -6.73 -0.61
C LYS A 80 -9.61 -7.37 0.28
N GLU A 81 -9.46 -7.19 1.60
CA GLU A 81 -10.40 -7.74 2.56
C GLU A 81 -11.74 -7.00 2.49
N GLY A 82 -11.70 -5.76 1.99
CA GLY A 82 -12.90 -4.96 1.89
C GLY A 82 -13.02 -3.95 3.01
N ARG A 83 -11.90 -3.34 3.39
CA ARG A 83 -11.88 -2.35 4.46
C ARG A 83 -11.36 -1.02 3.95
N TYR A 84 -10.30 -1.07 3.15
CA TYR A 84 -9.69 0.14 2.61
C TYR A 84 -10.16 0.39 1.18
N THR A 85 -10.48 1.64 0.88
CA THR A 85 -10.95 2.01 -0.46
C THR A 85 -10.17 3.20 -1.01
N VAL A 86 -9.86 3.15 -2.30
CA VAL A 86 -9.12 4.22 -2.95
C VAL A 86 -10.02 5.04 -3.87
N LEU A 87 -9.60 6.27 -4.15
CA LEU A 87 -10.37 7.14 -5.03
C LEU A 87 -10.61 6.49 -6.38
N ALA A 88 -11.44 7.12 -7.20
CA ALA A 88 -11.76 6.60 -8.52
C ALA A 88 -10.64 6.91 -9.52
N GLU A 89 -10.00 5.87 -10.03
CA GLU A 89 -8.91 6.03 -10.98
C GLU A 89 -8.55 4.68 -11.61
N ASN A 90 -8.88 4.52 -12.89
CA ASN A 90 -8.58 3.29 -13.61
C ASN A 90 -8.00 3.58 -14.98
N LYS A 91 -7.39 2.57 -15.59
CA LYS A 91 -6.79 2.72 -16.91
C LYS A 91 -7.76 2.27 -18.00
N SER A 92 -8.45 1.16 -17.76
CA SER A 92 -9.40 0.62 -18.73
C SER A 92 -8.73 0.34 -20.06
N ASP A 93 -8.09 -0.83 -20.16
CA ASP A 93 -7.40 -1.22 -21.38
C ASP A 93 -7.09 -2.72 -21.37
N GLU A 94 -7.53 -3.42 -22.41
CA GLU A 94 -7.30 -4.85 -22.52
C GLU A 94 -7.97 -5.60 -21.37
N LYS A 95 -7.79 -6.91 -21.35
CA LYS A 95 -8.37 -7.75 -20.30
C LYS A 95 -7.79 -9.16 -20.35
N LYS A 96 -6.82 -9.43 -19.48
CA LYS A 96 -6.19 -10.74 -19.42
C LYS A 96 -6.04 -11.20 -17.98
N LYS A 97 -6.30 -12.49 -17.75
CA LYS A 97 -6.20 -13.07 -16.41
C LYS A 97 -5.47 -14.40 -16.45
N SER A 98 -5.03 -14.88 -15.29
CA SER A 98 -4.32 -16.15 -15.19
C SER A 98 -4.54 -16.78 -13.82
N GLY A 99 -5.47 -17.74 -13.75
CA GLY A 99 -5.75 -18.40 -12.50
C GLY A 99 -6.10 -19.87 -12.68
N VAL A 100 -6.03 -20.64 -11.61
CA VAL A 100 -6.35 -22.06 -11.67
C VAL A 100 -7.85 -22.30 -11.67
N SER A 101 -8.40 -22.52 -12.86
CA SER A 101 -9.84 -22.75 -13.00
C SER A 101 -10.24 -24.10 -12.41
N GLY A 1 9.66 17.19 6.83
CA GLY A 1 10.89 16.99 7.56
C GLY A 1 10.72 16.06 8.74
N SER A 2 11.03 14.79 8.53
CA SER A 2 10.91 13.79 9.58
C SER A 2 12.06 13.89 10.58
N SER A 3 11.83 14.63 11.66
CA SER A 3 12.86 14.82 12.68
C SER A 3 13.11 13.52 13.44
N GLY A 4 12.05 12.99 14.03
CA GLY A 4 12.16 11.74 14.78
C GLY A 4 10.85 11.00 14.88
N SER A 5 9.83 11.68 15.41
CA SER A 5 8.52 11.07 15.57
C SER A 5 7.49 11.76 14.69
N SER A 6 7.85 11.98 13.42
CA SER A 6 6.97 12.63 12.47
C SER A 6 6.63 11.71 11.31
N GLY A 7 5.34 11.57 11.02
CA GLY A 7 4.91 10.72 9.93
C GLY A 7 3.53 11.05 9.42
N VAL A 8 3.31 10.92 8.12
CA VAL A 8 2.03 11.22 7.52
C VAL A 8 1.13 9.98 7.48
N ALA A 9 -0.17 10.19 7.60
CA ALA A 9 -1.13 9.09 7.57
C ALA A 9 -2.33 9.43 6.69
N PRO A 10 -3.04 8.38 6.25
CA PRO A 10 -4.23 8.54 5.39
C PRO A 10 -5.40 9.17 6.13
N LEU A 11 -6.54 9.25 5.45
CA LEU A 11 -7.74 9.83 6.04
C LEU A 11 -8.92 8.87 5.92
N GLY A 12 -9.07 7.97 6.89
CA GLY A 12 -10.16 7.02 6.88
C GLY A 12 -9.78 5.69 7.50
N LEU A 13 -8.48 5.39 7.51
CA LEU A 13 -7.98 4.15 8.08
C LEU A 13 -7.10 4.41 9.29
N SER A 14 -7.55 3.98 10.46
CA SER A 14 -6.79 4.18 11.70
C SER A 14 -5.75 3.08 11.88
N VAL A 15 -4.51 3.38 11.51
CA VAL A 15 -3.41 2.42 11.64
C VAL A 15 -2.93 2.32 13.08
N PRO A 16 -2.74 1.08 13.56
CA PRO A 16 -2.28 0.82 14.93
C PRO A 16 -0.82 1.23 15.13
N SER A 17 -0.46 1.54 16.37
CA SER A 17 0.90 1.94 16.69
C SER A 17 1.89 0.85 16.34
N ASP A 18 1.42 -0.40 16.33
CA ASP A 18 2.26 -1.54 16.01
C ASP A 18 2.93 -1.34 14.64
N VAL A 19 2.29 -0.57 13.78
CA VAL A 19 2.82 -0.30 12.44
C VAL A 19 3.54 1.04 12.40
N GLU A 20 4.63 1.09 11.64
CA GLU A 20 5.41 2.32 11.51
C GLU A 20 4.88 3.18 10.36
N LEU A 21 4.84 4.49 10.59
CA LEU A 21 4.35 5.43 9.58
C LEU A 21 5.39 5.64 8.49
N PRO A 22 4.95 6.12 7.32
CA PRO A 22 5.83 6.38 6.18
C PRO A 22 6.75 7.57 6.42
N PRO A 23 7.83 7.67 5.63
CA PRO A 23 8.80 8.75 5.73
C PRO A 23 8.23 10.09 5.28
N THR A 24 7.58 10.09 4.12
CA THR A 24 6.98 11.31 3.57
C THR A 24 5.77 10.99 2.72
N ALA A 25 5.03 12.02 2.34
CA ALA A 25 3.83 11.85 1.53
C ALA A 25 4.13 11.01 0.29
N LYS A 26 5.31 11.20 -0.28
CA LYS A 26 5.71 10.45 -1.47
C LYS A 26 5.61 8.95 -1.22
N MET A 27 6.44 8.44 -0.33
CA MET A 27 6.44 7.02 0.00
C MET A 27 5.04 6.55 0.39
N HIS A 28 4.37 7.33 1.23
CA HIS A 28 3.02 7.00 1.68
C HIS A 28 2.10 6.73 0.49
N ALA A 29 2.22 7.55 -0.55
CA ALA A 29 1.40 7.40 -1.74
C ALA A 29 1.81 6.16 -2.52
N ILE A 30 3.11 5.98 -2.71
CA ILE A 30 3.64 4.83 -3.45
C ILE A 30 3.08 3.53 -2.88
N ILE A 31 3.18 3.36 -1.57
CA ILE A 31 2.68 2.16 -0.92
C ILE A 31 1.21 1.91 -1.25
N GLU A 32 0.36 2.86 -0.87
CA GLU A 32 -1.07 2.75 -1.14
C GLU A 32 -1.33 2.46 -2.61
N ARG A 33 -0.82 3.31 -3.48
CA ARG A 33 -0.99 3.16 -4.91
C ARG A 33 -0.59 1.75 -5.36
N THR A 34 0.56 1.29 -4.86
CA THR A 34 1.06 -0.03 -5.20
C THR A 34 0.09 -1.13 -4.73
N ALA A 35 -0.34 -1.02 -3.49
CA ALA A 35 -1.26 -2.00 -2.91
C ALA A 35 -2.51 -2.15 -3.78
N SER A 36 -3.11 -1.02 -4.14
CA SER A 36 -4.31 -1.02 -4.96
C SER A 36 -4.10 -1.85 -6.23
N PHE A 37 -2.96 -1.65 -6.88
CA PHE A 37 -2.63 -2.38 -8.10
C PHE A 37 -2.34 -3.84 -7.80
N VAL A 38 -1.62 -4.08 -6.70
CA VAL A 38 -1.26 -5.44 -6.31
C VAL A 38 -2.50 -6.25 -5.94
N CYS A 39 -3.56 -5.54 -5.54
CA CYS A 39 -4.81 -6.20 -5.16
C CYS A 39 -5.69 -6.44 -6.39
N ARG A 40 -5.89 -5.40 -7.19
CA ARG A 40 -6.71 -5.52 -8.39
C ARG A 40 -6.06 -6.45 -9.40
N GLN A 41 -4.75 -6.29 -9.60
CA GLN A 41 -4.02 -7.11 -10.55
C GLN A 41 -3.85 -8.53 -10.02
N GLY A 42 -3.83 -8.66 -8.70
CA GLY A 42 -3.67 -9.97 -8.09
C GLY A 42 -2.35 -10.10 -7.34
N ALA A 43 -2.26 -11.13 -6.50
CA ALA A 43 -1.04 -11.38 -5.73
C ALA A 43 0.17 -11.49 -6.64
N GLN A 44 -0.01 -12.14 -7.78
CA GLN A 44 1.07 -12.32 -8.74
C GLN A 44 1.74 -10.99 -9.07
N PHE A 45 0.95 -9.93 -9.08
CA PHE A 45 1.46 -8.59 -9.38
C PHE A 45 2.66 -8.27 -8.50
N GLU A 46 2.51 -8.48 -7.20
CA GLU A 46 3.59 -8.20 -6.25
C GLU A 46 4.88 -8.88 -6.70
N ILE A 47 4.76 -10.08 -7.24
CA ILE A 47 5.92 -10.83 -7.71
C ILE A 47 6.59 -10.14 -8.88
N MET A 48 5.82 -9.86 -9.92
CA MET A 48 6.34 -9.19 -11.10
C MET A 48 7.06 -7.89 -10.73
N LEU A 49 6.47 -7.14 -9.82
CA LEU A 49 7.05 -5.88 -9.37
C LEU A 49 8.35 -6.12 -8.61
N LYS A 50 8.27 -6.94 -7.57
CA LYS A 50 9.44 -7.26 -6.75
C LYS A 50 10.54 -7.88 -7.61
N ALA A 51 10.15 -8.45 -8.75
CA ALA A 51 11.11 -9.07 -9.65
C ALA A 51 11.71 -8.05 -10.61
N LYS A 52 10.87 -7.53 -11.50
CA LYS A 52 11.32 -6.53 -12.48
C LYS A 52 11.94 -5.33 -11.78
N GLN A 53 11.19 -4.73 -10.86
CA GLN A 53 11.68 -3.56 -10.12
C GLN A 53 12.58 -3.99 -8.96
N ALA A 54 13.64 -4.71 -9.28
CA ALA A 54 14.58 -5.18 -8.28
C ALA A 54 15.64 -4.12 -7.98
N ARG A 55 15.87 -3.25 -8.95
CA ARG A 55 16.87 -2.18 -8.79
C ARG A 55 16.24 -0.94 -8.18
N ASN A 56 14.93 -0.79 -8.36
CA ASN A 56 14.21 0.36 -7.82
C ASN A 56 14.42 0.47 -6.31
N SER A 57 14.27 1.67 -5.79
CA SER A 57 14.45 1.92 -4.36
C SER A 57 13.11 2.27 -3.71
N GLN A 58 12.19 2.81 -4.50
CA GLN A 58 10.88 3.19 -3.98
C GLN A 58 10.09 1.96 -3.53
N PHE A 59 10.46 0.80 -4.08
CA PHE A 59 9.80 -0.45 -3.73
C PHE A 59 10.55 -1.19 -2.63
N ASP A 60 11.17 -0.43 -1.72
CA ASP A 60 11.93 -1.00 -0.63
C ASP A 60 11.01 -1.45 0.50
N PHE A 61 9.77 -0.94 0.48
CA PHE A 61 8.79 -1.29 1.51
C PHE A 61 8.46 -2.77 1.46
N LEU A 62 8.81 -3.42 0.35
CA LEU A 62 8.54 -4.84 0.18
C LEU A 62 9.50 -5.69 1.01
N ARG A 63 10.68 -5.14 1.27
CA ARG A 63 11.69 -5.84 2.05
C ARG A 63 11.10 -6.33 3.38
N PHE A 64 11.26 -7.62 3.65
CA PHE A 64 10.74 -8.21 4.88
C PHE A 64 11.34 -7.52 6.11
N ASP A 65 12.52 -6.94 5.93
CA ASP A 65 13.20 -6.24 7.02
C ASP A 65 13.06 -4.73 6.87
N HIS A 66 11.91 -4.29 6.39
CA HIS A 66 11.65 -2.87 6.20
C HIS A 66 10.68 -2.34 7.26
N TYR A 67 10.59 -1.03 7.37
CA TYR A 67 9.71 -0.39 8.35
C TYR A 67 8.32 -0.13 7.74
N LEU A 68 8.07 -0.72 6.58
CA LEU A 68 6.80 -0.55 5.89
C LEU A 68 6.15 -1.90 5.62
N ASN A 69 6.78 -2.97 6.09
CA ASN A 69 6.26 -4.32 5.89
C ASN A 69 4.81 -4.41 6.34
N PRO A 70 4.55 -4.02 7.59
CA PRO A 70 3.20 -4.05 8.17
C PRO A 70 2.28 -3.01 7.55
N TYR A 71 2.83 -1.83 7.28
CA TYR A 71 2.07 -0.73 6.69
C TYR A 71 1.51 -1.13 5.32
N TYR A 72 2.41 -1.60 4.45
CA TYR A 72 2.01 -2.01 3.10
C TYR A 72 1.11 -3.24 3.16
N LYS A 73 1.52 -4.24 3.91
CA LYS A 73 0.75 -5.47 4.06
C LYS A 73 -0.64 -5.17 4.61
N PHE A 74 -0.73 -4.13 5.44
CA PHE A 74 -2.00 -3.75 6.04
C PHE A 74 -2.92 -3.09 5.01
N ILE A 75 -2.44 -2.01 4.40
CA ILE A 75 -3.22 -1.31 3.39
C ILE A 75 -3.71 -2.25 2.30
N GLN A 76 -2.83 -3.16 1.89
CA GLN A 76 -3.17 -4.13 0.84
C GLN A 76 -4.18 -5.15 1.36
N LYS A 77 -3.84 -5.81 2.46
CA LYS A 77 -4.72 -6.81 3.05
C LYS A 77 -6.10 -6.24 3.32
N ALA A 78 -6.14 -4.96 3.70
CA ALA A 78 -7.40 -4.28 3.98
C ALA A 78 -8.15 -3.94 2.70
N MET A 79 -7.41 -3.47 1.70
CA MET A 79 -8.00 -3.10 0.41
C MET A 79 -8.58 -4.33 -0.28
N LYS A 80 -7.99 -5.50 -0.01
CA LYS A 80 -8.46 -6.74 -0.61
C LYS A 80 -9.53 -7.40 0.26
N GLU A 81 -9.40 -7.24 1.57
CA GLU A 81 -10.34 -7.81 2.52
C GLU A 81 -11.70 -7.11 2.43
N GLY A 82 -11.69 -5.88 1.92
CA GLY A 82 -12.92 -5.11 1.79
C GLY A 82 -13.08 -4.09 2.90
N ARG A 83 -11.96 -3.53 3.35
CA ARG A 83 -11.99 -2.53 4.41
C ARG A 83 -11.51 -1.18 3.89
N TYR A 84 -10.42 -1.18 3.14
CA TYR A 84 -9.86 0.04 2.58
C TYR A 84 -10.31 0.23 1.13
N THR A 85 -10.52 1.49 0.75
CA THR A 85 -10.94 1.81 -0.62
C THR A 85 -10.23 3.04 -1.15
N VAL A 86 -9.91 3.03 -2.44
CA VAL A 86 -9.21 4.15 -3.06
C VAL A 86 -10.13 4.89 -4.03
N LEU A 87 -9.87 6.18 -4.21
CA LEU A 87 -10.67 7.00 -5.10
C LEU A 87 -10.79 6.36 -6.48
N ALA A 88 -11.69 6.89 -7.30
CA ALA A 88 -11.90 6.38 -8.64
C ALA A 88 -10.59 6.37 -9.44
N GLU A 89 -10.10 5.16 -9.74
CA GLU A 89 -8.86 5.01 -10.49
C GLU A 89 -9.11 5.13 -11.99
N ASN A 90 -8.06 5.46 -12.73
CA ASN A 90 -8.17 5.60 -14.19
C ASN A 90 -7.05 4.84 -14.89
N LYS A 91 -7.15 3.52 -14.89
CA LYS A 91 -6.15 2.67 -15.54
C LYS A 91 -6.77 1.89 -16.69
N SER A 92 -6.00 1.72 -17.77
CA SER A 92 -6.47 0.99 -18.93
C SER A 92 -6.61 -0.50 -18.63
N ASP A 93 -5.49 -1.13 -18.30
CA ASP A 93 -5.48 -2.56 -17.99
C ASP A 93 -6.03 -3.37 -19.15
N GLU A 94 -5.18 -3.62 -20.14
CA GLU A 94 -5.58 -4.40 -21.32
C GLU A 94 -5.69 -5.88 -20.98
N LYS A 95 -4.58 -6.46 -20.51
CA LYS A 95 -4.56 -7.87 -20.16
C LYS A 95 -5.20 -8.10 -18.80
N LYS A 96 -6.49 -8.45 -18.81
CA LYS A 96 -7.24 -8.70 -17.59
C LYS A 96 -8.03 -10.00 -17.68
N LYS A 97 -7.68 -10.97 -16.85
CA LYS A 97 -8.36 -12.26 -16.84
C LYS A 97 -7.98 -13.07 -15.60
N SER A 98 -8.59 -14.24 -15.46
CA SER A 98 -8.32 -15.11 -14.32
C SER A 98 -8.24 -16.57 -14.76
N GLY A 99 -7.03 -17.12 -14.78
CA GLY A 99 -6.85 -18.50 -15.18
C GLY A 99 -5.48 -19.04 -14.80
N VAL A 100 -4.62 -19.20 -15.80
CA VAL A 100 -3.27 -19.70 -15.57
C VAL A 100 -2.27 -19.06 -16.53
N SER A 101 -1.08 -18.77 -16.02
CA SER A 101 -0.04 -18.14 -16.82
C SER A 101 -0.55 -16.88 -17.49
N GLY A 1 2.33 23.93 9.33
CA GLY A 1 2.73 23.06 8.23
C GLY A 1 1.71 21.97 7.97
N SER A 2 1.16 21.97 6.77
CA SER A 2 0.15 20.98 6.38
C SER A 2 0.79 19.61 6.24
N SER A 3 1.97 19.56 5.62
CA SER A 3 2.68 18.31 5.42
C SER A 3 3.00 17.63 6.75
N GLY A 4 2.50 16.41 6.92
CA GLY A 4 2.75 15.68 8.15
C GLY A 4 4.22 15.53 8.45
N SER A 5 4.72 16.32 9.40
CA SER A 5 6.13 16.26 9.78
C SER A 5 6.44 15.01 10.59
N SER A 6 5.50 14.64 11.45
CA SER A 6 5.67 13.46 12.30
C SER A 6 4.98 12.24 11.68
N GLY A 7 5.42 11.88 10.47
CA GLY A 7 4.85 10.74 9.79
C GLY A 7 3.48 11.04 9.22
N VAL A 8 3.36 10.99 7.90
CA VAL A 8 2.08 11.26 7.23
C VAL A 8 1.20 10.02 7.23
N ALA A 9 -0.09 10.22 7.54
CA ALA A 9 -1.04 9.12 7.57
C ALA A 9 -2.22 9.39 6.65
N PRO A 10 -2.89 8.31 6.21
CA PRO A 10 -4.05 8.40 5.32
C PRO A 10 -5.27 9.01 6.00
N LEU A 11 -6.39 9.03 5.30
CA LEU A 11 -7.62 9.58 5.84
C LEU A 11 -8.71 8.51 5.93
N GLY A 12 -9.38 8.46 7.07
CA GLY A 12 -10.43 7.47 7.27
C GLY A 12 -9.92 6.20 7.91
N LEU A 13 -8.87 5.64 7.35
CA LEU A 13 -8.28 4.41 7.88
C LEU A 13 -7.64 4.65 9.24
N SER A 14 -7.95 3.78 10.20
CA SER A 14 -7.41 3.90 11.54
C SER A 14 -6.19 3.00 11.72
N VAL A 15 -5.01 3.60 11.58
CA VAL A 15 -3.76 2.86 11.72
C VAL A 15 -3.43 2.61 13.19
N PRO A 16 -3.04 1.37 13.52
CA PRO A 16 -2.69 0.98 14.89
C PRO A 16 -1.38 1.61 15.36
N SER A 17 -1.03 1.37 16.61
CA SER A 17 0.19 1.92 17.18
C SER A 17 1.31 0.88 17.17
N ASP A 18 1.23 -0.06 16.23
CA ASP A 18 2.24 -1.10 16.10
C ASP A 18 2.98 -0.99 14.77
N VAL A 19 2.30 -0.42 13.78
CA VAL A 19 2.90 -0.25 12.45
C VAL A 19 3.63 1.08 12.34
N GLU A 20 4.77 1.06 11.67
CA GLU A 20 5.58 2.27 11.48
C GLU A 20 5.03 3.12 10.35
N LEU A 21 4.98 4.42 10.57
CA LEU A 21 4.47 5.36 9.56
C LEU A 21 5.50 5.59 8.47
N PRO A 22 5.04 6.07 7.30
CA PRO A 22 5.91 6.34 6.16
C PRO A 22 6.82 7.54 6.40
N PRO A 23 7.89 7.64 5.60
CA PRO A 23 8.86 8.74 5.70
C PRO A 23 8.28 10.07 5.23
N THR A 24 7.63 10.05 4.07
CA THR A 24 7.03 11.26 3.51
C THR A 24 5.81 10.93 2.67
N ALA A 25 5.07 11.96 2.29
CA ALA A 25 3.87 11.77 1.47
C ALA A 25 4.17 10.93 0.24
N LYS A 26 5.33 11.15 -0.36
CA LYS A 26 5.73 10.42 -1.55
C LYS A 26 5.65 8.91 -1.31
N MET A 27 6.47 8.42 -0.38
CA MET A 27 6.48 7.00 -0.04
C MET A 27 5.08 6.51 0.34
N HIS A 28 4.42 7.28 1.19
CA HIS A 28 3.08 6.93 1.63
C HIS A 28 2.15 6.68 0.43
N ALA A 29 2.29 7.52 -0.58
CA ALA A 29 1.47 7.39 -1.79
C ALA A 29 1.86 6.15 -2.58
N ILE A 30 3.16 5.93 -2.75
CA ILE A 30 3.66 4.79 -3.49
C ILE A 30 3.10 3.48 -2.93
N ILE A 31 3.18 3.33 -1.61
CA ILE A 31 2.67 2.14 -0.95
C ILE A 31 1.21 1.89 -1.28
N GLU A 32 0.34 2.81 -0.85
CA GLU A 32 -1.08 2.69 -1.11
C GLU A 32 -1.35 2.47 -2.60
N ARG A 33 -0.81 3.36 -3.42
CA ARG A 33 -1.00 3.26 -4.87
C ARG A 33 -0.63 1.86 -5.37
N THR A 34 0.51 1.35 -4.90
CA THR A 34 0.97 0.03 -5.30
C THR A 34 0.04 -1.06 -4.80
N ALA A 35 -0.39 -0.94 -3.54
CA ALA A 35 -1.30 -1.91 -2.95
C ALA A 35 -2.55 -2.09 -3.78
N SER A 36 -3.19 -0.97 -4.14
CA SER A 36 -4.41 -1.01 -4.94
C SER A 36 -4.20 -1.83 -6.21
N PHE A 37 -3.07 -1.61 -6.88
CA PHE A 37 -2.74 -2.32 -8.10
C PHE A 37 -2.45 -3.79 -7.80
N VAL A 38 -1.69 -4.03 -6.74
CA VAL A 38 -1.33 -5.39 -6.35
C VAL A 38 -2.57 -6.21 -5.97
N CYS A 39 -3.61 -5.50 -5.54
CA CYS A 39 -4.86 -6.16 -5.16
C CYS A 39 -5.73 -6.44 -6.37
N ARG A 40 -5.95 -5.42 -7.19
CA ARG A 40 -6.78 -5.55 -8.39
C ARG A 40 -6.12 -6.50 -9.39
N GLN A 41 -4.82 -6.33 -9.59
CA GLN A 41 -4.07 -7.17 -10.52
C GLN A 41 -3.89 -8.58 -9.96
N GLY A 42 -3.83 -8.68 -8.64
CA GLY A 42 -3.66 -9.98 -8.00
C GLY A 42 -2.33 -10.09 -7.27
N ALA A 43 -2.22 -11.09 -6.42
CA ALA A 43 -0.99 -11.31 -5.65
C ALA A 43 0.22 -11.43 -6.58
N GLN A 44 0.02 -12.08 -7.72
CA GLN A 44 1.10 -12.25 -8.69
C GLN A 44 1.75 -10.93 -9.02
N PHE A 45 0.95 -9.86 -9.02
CA PHE A 45 1.46 -8.53 -9.33
C PHE A 45 2.68 -8.19 -8.47
N GLU A 46 2.54 -8.39 -7.17
CA GLU A 46 3.63 -8.11 -6.24
C GLU A 46 4.92 -8.80 -6.67
N ILE A 47 4.78 -10.02 -7.18
CA ILE A 47 5.92 -10.80 -7.64
C ILE A 47 6.61 -10.12 -8.81
N MET A 48 5.83 -9.82 -9.85
CA MET A 48 6.37 -9.15 -11.04
C MET A 48 7.10 -7.87 -10.67
N LEU A 49 6.49 -7.10 -9.77
CA LEU A 49 7.07 -5.83 -9.33
C LEU A 49 8.36 -6.08 -8.56
N LYS A 50 8.27 -6.87 -7.49
CA LYS A 50 9.43 -7.18 -6.67
C LYS A 50 10.54 -7.83 -7.51
N ALA A 51 10.16 -8.42 -8.63
CA ALA A 51 11.11 -9.06 -9.52
C ALA A 51 11.74 -8.06 -10.48
N LYS A 52 10.92 -7.52 -11.39
CA LYS A 52 11.39 -6.54 -12.36
C LYS A 52 12.02 -5.35 -11.66
N GLN A 53 11.26 -4.72 -10.78
CA GLN A 53 11.75 -3.54 -10.04
C GLN A 53 12.61 -3.98 -8.86
N ALA A 54 13.67 -4.73 -9.15
CA ALA A 54 14.58 -5.19 -8.11
C ALA A 54 15.62 -4.13 -7.76
N ARG A 55 15.89 -3.25 -8.72
CA ARG A 55 16.87 -2.19 -8.53
C ARG A 55 16.18 -0.87 -8.16
N ASN A 56 14.95 -0.97 -7.70
CA ASN A 56 14.18 0.21 -7.32
C ASN A 56 14.21 0.42 -5.81
N SER A 57 14.42 1.66 -5.39
CA SER A 57 14.47 2.00 -3.97
C SER A 57 13.08 2.25 -3.42
N GLN A 58 12.24 2.92 -4.21
CA GLN A 58 10.88 3.23 -3.80
C GLN A 58 10.12 1.96 -3.43
N PHE A 59 10.55 0.83 -3.99
CA PHE A 59 9.92 -0.45 -3.71
C PHE A 59 10.66 -1.20 -2.61
N ASP A 60 11.21 -0.46 -1.67
CA ASP A 60 11.94 -1.05 -0.55
C ASP A 60 10.99 -1.47 0.57
N PHE A 61 9.75 -1.03 0.47
CA PHE A 61 8.75 -1.35 1.48
C PHE A 61 8.38 -2.84 1.41
N LEU A 62 8.68 -3.46 0.28
CA LEU A 62 8.37 -4.88 0.09
C LEU A 62 9.35 -5.75 0.88
N ARG A 63 10.54 -5.22 1.13
CA ARG A 63 11.56 -5.95 1.87
C ARG A 63 11.04 -6.37 3.24
N PHE A 64 11.23 -7.65 3.56
CA PHE A 64 10.77 -8.18 4.85
C PHE A 64 11.47 -7.46 6.00
N ASP A 65 12.64 -6.90 5.73
CA ASP A 65 13.40 -6.19 6.74
C ASP A 65 13.25 -4.67 6.58
N HIS A 66 12.02 -4.23 6.32
CA HIS A 66 11.74 -2.81 6.14
C HIS A 66 10.76 -2.32 7.20
N TYR A 67 10.63 -0.99 7.30
CA TYR A 67 9.73 -0.39 8.27
C TYR A 67 8.37 -0.12 7.66
N LEU A 68 8.08 -0.77 6.54
CA LEU A 68 6.81 -0.59 5.84
C LEU A 68 6.16 -1.94 5.55
N ASN A 69 6.80 -3.01 6.02
CA ASN A 69 6.28 -4.35 5.81
C ASN A 69 4.82 -4.45 6.27
N PRO A 70 4.57 -4.07 7.53
CA PRO A 70 3.23 -4.11 8.11
C PRO A 70 2.31 -3.06 7.51
N TYR A 71 2.86 -1.88 7.24
CA TYR A 71 2.09 -0.79 6.66
C TYR A 71 1.53 -1.18 5.30
N TYR A 72 2.41 -1.63 4.40
CA TYR A 72 2.01 -2.04 3.07
C TYR A 72 1.10 -3.25 3.11
N LYS A 73 1.52 -4.26 3.87
CA LYS A 73 0.74 -5.49 4.00
C LYS A 73 -0.63 -5.20 4.58
N PHE A 74 -0.72 -4.17 5.41
CA PHE A 74 -1.99 -3.80 6.04
C PHE A 74 -2.91 -3.14 5.02
N ILE A 75 -2.44 -2.05 4.41
CA ILE A 75 -3.23 -1.34 3.42
C ILE A 75 -3.73 -2.27 2.32
N GLN A 76 -2.84 -3.17 1.87
CA GLN A 76 -3.19 -4.12 0.83
C GLN A 76 -4.20 -5.14 1.34
N LYS A 77 -3.85 -5.82 2.43
CA LYS A 77 -4.72 -6.83 3.02
C LYS A 77 -6.11 -6.25 3.30
N ALA A 78 -6.15 -4.99 3.71
CA ALA A 78 -7.41 -4.32 4.01
C ALA A 78 -8.15 -3.95 2.73
N MET A 79 -7.40 -3.52 1.72
CA MET A 79 -7.99 -3.15 0.44
C MET A 79 -8.59 -4.36 -0.27
N LYS A 80 -8.02 -5.53 0.00
CA LYS A 80 -8.49 -6.77 -0.61
C LYS A 80 -9.54 -7.44 0.27
N GLU A 81 -9.39 -7.29 1.58
CA GLU A 81 -10.34 -7.88 2.53
C GLU A 81 -11.68 -7.18 2.47
N GLY A 82 -11.68 -5.94 1.99
CA GLY A 82 -12.90 -5.17 1.89
C GLY A 82 -13.07 -4.19 3.03
N ARG A 83 -11.97 -3.60 3.47
CA ARG A 83 -12.00 -2.64 4.56
C ARG A 83 -11.59 -1.25 4.09
N TYR A 84 -10.49 -1.19 3.34
CA TYR A 84 -9.98 0.08 2.83
C TYR A 84 -10.69 0.45 1.52
N THR A 85 -11.08 1.72 1.41
CA THR A 85 -11.77 2.20 0.22
C THR A 85 -10.87 3.14 -0.58
N VAL A 86 -10.96 3.06 -1.90
CA VAL A 86 -10.16 3.91 -2.78
C VAL A 86 -11.04 4.65 -3.78
N LEU A 87 -10.79 5.94 -3.93
CA LEU A 87 -11.56 6.76 -4.85
C LEU A 87 -13.05 6.73 -4.50
N ALA A 88 -13.85 7.44 -5.29
CA ALA A 88 -15.29 7.49 -5.07
C ALA A 88 -16.01 6.47 -5.95
N GLU A 89 -15.32 5.39 -6.28
CA GLU A 89 -15.88 4.34 -7.12
C GLU A 89 -15.33 2.97 -6.73
N ASN A 90 -15.62 2.55 -5.50
CA ASN A 90 -15.15 1.26 -5.01
C ASN A 90 -15.89 0.12 -5.71
N LYS A 91 -15.12 -0.73 -6.39
CA LYS A 91 -15.70 -1.87 -7.09
C LYS A 91 -14.79 -3.09 -6.98
N SER A 92 -15.24 -4.10 -6.25
CA SER A 92 -14.46 -5.32 -6.06
C SER A 92 -15.36 -6.47 -5.60
N ASP A 93 -14.75 -7.62 -5.33
CA ASP A 93 -15.49 -8.79 -4.89
C ASP A 93 -16.49 -9.24 -5.95
N GLU A 94 -16.13 -10.27 -6.71
CA GLU A 94 -16.99 -10.79 -7.75
C GLU A 94 -17.32 -12.26 -7.51
N LYS A 95 -17.50 -12.61 -6.23
CA LYS A 95 -17.82 -13.99 -5.86
C LYS A 95 -19.10 -14.04 -5.03
N LYS A 96 -19.76 -15.19 -5.03
CA LYS A 96 -20.99 -15.37 -4.28
C LYS A 96 -21.12 -16.81 -3.78
N LYS A 97 -20.04 -17.34 -3.22
CA LYS A 97 -20.03 -18.70 -2.71
C LYS A 97 -20.94 -18.84 -1.50
N SER A 98 -22.15 -19.36 -1.72
CA SER A 98 -23.11 -19.54 -0.64
C SER A 98 -22.56 -20.45 0.44
N GLY A 99 -22.91 -20.16 1.69
CA GLY A 99 -22.44 -20.97 2.81
C GLY A 99 -23.55 -21.78 3.43
N VAL A 100 -23.59 -21.79 4.77
CA VAL A 100 -24.60 -22.54 5.49
C VAL A 100 -26.01 -22.02 5.17
N SER A 101 -26.92 -22.95 4.91
CA SER A 101 -28.30 -22.59 4.58
C SER A 101 -28.34 -21.61 3.41
N GLY A 1 15.36 27.07 8.81
CA GLY A 1 16.32 26.25 9.52
C GLY A 1 15.68 25.02 10.15
N SER A 2 14.63 25.23 10.92
CA SER A 2 13.94 24.14 11.58
C SER A 2 12.93 23.48 10.64
N SER A 3 13.32 22.34 10.08
CA SER A 3 12.46 21.61 9.15
C SER A 3 12.38 20.14 9.53
N GLY A 4 11.21 19.54 9.28
CA GLY A 4 11.03 18.13 9.59
C GLY A 4 9.66 17.85 10.19
N SER A 5 8.92 16.95 9.55
CA SER A 5 7.59 16.59 10.01
C SER A 5 7.51 15.11 10.38
N SER A 6 6.37 14.69 10.90
CA SER A 6 6.17 13.30 11.31
C SER A 6 5.59 12.48 10.15
N GLY A 7 5.21 11.25 10.44
CA GLY A 7 4.65 10.39 9.41
C GLY A 7 3.27 10.82 8.98
N VAL A 8 2.93 10.54 7.72
CA VAL A 8 1.63 10.92 7.18
C VAL A 8 0.66 9.74 7.23
N ALA A 9 -0.61 10.03 7.48
CA ALA A 9 -1.63 9.00 7.55
C ALA A 9 -2.62 9.13 6.39
N PRO A 10 -3.37 8.05 6.13
CA PRO A 10 -4.36 8.01 5.05
C PRO A 10 -5.56 8.89 5.35
N LEU A 11 -6.58 8.80 4.50
CA LEU A 11 -7.80 9.59 4.67
C LEU A 11 -8.35 9.42 6.08
N GLY A 12 -8.95 8.26 6.34
CA GLY A 12 -9.52 8.00 7.66
C GLY A 12 -9.27 6.58 8.12
N LEU A 13 -8.28 5.92 7.53
CA LEU A 13 -7.94 4.55 7.88
C LEU A 13 -7.39 4.48 9.30
N SER A 14 -7.86 3.50 10.06
CA SER A 14 -7.41 3.32 11.44
C SER A 14 -6.21 2.38 11.51
N VAL A 15 -5.05 2.94 11.83
CA VAL A 15 -3.82 2.15 11.93
C VAL A 15 -3.35 2.05 13.37
N PRO A 16 -2.98 0.84 13.79
CA PRO A 16 -2.49 0.58 15.15
C PRO A 16 -1.12 1.20 15.40
N SER A 17 -0.79 1.39 16.67
CA SER A 17 0.50 1.98 17.05
C SER A 17 1.65 1.07 16.64
N ASP A 18 1.37 -0.23 16.54
CA ASP A 18 2.39 -1.20 16.16
C ASP A 18 3.00 -0.84 14.81
N VAL A 19 2.13 -0.64 13.81
CA VAL A 19 2.60 -0.29 12.48
C VAL A 19 3.21 1.10 12.44
N GLU A 20 4.37 1.22 11.82
CA GLU A 20 5.07 2.50 11.72
C GLU A 20 4.55 3.31 10.55
N LEU A 21 4.58 4.64 10.68
CA LEU A 21 4.12 5.53 9.63
C LEU A 21 5.20 5.75 8.57
N PRO A 22 4.77 6.18 7.37
CA PRO A 22 5.69 6.43 6.26
C PRO A 22 6.57 7.65 6.51
N PRO A 23 7.68 7.76 5.75
CA PRO A 23 8.62 8.88 5.86
C PRO A 23 8.03 10.18 5.35
N THR A 24 7.44 10.14 4.16
CA THR A 24 6.84 11.33 3.56
C THR A 24 5.66 10.96 2.68
N ALA A 25 4.92 11.96 2.23
CA ALA A 25 3.76 11.74 1.37
C ALA A 25 4.12 10.87 0.18
N LYS A 26 5.31 11.10 -0.38
CA LYS A 26 5.79 10.34 -1.53
C LYS A 26 5.70 8.85 -1.26
N MET A 27 6.46 8.38 -0.28
CA MET A 27 6.48 6.97 0.09
C MET A 27 5.08 6.48 0.42
N HIS A 28 4.35 7.27 1.20
CA HIS A 28 2.98 6.92 1.59
C HIS A 28 2.12 6.67 0.37
N ALA A 29 2.28 7.51 -0.65
CA ALA A 29 1.51 7.38 -1.88
C ALA A 29 1.90 6.12 -2.65
N ILE A 30 3.20 5.89 -2.76
CA ILE A 30 3.70 4.72 -3.47
C ILE A 30 3.14 3.43 -2.88
N ILE A 31 3.18 3.33 -1.56
CA ILE A 31 2.67 2.15 -0.87
C ILE A 31 1.21 1.91 -1.22
N GLU A 32 0.35 2.82 -0.80
CA GLU A 32 -1.09 2.70 -1.07
C GLU A 32 -1.35 2.47 -2.55
N ARG A 33 -0.79 3.34 -3.38
CA ARG A 33 -0.96 3.24 -4.83
C ARG A 33 -0.60 1.84 -5.31
N THR A 34 0.57 1.35 -4.89
CA THR A 34 1.03 0.02 -5.28
C THR A 34 0.10 -1.06 -4.76
N ALA A 35 -0.37 -0.89 -3.53
CA ALA A 35 -1.27 -1.85 -2.91
C ALA A 35 -2.52 -2.06 -3.75
N SER A 36 -3.19 -0.96 -4.08
CA SER A 36 -4.41 -1.03 -4.89
C SER A 36 -4.17 -1.81 -6.17
N PHE A 37 -2.98 -1.65 -6.74
CA PHE A 37 -2.63 -2.34 -7.98
C PHE A 37 -2.33 -3.81 -7.71
N VAL A 38 -1.63 -4.07 -6.61
CA VAL A 38 -1.27 -5.43 -6.24
C VAL A 38 -2.50 -6.25 -5.87
N CYS A 39 -3.56 -5.55 -5.45
CA CYS A 39 -4.81 -6.21 -5.06
C CYS A 39 -5.72 -6.39 -6.28
N ARG A 40 -5.85 -5.33 -7.07
CA ARG A 40 -6.70 -5.37 -8.26
C ARG A 40 -6.09 -6.28 -9.32
N GLN A 41 -4.80 -6.13 -9.56
CA GLN A 41 -4.10 -6.94 -10.56
C GLN A 41 -3.93 -8.38 -10.07
N GLY A 42 -3.86 -8.55 -8.76
CA GLY A 42 -3.70 -9.88 -8.19
C GLY A 42 -2.38 -10.05 -7.46
N ALA A 43 -2.26 -11.12 -6.70
CA ALA A 43 -1.04 -11.40 -5.95
C ALA A 43 0.17 -11.47 -6.88
N GLN A 44 -0.04 -12.05 -8.06
CA GLN A 44 1.04 -12.19 -9.04
C GLN A 44 1.72 -10.84 -9.29
N PHE A 45 0.94 -9.77 -9.24
CA PHE A 45 1.46 -8.43 -9.46
C PHE A 45 2.67 -8.17 -8.56
N GLU A 46 2.51 -8.42 -7.27
CA GLU A 46 3.59 -8.21 -6.32
C GLU A 46 4.87 -8.91 -6.76
N ILE A 47 4.72 -10.09 -7.34
CA ILE A 47 5.85 -10.87 -7.83
C ILE A 47 6.56 -10.15 -8.97
N MET A 48 5.81 -9.83 -10.01
CA MET A 48 6.37 -9.13 -11.16
C MET A 48 7.12 -7.88 -10.74
N LEU A 49 6.53 -7.12 -9.82
CA LEU A 49 7.14 -5.90 -9.33
C LEU A 49 8.42 -6.20 -8.56
N LYS A 50 8.31 -7.06 -7.55
CA LYS A 50 9.45 -7.45 -6.73
C LYS A 50 10.55 -8.06 -7.59
N ALA A 51 10.17 -8.57 -8.76
CA ALA A 51 11.12 -9.18 -9.68
C ALA A 51 11.80 -8.12 -10.55
N LYS A 52 11.01 -7.50 -11.43
CA LYS A 52 11.53 -6.47 -12.33
C LYS A 52 12.16 -5.33 -11.54
N GLN A 53 11.37 -4.75 -10.63
CA GLN A 53 11.85 -3.64 -9.81
C GLN A 53 12.67 -4.15 -8.62
N ALA A 54 13.72 -4.91 -8.92
CA ALA A 54 14.58 -5.46 -7.88
C ALA A 54 15.58 -4.42 -7.40
N ARG A 55 15.89 -3.45 -8.26
CA ARG A 55 16.84 -2.39 -7.91
C ARG A 55 16.11 -1.08 -7.65
N ASN A 56 14.81 -1.17 -7.35
CA ASN A 56 14.00 0.01 -7.08
C ASN A 56 14.10 0.41 -5.61
N SER A 57 13.86 1.68 -5.33
CA SER A 57 13.91 2.19 -3.96
C SER A 57 12.52 2.48 -3.43
N GLN A 58 11.59 2.76 -4.34
CA GLN A 58 10.21 3.06 -3.96
C GLN A 58 9.48 1.79 -3.54
N PHE A 59 9.94 0.65 -4.05
CA PHE A 59 9.33 -0.64 -3.73
C PHE A 59 10.13 -1.36 -2.65
N ASP A 60 10.72 -0.60 -1.74
CA ASP A 60 11.52 -1.18 -0.66
C ASP A 60 10.62 -1.70 0.46
N PHE A 61 9.40 -1.18 0.52
CA PHE A 61 8.44 -1.60 1.54
C PHE A 61 8.12 -3.09 1.41
N LEU A 62 8.41 -3.65 0.24
CA LEU A 62 8.16 -5.06 -0.01
C LEU A 62 9.14 -5.94 0.76
N ARG A 63 10.34 -5.42 0.99
CA ARG A 63 11.37 -6.15 1.71
C ARG A 63 10.90 -6.50 3.12
N PHE A 64 11.02 -7.78 3.49
CA PHE A 64 10.61 -8.23 4.81
C PHE A 64 11.36 -7.48 5.91
N ASP A 65 12.54 -6.97 5.57
CA ASP A 65 13.36 -6.24 6.52
C ASP A 65 13.13 -4.73 6.39
N HIS A 66 11.90 -4.35 6.08
CA HIS A 66 11.55 -2.94 5.92
C HIS A 66 10.55 -2.50 6.98
N TYR A 67 10.57 -1.22 7.30
CA TYR A 67 9.66 -0.66 8.31
C TYR A 67 8.26 -0.48 7.73
N LEU A 68 8.15 -0.59 6.42
CA LEU A 68 6.87 -0.45 5.74
C LEU A 68 6.23 -1.81 5.47
N ASN A 69 6.76 -2.83 6.12
CA ASN A 69 6.24 -4.19 5.95
C ASN A 69 4.80 -4.29 6.41
N PRO A 70 4.55 -3.88 7.67
CA PRO A 70 3.21 -3.92 8.27
C PRO A 70 2.28 -2.89 7.64
N TYR A 71 2.83 -1.73 7.29
CA TYR A 71 2.05 -0.66 6.68
C TYR A 71 1.49 -1.09 5.33
N TYR A 72 2.37 -1.55 4.45
CA TYR A 72 1.98 -1.99 3.12
C TYR A 72 1.08 -3.23 3.20
N LYS A 73 1.49 -4.19 4.01
CA LYS A 73 0.73 -5.42 4.18
C LYS A 73 -0.66 -5.13 4.74
N PHE A 74 -0.75 -4.12 5.60
CA PHE A 74 -2.02 -3.74 6.20
C PHE A 74 -2.95 -3.11 5.16
N ILE A 75 -2.48 -2.06 4.52
CA ILE A 75 -3.27 -1.37 3.49
C ILE A 75 -3.75 -2.35 2.43
N GLN A 76 -2.83 -3.14 1.90
CA GLN A 76 -3.16 -4.13 0.86
C GLN A 76 -4.19 -5.13 1.38
N LYS A 77 -3.89 -5.75 2.52
CA LYS A 77 -4.78 -6.73 3.12
C LYS A 77 -6.17 -6.14 3.33
N ALA A 78 -6.22 -4.87 3.72
CA ALA A 78 -7.48 -4.19 3.95
C ALA A 78 -8.22 -3.93 2.64
N MET A 79 -7.46 -3.63 1.59
CA MET A 79 -8.04 -3.36 0.29
C MET A 79 -8.67 -4.63 -0.30
N LYS A 80 -8.00 -5.76 -0.09
CA LYS A 80 -8.49 -7.04 -0.60
C LYS A 80 -9.56 -7.62 0.33
N GLU A 81 -9.40 -7.36 1.63
CA GLU A 81 -10.36 -7.86 2.62
C GLU A 81 -11.72 -7.18 2.46
N GLY A 82 -11.71 -5.98 1.88
CA GLY A 82 -12.95 -5.25 1.67
C GLY A 82 -13.17 -4.20 2.73
N ARG A 83 -12.10 -3.52 3.13
CA ARG A 83 -12.18 -2.47 4.15
C ARG A 83 -11.79 -1.11 3.57
N TYR A 84 -10.68 -1.09 2.84
CA TYR A 84 -10.20 0.15 2.23
C TYR A 84 -10.99 0.47 0.97
N THR A 85 -11.48 1.71 0.88
CA THR A 85 -12.25 2.15 -0.26
C THR A 85 -11.50 3.21 -1.07
N VAL A 86 -11.32 2.95 -2.36
CA VAL A 86 -10.61 3.88 -3.24
C VAL A 86 -11.48 4.30 -4.41
N LEU A 87 -11.90 5.56 -4.41
CA LEU A 87 -12.74 6.09 -5.47
C LEU A 87 -14.01 5.26 -5.63
N ALA A 88 -14.81 5.61 -6.63
CA ALA A 88 -16.05 4.88 -6.89
C ALA A 88 -15.80 3.69 -7.81
N GLU A 89 -15.45 2.55 -7.23
CA GLU A 89 -15.19 1.35 -7.99
C GLU A 89 -16.45 0.87 -8.71
N ASN A 90 -17.61 1.21 -8.15
CA ASN A 90 -18.88 0.82 -8.73
C ASN A 90 -19.02 1.34 -10.16
N LYS A 91 -19.98 0.81 -10.90
CA LYS A 91 -20.21 1.22 -12.27
C LYS A 91 -20.68 2.66 -12.33
N SER A 92 -21.42 3.09 -11.31
CA SER A 92 -21.94 4.45 -11.25
C SER A 92 -20.83 5.44 -10.91
N ASP A 93 -20.20 6.00 -11.94
CA ASP A 93 -19.12 6.96 -11.74
C ASP A 93 -19.07 7.96 -12.91
N GLU A 94 -18.17 8.93 -12.80
CA GLU A 94 -18.01 9.94 -13.83
C GLU A 94 -17.07 9.46 -14.94
N LYS A 95 -16.14 8.58 -14.57
CA LYS A 95 -15.18 8.04 -15.52
C LYS A 95 -14.34 9.14 -16.14
N LYS A 96 -13.14 9.33 -15.61
CA LYS A 96 -12.23 10.36 -16.10
C LYS A 96 -10.84 10.19 -15.49
N LYS A 97 -9.91 9.68 -16.30
CA LYS A 97 -8.53 9.47 -15.85
C LYS A 97 -7.88 10.80 -15.48
N SER A 98 -8.08 11.80 -16.33
CA SER A 98 -7.50 13.13 -16.08
C SER A 98 -6.00 13.03 -15.87
N GLY A 99 -5.29 12.59 -16.90
CA GLY A 99 -3.85 12.45 -16.81
C GLY A 99 -3.13 13.08 -17.99
N VAL A 100 -1.85 13.40 -17.81
CA VAL A 100 -1.06 14.00 -18.87
C VAL A 100 -1.08 13.16 -20.13
N SER A 101 -0.55 13.70 -21.22
CA SER A 101 -0.52 13.00 -22.49
C SER A 101 0.74 12.15 -22.60
N GLY A 1 6.34 9.35 22.65
CA GLY A 1 5.88 9.26 21.27
C GLY A 1 5.79 7.84 20.78
N SER A 2 5.24 7.66 19.58
CA SER A 2 5.09 6.33 19.00
C SER A 2 6.46 5.69 18.76
N SER A 3 7.32 6.40 18.04
CA SER A 3 8.66 5.90 17.74
C SER A 3 9.50 6.99 17.09
N GLY A 4 8.93 7.68 16.11
CA GLY A 4 9.65 8.74 15.42
C GLY A 4 8.85 10.02 15.34
N SER A 5 9.10 10.81 14.30
CA SER A 5 8.40 12.07 14.11
C SER A 5 8.37 12.46 12.63
N SER A 6 7.75 13.60 12.34
CA SER A 6 7.64 14.08 10.97
C SER A 6 7.00 13.03 10.08
N GLY A 7 6.16 12.19 10.68
CA GLY A 7 5.49 11.15 9.92
C GLY A 7 4.12 11.58 9.43
N VAL A 8 3.63 10.92 8.39
CA VAL A 8 2.32 11.23 7.83
C VAL A 8 1.44 10.00 7.74
N ALA A 9 0.16 10.17 8.03
CA ALA A 9 -0.79 9.06 8.00
C ALA A 9 -2.02 9.43 7.17
N PRO A 10 -2.71 8.40 6.65
CA PRO A 10 -3.91 8.59 5.82
C PRO A 10 -5.10 9.09 6.65
N LEU A 11 -6.27 9.16 6.01
CA LEU A 11 -7.47 9.63 6.69
C LEU A 11 -8.50 8.50 6.79
N GLY A 12 -9.07 8.35 7.98
CA GLY A 12 -10.07 7.31 8.20
C GLY A 12 -9.45 5.99 8.61
N LEU A 13 -8.42 5.57 7.90
CA LEU A 13 -7.74 4.32 8.19
C LEU A 13 -6.92 4.43 9.48
N SER A 14 -7.44 3.84 10.56
CA SER A 14 -6.75 3.88 11.84
C SER A 14 -5.69 2.78 11.93
N VAL A 15 -4.43 3.19 11.85
CA VAL A 15 -3.32 2.24 11.92
C VAL A 15 -2.76 2.16 13.32
N PRO A 16 -2.52 0.92 13.80
CA PRO A 16 -1.99 0.68 15.15
C PRO A 16 -0.52 1.10 15.27
N SER A 17 -0.07 1.28 16.50
CA SER A 17 1.31 1.69 16.75
C SER A 17 2.29 0.60 16.31
N ASP A 18 1.82 -0.65 16.32
CA ASP A 18 2.65 -1.77 15.93
C ASP A 18 3.22 -1.56 14.53
N VAL A 19 2.52 -0.79 13.71
CA VAL A 19 2.96 -0.51 12.35
C VAL A 19 3.68 0.84 12.27
N GLU A 20 4.76 0.88 11.50
CA GLU A 20 5.53 2.10 11.34
C GLU A 20 4.92 2.99 10.26
N LEU A 21 5.12 4.30 10.42
CA LEU A 21 4.59 5.26 9.45
C LEU A 21 5.59 5.52 8.33
N PRO A 22 5.08 6.04 7.20
CA PRO A 22 5.91 6.34 6.04
C PRO A 22 6.84 7.53 6.27
N PRO A 23 7.91 7.63 5.47
CA PRO A 23 8.88 8.71 5.58
C PRO A 23 8.31 10.06 5.14
N THR A 24 7.66 10.07 3.98
CA THR A 24 7.07 11.29 3.45
C THR A 24 5.82 10.98 2.62
N ALA A 25 5.09 12.03 2.25
CA ALA A 25 3.89 11.86 1.44
C ALA A 25 4.16 11.03 0.20
N LYS A 26 5.36 11.18 -0.36
CA LYS A 26 5.74 10.44 -1.55
C LYS A 26 5.64 8.94 -1.31
N MET A 27 6.49 8.44 -0.42
CA MET A 27 6.51 7.01 -0.10
C MET A 27 5.11 6.53 0.31
N HIS A 28 4.45 7.31 1.14
CA HIS A 28 3.10 6.97 1.61
C HIS A 28 2.17 6.74 0.43
N ALA A 29 2.27 7.59 -0.58
CA ALA A 29 1.43 7.47 -1.77
C ALA A 29 1.80 6.23 -2.58
N ILE A 30 3.10 6.01 -2.74
CA ILE A 30 3.59 4.85 -3.50
C ILE A 30 3.04 3.55 -2.92
N ILE A 31 3.12 3.41 -1.61
CA ILE A 31 2.63 2.21 -0.94
C ILE A 31 1.16 1.96 -1.26
N GLU A 32 0.31 2.89 -0.87
CA GLU A 32 -1.13 2.78 -1.11
C GLU A 32 -1.40 2.49 -2.59
N ARG A 33 -0.84 3.33 -3.47
CA ARG A 33 -1.02 3.16 -4.91
C ARG A 33 -0.65 1.75 -5.34
N THR A 34 0.54 1.31 -4.93
CA THR A 34 1.02 -0.02 -5.29
C THR A 34 0.07 -1.10 -4.79
N ALA A 35 -0.37 -0.95 -3.54
CA ALA A 35 -1.29 -1.92 -2.94
C ALA A 35 -2.54 -2.08 -3.79
N SER A 36 -3.16 -0.96 -4.14
CA SER A 36 -4.38 -0.98 -4.96
C SER A 36 -4.17 -1.81 -6.23
N PHE A 37 -3.02 -1.60 -6.87
CA PHE A 37 -2.70 -2.32 -8.10
C PHE A 37 -2.41 -3.79 -7.81
N VAL A 38 -1.67 -4.05 -6.75
CA VAL A 38 -1.33 -5.41 -6.36
C VAL A 38 -2.58 -6.20 -5.97
N CYS A 39 -3.61 -5.49 -5.54
CA CYS A 39 -4.86 -6.13 -5.14
C CYS A 39 -5.75 -6.37 -6.35
N ARG A 40 -5.89 -5.35 -7.20
CA ARG A 40 -6.72 -5.46 -8.39
C ARG A 40 -6.11 -6.43 -9.40
N GLN A 41 -4.80 -6.30 -9.61
CA GLN A 41 -4.10 -7.17 -10.55
C GLN A 41 -3.95 -8.58 -9.99
N GLY A 42 -3.80 -8.68 -8.68
CA GLY A 42 -3.65 -9.97 -8.04
C GLY A 42 -2.35 -10.11 -7.29
N ALA A 43 -2.26 -11.11 -6.42
CA ALA A 43 -1.06 -11.34 -5.64
C ALA A 43 0.16 -11.49 -6.54
N GLN A 44 -0.03 -12.13 -7.69
CA GLN A 44 1.06 -12.35 -8.64
C GLN A 44 1.72 -11.02 -9.01
N PHE A 45 0.96 -9.94 -8.92
CA PHE A 45 1.47 -8.62 -9.24
C PHE A 45 2.67 -8.27 -8.37
N GLU A 46 2.54 -8.49 -7.07
CA GLU A 46 3.61 -8.21 -6.13
C GLU A 46 4.90 -8.90 -6.54
N ILE A 47 4.76 -10.06 -7.17
CA ILE A 47 5.92 -10.83 -7.63
C ILE A 47 6.63 -10.13 -8.77
N MET A 48 5.91 -9.90 -9.87
CA MET A 48 6.46 -9.24 -11.04
C MET A 48 7.13 -7.91 -10.65
N LEU A 49 6.44 -7.14 -9.82
CA LEU A 49 6.96 -5.85 -9.37
C LEU A 49 8.24 -6.04 -8.55
N LYS A 50 8.15 -6.84 -7.50
CA LYS A 50 9.30 -7.11 -6.64
C LYS A 50 10.45 -7.71 -7.44
N ALA A 51 10.13 -8.31 -8.58
CA ALA A 51 11.12 -8.92 -9.44
C ALA A 51 11.77 -7.89 -10.36
N LYS A 52 10.98 -7.36 -11.29
CA LYS A 52 11.46 -6.37 -12.23
C LYS A 52 12.02 -5.14 -11.49
N GLN A 53 11.19 -4.56 -10.63
CA GLN A 53 11.61 -3.39 -9.87
C GLN A 53 12.42 -3.79 -8.64
N ALA A 54 13.51 -4.51 -8.88
CA ALA A 54 14.38 -4.95 -7.79
C ALA A 54 15.41 -3.89 -7.43
N ARG A 55 15.71 -3.02 -8.40
CA ARG A 55 16.68 -1.95 -8.17
C ARG A 55 16.00 -0.70 -7.64
N ASN A 56 14.71 -0.55 -7.95
CA ASN A 56 13.94 0.61 -7.51
C ASN A 56 14.00 0.74 -5.98
N SER A 57 13.94 1.98 -5.51
CA SER A 57 13.99 2.24 -4.07
C SER A 57 12.59 2.44 -3.51
N GLN A 58 11.72 3.08 -4.28
CA GLN A 58 10.35 3.33 -3.86
C GLN A 58 9.65 2.02 -3.48
N PHE A 59 10.12 0.91 -4.06
CA PHE A 59 9.54 -0.39 -3.80
C PHE A 59 10.33 -1.12 -2.72
N ASP A 60 10.86 -0.36 -1.77
CA ASP A 60 11.64 -0.93 -0.67
C ASP A 60 10.73 -1.46 0.44
N PHE A 61 9.49 -0.98 0.45
CA PHE A 61 8.52 -1.39 1.45
C PHE A 61 8.21 -2.89 1.31
N LEU A 62 8.57 -3.46 0.18
CA LEU A 62 8.33 -4.88 -0.07
C LEU A 62 9.34 -5.74 0.68
N ARG A 63 10.52 -5.19 0.92
CA ARG A 63 11.57 -5.91 1.62
C ARG A 63 11.09 -6.36 3.00
N PHE A 64 11.27 -7.64 3.29
CA PHE A 64 10.85 -8.20 4.58
C PHE A 64 11.54 -7.49 5.74
N ASP A 65 12.71 -6.92 5.46
CA ASP A 65 13.47 -6.21 6.47
C ASP A 65 13.31 -4.70 6.32
N HIS A 66 12.08 -4.26 6.09
CA HIS A 66 11.79 -2.84 5.91
C HIS A 66 10.85 -2.34 7.01
N TYR A 67 10.72 -1.03 7.10
CA TYR A 67 9.85 -0.43 8.11
C TYR A 67 8.47 -0.14 7.53
N LEU A 68 8.15 -0.81 6.43
CA LEU A 68 6.86 -0.63 5.78
C LEU A 68 6.21 -1.98 5.49
N ASN A 69 6.86 -3.05 5.92
CA ASN A 69 6.35 -4.40 5.71
C ASN A 69 4.90 -4.52 6.17
N PRO A 70 4.67 -4.16 7.45
CA PRO A 70 3.33 -4.21 8.04
C PRO A 70 2.39 -3.15 7.47
N TYR A 71 2.93 -1.96 7.21
CA TYR A 71 2.15 -0.87 6.66
C TYR A 71 1.56 -1.24 5.30
N TYR A 72 2.44 -1.68 4.40
CA TYR A 72 2.02 -2.07 3.05
C TYR A 72 1.13 -3.30 3.10
N LYS A 73 1.57 -4.32 3.83
CA LYS A 73 0.81 -5.56 3.95
C LYS A 73 -0.58 -5.29 4.53
N PHE A 74 -0.67 -4.27 5.38
CA PHE A 74 -1.95 -3.91 6.00
C PHE A 74 -2.87 -3.24 4.99
N ILE A 75 -2.40 -2.14 4.41
CA ILE A 75 -3.18 -1.40 3.43
C ILE A 75 -3.69 -2.33 2.32
N GLN A 76 -2.83 -3.25 1.88
CA GLN A 76 -3.19 -4.19 0.83
C GLN A 76 -4.21 -5.20 1.34
N LYS A 77 -3.89 -5.86 2.45
CA LYS A 77 -4.78 -6.84 3.03
C LYS A 77 -6.16 -6.26 3.30
N ALA A 78 -6.18 -4.98 3.69
CA ALA A 78 -7.43 -4.29 3.98
C ALA A 78 -8.18 -3.95 2.70
N MET A 79 -7.44 -3.48 1.70
CA MET A 79 -8.03 -3.11 0.42
C MET A 79 -8.65 -4.33 -0.26
N LYS A 80 -8.05 -5.50 -0.03
CA LYS A 80 -8.54 -6.74 -0.63
C LYS A 80 -9.62 -7.37 0.26
N GLU A 81 -9.48 -7.20 1.57
CA GLU A 81 -10.45 -7.75 2.52
C GLU A 81 -11.77 -7.00 2.45
N GLY A 82 -11.72 -5.77 1.96
CA GLY A 82 -12.92 -4.97 1.85
C GLY A 82 -13.05 -3.97 2.99
N ARG A 83 -11.93 -3.36 3.37
CA ARG A 83 -11.93 -2.38 4.45
C ARG A 83 -11.41 -1.04 3.96
N TYR A 84 -10.35 -1.07 3.17
CA TYR A 84 -9.75 0.16 2.64
C TYR A 84 -10.28 0.45 1.23
N THR A 85 -10.62 1.71 1.00
CA THR A 85 -11.14 2.13 -0.30
C THR A 85 -10.25 3.18 -0.94
N VAL A 86 -10.18 3.18 -2.27
CA VAL A 86 -9.36 4.14 -2.99
C VAL A 86 -10.22 4.98 -3.94
N LEU A 87 -9.98 6.29 -3.95
CA LEU A 87 -10.72 7.19 -4.81
C LEU A 87 -10.28 7.05 -6.26
N ALA A 88 -10.95 7.78 -7.15
CA ALA A 88 -10.62 7.74 -8.57
C ALA A 88 -10.73 6.33 -9.12
N GLU A 89 -11.57 5.51 -8.50
CA GLU A 89 -11.76 4.13 -8.92
C GLU A 89 -12.15 4.08 -10.40
N ASN A 90 -11.80 2.97 -11.05
CA ASN A 90 -12.10 2.79 -12.46
C ASN A 90 -11.43 3.86 -13.31
N LYS A 91 -10.10 3.82 -13.36
CA LYS A 91 -9.33 4.79 -14.13
C LYS A 91 -8.78 4.16 -15.41
N SER A 92 -7.93 3.15 -15.24
CA SER A 92 -7.34 2.46 -16.38
C SER A 92 -8.40 1.78 -17.22
N ASP A 93 -8.10 1.57 -18.50
CA ASP A 93 -9.03 0.92 -19.41
C ASP A 93 -8.63 -0.52 -19.69
N GLU A 94 -9.11 -1.42 -18.84
CA GLU A 94 -8.79 -2.84 -18.98
C GLU A 94 -10.05 -3.70 -18.92
N LYS A 95 -10.15 -4.67 -19.82
CA LYS A 95 -11.30 -5.55 -19.86
C LYS A 95 -11.30 -6.52 -18.68
N LYS A 96 -12.45 -6.68 -18.05
CA LYS A 96 -12.58 -7.58 -16.91
C LYS A 96 -14.05 -7.82 -16.57
N LYS A 97 -14.34 -9.01 -16.06
CA LYS A 97 -15.70 -9.38 -15.69
C LYS A 97 -15.93 -9.18 -14.19
N SER A 98 -16.33 -7.98 -13.81
CA SER A 98 -16.59 -7.67 -12.41
C SER A 98 -17.80 -6.76 -12.27
N GLY A 99 -18.76 -6.91 -13.18
CA GLY A 99 -19.96 -6.10 -13.14
C GLY A 99 -20.00 -5.07 -14.25
N VAL A 100 -20.35 -5.52 -15.45
CA VAL A 100 -20.44 -4.63 -16.60
C VAL A 100 -21.55 -3.60 -16.43
N SER A 101 -22.57 -3.96 -15.65
CA SER A 101 -23.70 -3.08 -15.41
C SER A 101 -23.69 -2.57 -13.98
N GLY A 1 13.81 26.65 15.18
CA GLY A 1 13.52 25.40 15.85
C GLY A 1 13.05 24.32 14.90
N SER A 2 12.14 23.48 15.36
CA SER A 2 11.62 22.39 14.54
C SER A 2 10.09 22.44 14.47
N SER A 3 9.56 22.42 13.26
CA SER A 3 8.12 22.47 13.05
C SER A 3 7.69 21.45 12.00
N GLY A 4 6.93 20.44 12.44
CA GLY A 4 6.47 19.41 11.53
C GLY A 4 5.93 18.19 12.25
N SER A 5 5.72 17.11 11.51
CA SER A 5 5.20 15.88 12.10
C SER A 5 6.23 14.75 11.95
N SER A 6 6.10 13.73 12.81
CA SER A 6 7.01 12.60 12.78
C SER A 6 6.33 11.38 12.16
N GLY A 7 5.72 11.58 11.00
CA GLY A 7 5.05 10.49 10.32
C GLY A 7 3.66 10.88 9.84
N VAL A 8 3.46 10.85 8.53
CA VAL A 8 2.17 11.20 7.94
C VAL A 8 1.27 9.98 7.84
N ALA A 9 -0.02 10.17 8.09
CA ALA A 9 -0.99 9.08 8.02
C ALA A 9 -2.19 9.48 7.17
N PRO A 10 -2.87 8.47 6.60
CA PRO A 10 -4.05 8.68 5.76
C PRO A 10 -5.25 9.17 6.55
N LEU A 11 -6.41 9.23 5.90
CA LEU A 11 -7.64 9.68 6.55
C LEU A 11 -8.65 8.54 6.64
N GLY A 12 -9.21 8.36 7.83
CA GLY A 12 -10.19 7.31 8.04
C GLY A 12 -9.57 6.02 8.52
N LEU A 13 -8.46 5.63 7.87
CA LEU A 13 -7.77 4.40 8.24
C LEU A 13 -6.99 4.57 9.54
N SER A 14 -7.50 3.98 10.60
CA SER A 14 -6.86 4.06 11.91
C SER A 14 -5.79 2.99 12.07
N VAL A 15 -4.54 3.36 11.82
CA VAL A 15 -3.43 2.43 11.94
C VAL A 15 -2.98 2.28 13.38
N PRO A 16 -2.77 1.03 13.81
CA PRO A 16 -2.33 0.72 15.19
C PRO A 16 -0.90 1.15 15.44
N SER A 17 -0.60 1.44 16.71
CA SER A 17 0.74 1.87 17.10
C SER A 17 1.78 0.84 16.69
N ASP A 18 1.36 -0.42 16.64
CA ASP A 18 2.26 -1.50 16.26
C ASP A 18 2.95 -1.21 14.93
N VAL A 19 2.16 -0.79 13.94
CA VAL A 19 2.68 -0.48 12.62
C VAL A 19 3.32 0.91 12.61
N GLU A 20 4.38 1.05 11.81
CA GLU A 20 5.08 2.33 11.71
C GLU A 20 4.53 3.15 10.54
N LEU A 21 4.66 4.46 10.65
CA LEU A 21 4.18 5.37 9.61
C LEU A 21 5.26 5.63 8.57
N PRO A 22 4.84 6.07 7.38
CA PRO A 22 5.76 6.38 6.27
C PRO A 22 6.61 7.61 6.55
N PRO A 23 7.70 7.76 5.78
CA PRO A 23 8.61 8.90 5.92
C PRO A 23 7.99 10.21 5.46
N THR A 24 7.38 10.18 4.28
CA THR A 24 6.74 11.37 3.72
C THR A 24 5.56 11.00 2.84
N ALA A 25 4.78 12.00 2.43
CA ALA A 25 3.63 11.78 1.57
C ALA A 25 4.00 10.96 0.35
N LYS A 26 5.18 11.21 -0.19
CA LYS A 26 5.66 10.49 -1.37
C LYS A 26 5.57 8.99 -1.15
N MET A 27 6.38 8.47 -0.23
CA MET A 27 6.39 7.04 0.07
C MET A 27 4.99 6.56 0.45
N HIS A 28 4.29 7.35 1.25
CA HIS A 28 2.95 7.00 1.70
C HIS A 28 2.03 6.75 0.50
N ALA A 29 2.14 7.61 -0.51
CA ALA A 29 1.33 7.47 -1.71
C ALA A 29 1.73 6.24 -2.52
N ILE A 30 3.04 6.07 -2.71
CA ILE A 30 3.55 4.93 -3.47
C ILE A 30 3.01 3.63 -2.92
N ILE A 31 3.15 3.43 -1.61
CA ILE A 31 2.67 2.22 -0.96
C ILE A 31 1.20 1.96 -1.29
N GLU A 32 0.34 2.89 -0.91
CA GLU A 32 -1.09 2.77 -1.17
C GLU A 32 -1.35 2.48 -2.65
N ARG A 33 -0.82 3.33 -3.51
CA ARG A 33 -1.00 3.17 -4.95
C ARG A 33 -0.62 1.77 -5.39
N THR A 34 0.54 1.29 -4.91
CA THR A 34 1.02 -0.04 -5.26
C THR A 34 0.07 -1.12 -4.76
N ALA A 35 -0.42 -0.94 -3.53
CA ALA A 35 -1.34 -1.90 -2.94
C ALA A 35 -2.59 -2.07 -3.80
N SER A 36 -3.17 -0.95 -4.20
CA SER A 36 -4.38 -0.96 -5.02
C SER A 36 -4.16 -1.76 -6.30
N PHE A 37 -2.97 -1.62 -6.88
CA PHE A 37 -2.62 -2.33 -8.11
C PHE A 37 -2.34 -3.80 -7.83
N VAL A 38 -1.63 -4.07 -6.74
CA VAL A 38 -1.29 -5.44 -6.36
C VAL A 38 -2.54 -6.22 -5.97
N CYS A 39 -3.58 -5.49 -5.54
CA CYS A 39 -4.83 -6.12 -5.14
C CYS A 39 -5.76 -6.31 -6.34
N ARG A 40 -5.85 -5.27 -7.17
CA ARG A 40 -6.71 -5.32 -8.36
C ARG A 40 -6.13 -6.27 -9.41
N GLN A 41 -4.83 -6.16 -9.64
CA GLN A 41 -4.16 -7.00 -10.62
C GLN A 41 -4.02 -8.44 -10.11
N GLY A 42 -3.84 -8.58 -8.80
CA GLY A 42 -3.72 -9.90 -8.21
C GLY A 42 -2.41 -10.07 -7.46
N ALA A 43 -2.31 -11.14 -6.67
CA ALA A 43 -1.11 -11.41 -5.90
C ALA A 43 0.12 -11.51 -6.81
N GLN A 44 -0.07 -12.12 -7.98
CA GLN A 44 1.02 -12.27 -8.94
C GLN A 44 1.70 -10.94 -9.21
N PHE A 45 0.93 -9.86 -9.19
CA PHE A 45 1.45 -8.53 -9.43
C PHE A 45 2.65 -8.25 -8.53
N GLU A 46 2.49 -8.48 -7.24
CA GLU A 46 3.55 -8.25 -6.27
C GLU A 46 4.84 -8.94 -6.70
N ILE A 47 4.70 -10.15 -7.25
CA ILE A 47 5.84 -10.92 -7.71
C ILE A 47 6.57 -10.21 -8.84
N MET A 48 5.83 -9.91 -9.91
CA MET A 48 6.41 -9.22 -11.06
C MET A 48 7.14 -7.96 -10.64
N LEU A 49 6.52 -7.20 -9.73
CA LEU A 49 7.11 -5.96 -9.24
C LEU A 49 8.37 -6.25 -8.42
N LYS A 50 8.22 -7.10 -7.42
CA LYS A 50 9.34 -7.46 -6.56
C LYS A 50 10.49 -8.07 -7.38
N ALA A 51 10.15 -8.58 -8.55
CA ALA A 51 11.15 -9.19 -9.43
C ALA A 51 11.79 -8.15 -10.34
N LYS A 52 10.99 -7.60 -11.25
CA LYS A 52 11.48 -6.58 -12.18
C LYS A 52 12.07 -5.40 -11.43
N GLN A 53 11.29 -4.82 -10.52
CA GLN A 53 11.75 -3.68 -9.74
C GLN A 53 12.55 -4.14 -8.52
N ALA A 54 13.63 -4.85 -8.77
CA ALA A 54 14.49 -5.35 -7.69
C ALA A 54 15.51 -4.31 -7.27
N ARG A 55 15.84 -3.40 -8.20
CA ARG A 55 16.81 -2.34 -7.91
C ARG A 55 16.11 -1.08 -7.43
N ASN A 56 14.85 -0.91 -7.81
CA ASN A 56 14.08 0.25 -7.41
C ASN A 56 14.06 0.40 -5.89
N SER A 57 13.92 1.64 -5.43
CA SER A 57 13.89 1.91 -4.00
C SER A 57 12.47 2.23 -3.54
N GLN A 58 11.68 2.83 -4.42
CA GLN A 58 10.30 3.17 -4.10
C GLN A 58 9.52 1.95 -3.66
N PHE A 59 9.96 0.78 -4.11
CA PHE A 59 9.30 -0.47 -3.77
C PHE A 59 10.09 -1.23 -2.71
N ASP A 60 10.73 -0.50 -1.81
CA ASP A 60 11.52 -1.10 -0.75
C ASP A 60 10.63 -1.67 0.34
N PHE A 61 9.39 -1.17 0.41
CA PHE A 61 8.44 -1.64 1.41
C PHE A 61 8.13 -3.11 1.21
N LEU A 62 8.45 -3.63 0.03
CA LEU A 62 8.20 -5.03 -0.29
C LEU A 62 9.20 -5.94 0.44
N ARG A 63 10.36 -5.38 0.75
CA ARG A 63 11.41 -6.14 1.44
C ARG A 63 10.96 -6.52 2.85
N PHE A 64 11.09 -7.80 3.17
CA PHE A 64 10.71 -8.30 4.49
C PHE A 64 11.50 -7.59 5.58
N ASP A 65 12.67 -7.07 5.23
CA ASP A 65 13.52 -6.37 6.19
C ASP A 65 13.29 -4.87 6.12
N HIS A 66 12.05 -4.47 5.88
CA HIS A 66 11.72 -3.06 5.78
C HIS A 66 10.71 -2.66 6.85
N TYR A 67 10.68 -1.38 7.19
CA TYR A 67 9.76 -0.87 8.21
C TYR A 67 8.36 -0.69 7.64
N LEU A 68 8.27 -0.66 6.31
CA LEU A 68 6.97 -0.50 5.64
C LEU A 68 6.34 -1.86 5.34
N ASN A 69 6.89 -2.90 5.95
CA ASN A 69 6.38 -4.26 5.75
C ASN A 69 4.93 -4.37 6.22
N PRO A 70 4.69 -3.98 7.48
CA PRO A 70 3.35 -4.02 8.08
C PRO A 70 2.41 -2.98 7.48
N TYR A 71 2.96 -1.81 7.17
CA TYR A 71 2.17 -0.74 6.59
C TYR A 71 1.58 -1.15 5.24
N TYR A 72 2.45 -1.61 4.34
CA TYR A 72 2.03 -2.04 3.02
C TYR A 72 1.14 -3.28 3.10
N LYS A 73 1.58 -4.26 3.89
CA LYS A 73 0.83 -5.49 4.06
C LYS A 73 -0.56 -5.22 4.61
N PHE A 74 -0.66 -4.19 5.45
CA PHE A 74 -1.93 -3.82 6.05
C PHE A 74 -2.86 -3.17 5.02
N ILE A 75 -2.38 -2.09 4.42
CA ILE A 75 -3.16 -1.37 3.40
C ILE A 75 -3.65 -2.33 2.31
N GLN A 76 -2.78 -3.25 1.92
CA GLN A 76 -3.12 -4.22 0.89
C GLN A 76 -4.16 -5.22 1.40
N LYS A 77 -3.83 -5.90 2.49
CA LYS A 77 -4.74 -6.88 3.08
C LYS A 77 -6.10 -6.27 3.35
N ALA A 78 -6.11 -4.99 3.73
CA ALA A 78 -7.36 -4.29 4.02
C ALA A 78 -8.11 -3.95 2.74
N MET A 79 -7.37 -3.49 1.73
CA MET A 79 -7.96 -3.13 0.45
C MET A 79 -8.59 -4.34 -0.22
N LYS A 80 -8.01 -5.51 0.01
CA LYS A 80 -8.50 -6.75 -0.57
C LYS A 80 -9.58 -7.37 0.32
N GLU A 81 -9.44 -7.20 1.63
CA GLU A 81 -10.39 -7.74 2.58
C GLU A 81 -11.72 -6.99 2.50
N GLY A 82 -11.67 -5.76 1.99
CA GLY A 82 -12.88 -4.95 1.87
C GLY A 82 -13.00 -3.93 2.99
N ARG A 83 -11.86 -3.35 3.38
CA ARG A 83 -11.86 -2.35 4.44
C ARG A 83 -11.34 -1.01 3.92
N TYR A 84 -10.23 -1.05 3.20
CA TYR A 84 -9.63 0.15 2.64
C TYR A 84 -10.12 0.40 1.22
N THR A 85 -10.54 1.63 0.96
CA THR A 85 -11.03 2.00 -0.37
C THR A 85 -10.17 3.10 -0.98
N VAL A 86 -10.12 3.13 -2.31
CA VAL A 86 -9.33 4.13 -3.03
C VAL A 86 -10.20 4.88 -4.05
N LEU A 87 -10.45 6.15 -3.79
CA LEU A 87 -11.26 6.98 -4.67
C LEU A 87 -12.62 6.34 -4.92
N ALA A 88 -13.41 6.96 -5.80
CA ALA A 88 -14.73 6.45 -6.12
C ALA A 88 -14.66 5.34 -7.17
N GLU A 89 -14.46 4.11 -6.69
CA GLU A 89 -14.37 2.95 -7.58
C GLU A 89 -15.08 1.75 -6.99
N ASN A 90 -15.87 1.07 -7.82
CA ASN A 90 -16.61 -0.10 -7.37
C ASN A 90 -15.97 -1.40 -7.90
N LYS A 91 -16.01 -2.44 -7.10
CA LYS A 91 -15.44 -3.73 -7.47
C LYS A 91 -16.49 -4.84 -7.41
N SER A 92 -17.08 -5.16 -8.55
CA SER A 92 -18.10 -6.19 -8.62
C SER A 92 -17.48 -7.58 -8.39
N ASP A 93 -17.87 -8.21 -7.29
CA ASP A 93 -17.35 -9.53 -6.94
C ASP A 93 -18.35 -10.29 -6.08
N GLU A 94 -17.99 -11.52 -5.70
CA GLU A 94 -18.84 -12.34 -4.86
C GLU A 94 -18.56 -12.11 -3.39
N LYS A 95 -19.62 -12.00 -2.59
CA LYS A 95 -19.48 -11.77 -1.16
C LYS A 95 -18.74 -10.47 -0.88
N LYS A 96 -19.46 -9.36 -0.93
CA LYS A 96 -18.88 -8.05 -0.68
C LYS A 96 -19.42 -7.43 0.60
N LYS A 97 -20.69 -7.73 0.89
CA LYS A 97 -21.34 -7.20 2.09
C LYS A 97 -20.86 -7.94 3.34
N SER A 98 -20.00 -7.28 4.11
CA SER A 98 -19.47 -7.88 5.33
C SER A 98 -20.37 -7.58 6.52
N GLY A 99 -20.75 -8.61 7.25
CA GLY A 99 -21.60 -8.43 8.41
C GLY A 99 -21.49 -9.58 9.40
N VAL A 100 -20.31 -9.73 9.99
CA VAL A 100 -20.08 -10.79 10.95
C VAL A 100 -20.68 -10.45 12.31
N SER A 101 -20.76 -9.15 12.61
CA SER A 101 -21.32 -8.69 13.87
C SER A 101 -22.63 -7.96 13.65
N GLY A 1 15.40 3.87 18.14
CA GLY A 1 14.52 4.66 17.31
C GLY A 1 14.17 5.99 17.95
N SER A 2 14.08 7.03 17.13
CA SER A 2 13.75 8.37 17.62
C SER A 2 12.42 8.36 18.37
N SER A 3 11.40 7.79 17.75
CA SER A 3 10.07 7.71 18.35
C SER A 3 9.61 9.10 18.81
N GLY A 4 9.39 9.98 17.84
CA GLY A 4 8.93 11.32 18.16
C GLY A 4 7.92 11.86 17.17
N SER A 5 7.00 10.99 16.75
CA SER A 5 5.97 11.37 15.79
C SER A 5 6.61 11.86 14.48
N SER A 6 6.87 10.92 13.58
CA SER A 6 7.47 11.26 12.29
C SER A 6 6.89 10.39 11.18
N GLY A 7 5.72 10.78 10.69
CA GLY A 7 5.08 10.02 9.62
C GLY A 7 3.68 10.52 9.33
N VAL A 8 3.21 10.28 8.11
CA VAL A 8 1.88 10.71 7.70
C VAL A 8 0.90 9.53 7.68
N ALA A 9 -0.29 9.75 8.23
CA ALA A 9 -1.31 8.71 8.28
C ALA A 9 -2.22 8.79 7.05
N PRO A 10 -2.94 7.68 6.79
CA PRO A 10 -3.86 7.60 5.65
C PRO A 10 -5.09 8.48 5.83
N LEU A 11 -6.06 8.32 4.94
CA LEU A 11 -7.28 9.10 5.00
C LEU A 11 -7.94 9.00 6.38
N GLY A 12 -8.55 7.84 6.65
CA GLY A 12 -9.19 7.63 7.92
C GLY A 12 -9.08 6.19 8.40
N LEU A 13 -8.10 5.47 7.87
CA LEU A 13 -7.88 4.08 8.25
C LEU A 13 -7.20 3.98 9.61
N SER A 14 -7.75 3.13 10.48
CA SER A 14 -7.20 2.96 11.81
C SER A 14 -6.00 2.03 11.79
N VAL A 15 -4.82 2.60 12.01
CA VAL A 15 -3.58 1.82 12.01
C VAL A 15 -3.04 1.65 13.43
N PRO A 16 -2.64 0.42 13.76
CA PRO A 16 -2.09 0.10 15.08
C PRO A 16 -0.71 0.71 15.31
N SER A 17 -0.31 0.81 16.58
CA SER A 17 0.98 1.38 16.92
C SER A 17 2.12 0.51 16.41
N ASP A 18 1.85 -0.78 16.25
CA ASP A 18 2.85 -1.72 15.76
C ASP A 18 3.35 -1.32 14.39
N VAL A 19 2.42 -1.03 13.48
CA VAL A 19 2.78 -0.63 12.12
C VAL A 19 3.48 0.72 12.11
N GLU A 20 4.57 0.80 11.36
CA GLU A 20 5.33 2.04 11.27
C GLU A 20 4.80 2.93 10.16
N LEU A 21 4.81 4.24 10.40
CA LEU A 21 4.33 5.20 9.42
C LEU A 21 5.37 5.47 8.34
N PRO A 22 4.92 5.98 7.19
CA PRO A 22 5.80 6.29 6.07
C PRO A 22 6.71 7.48 6.35
N PRO A 23 7.82 7.58 5.59
CA PRO A 23 8.78 8.68 5.74
C PRO A 23 8.23 10.01 5.29
N THR A 24 7.62 10.03 4.10
CA THR A 24 7.04 11.24 3.54
C THR A 24 5.81 10.94 2.71
N ALA A 25 5.07 11.99 2.34
CA ALA A 25 3.87 11.83 1.54
C ALA A 25 4.14 10.99 0.30
N LYS A 26 5.31 11.19 -0.30
CA LYS A 26 5.70 10.46 -1.49
C LYS A 26 5.58 8.96 -1.27
N MET A 27 6.40 8.43 -0.36
CA MET A 27 6.40 7.01 -0.05
C MET A 27 4.99 6.56 0.35
N HIS A 28 4.32 7.36 1.17
CA HIS A 28 2.98 7.04 1.63
C HIS A 28 2.06 6.76 0.45
N ALA A 29 2.17 7.57 -0.60
CA ALA A 29 1.35 7.41 -1.78
C ALA A 29 1.76 6.17 -2.58
N ILE A 30 3.06 6.01 -2.78
CA ILE A 30 3.58 4.87 -3.52
C ILE A 30 3.04 3.56 -2.96
N ILE A 31 3.12 3.39 -1.65
CA ILE A 31 2.63 2.19 -1.00
C ILE A 31 1.14 1.96 -1.32
N GLU A 32 0.31 2.90 -0.93
CA GLU A 32 -1.13 2.80 -1.18
C GLU A 32 -1.40 2.51 -2.65
N ARG A 33 -0.90 3.38 -3.53
CA ARG A 33 -1.09 3.21 -4.96
C ARG A 33 -0.69 1.81 -5.41
N THR A 34 0.46 1.35 -4.94
CA THR A 34 0.97 0.03 -5.30
C THR A 34 0.03 -1.07 -4.78
N ALA A 35 -0.42 -0.92 -3.54
CA ALA A 35 -1.32 -1.89 -2.94
C ALA A 35 -2.57 -2.08 -3.78
N SER A 36 -3.21 -0.97 -4.14
CA SER A 36 -4.42 -1.01 -4.96
C SER A 36 -4.20 -1.80 -6.23
N PHE A 37 -3.04 -1.58 -6.87
CA PHE A 37 -2.71 -2.27 -8.10
C PHE A 37 -2.41 -3.75 -7.84
N VAL A 38 -1.67 -4.01 -6.77
CA VAL A 38 -1.32 -5.38 -6.41
C VAL A 38 -2.56 -6.18 -6.02
N CYS A 39 -3.59 -5.48 -5.57
CA CYS A 39 -4.83 -6.13 -5.16
C CYS A 39 -5.73 -6.39 -6.37
N ARG A 40 -5.90 -5.38 -7.21
CA ARG A 40 -6.73 -5.49 -8.40
C ARG A 40 -6.09 -6.43 -9.42
N GLN A 41 -4.79 -6.27 -9.63
CA GLN A 41 -4.06 -7.10 -10.58
C GLN A 41 -3.88 -8.52 -10.04
N GLY A 42 -3.85 -8.65 -8.72
CA GLY A 42 -3.68 -9.95 -8.10
C GLY A 42 -2.37 -10.07 -7.36
N ALA A 43 -2.26 -11.09 -6.51
CA ALA A 43 -1.05 -11.33 -5.74
C ALA A 43 0.17 -11.44 -6.66
N GLN A 44 -0.03 -12.08 -7.81
CA GLN A 44 1.05 -12.25 -8.77
C GLN A 44 1.73 -10.92 -9.09
N PHE A 45 0.94 -9.86 -9.09
CA PHE A 45 1.45 -8.52 -9.38
C PHE A 45 2.66 -8.20 -8.50
N GLU A 46 2.51 -8.42 -7.20
CA GLU A 46 3.59 -8.15 -6.26
C GLU A 46 4.88 -8.85 -6.68
N ILE A 47 4.73 -10.07 -7.20
CA ILE A 47 5.88 -10.84 -7.65
C ILE A 47 6.59 -10.16 -8.81
N MET A 48 5.83 -9.83 -9.86
CA MET A 48 6.38 -9.16 -11.03
C MET A 48 7.11 -7.88 -10.64
N LEU A 49 6.50 -7.11 -9.74
CA LEU A 49 7.10 -5.87 -9.28
C LEU A 49 8.37 -6.12 -8.48
N LYS A 50 8.25 -6.93 -7.43
CA LYS A 50 9.40 -7.26 -6.58
C LYS A 50 10.51 -7.91 -7.41
N ALA A 51 10.13 -8.49 -8.54
CA ALA A 51 11.09 -9.14 -9.42
C ALA A 51 11.74 -8.13 -10.36
N LYS A 52 10.95 -7.59 -11.27
CA LYS A 52 11.45 -6.61 -12.24
C LYS A 52 12.08 -5.42 -11.53
N GLN A 53 11.32 -4.79 -10.64
CA GLN A 53 11.80 -3.63 -9.89
C GLN A 53 12.65 -4.08 -8.70
N ALA A 54 13.70 -4.84 -8.97
CA ALA A 54 14.58 -5.32 -7.92
C ALA A 54 15.65 -4.29 -7.58
N ARG A 55 15.95 -3.42 -8.54
CA ARG A 55 16.97 -2.38 -8.34
C ARG A 55 16.33 -1.13 -7.74
N ASN A 56 15.05 -0.92 -8.03
CA ASN A 56 14.34 0.24 -7.51
C ASN A 56 14.43 0.33 -6.00
N SER A 57 14.45 1.55 -5.48
CA SER A 57 14.55 1.76 -4.04
C SER A 57 13.17 2.10 -3.45
N GLN A 58 12.35 2.78 -4.24
CA GLN A 58 11.02 3.17 -3.79
C GLN A 58 10.20 1.94 -3.39
N PHE A 59 10.58 0.78 -3.93
CA PHE A 59 9.88 -0.46 -3.63
C PHE A 59 10.59 -1.22 -2.51
N ASP A 60 11.19 -0.48 -1.57
CA ASP A 60 11.90 -1.08 -0.46
C ASP A 60 10.92 -1.56 0.62
N PHE A 61 9.70 -1.05 0.57
CA PHE A 61 8.67 -1.41 1.54
C PHE A 61 8.31 -2.89 1.41
N LEU A 62 8.70 -3.50 0.29
CA LEU A 62 8.41 -4.90 0.05
C LEU A 62 9.39 -5.80 0.81
N ARG A 63 10.58 -5.27 1.09
CA ARG A 63 11.60 -6.02 1.81
C ARG A 63 11.08 -6.46 3.17
N PHE A 64 11.25 -7.75 3.47
CA PHE A 64 10.79 -8.30 4.74
C PHE A 64 11.47 -7.60 5.91
N ASP A 65 12.65 -7.06 5.67
CA ASP A 65 13.40 -6.35 6.70
C ASP A 65 13.26 -4.84 6.53
N HIS A 66 12.04 -4.38 6.27
CA HIS A 66 11.78 -2.96 6.09
C HIS A 66 10.83 -2.44 7.17
N TYR A 67 10.73 -1.12 7.26
CA TYR A 67 9.87 -0.49 8.26
C TYR A 67 8.49 -0.20 7.66
N LEU A 68 8.18 -0.84 6.54
CA LEU A 68 6.91 -0.65 5.87
C LEU A 68 6.24 -1.99 5.57
N ASN A 69 6.86 -3.06 6.04
CA ASN A 69 6.33 -4.41 5.84
C ASN A 69 4.87 -4.48 6.27
N PRO A 70 4.61 -4.11 7.53
CA PRO A 70 3.27 -4.13 8.10
C PRO A 70 2.36 -3.07 7.49
N TYR A 71 2.94 -1.91 7.19
CA TYR A 71 2.19 -0.81 6.59
C TYR A 71 1.60 -1.21 5.24
N TYR A 72 2.46 -1.69 4.35
CA TYR A 72 2.04 -2.10 3.02
C TYR A 72 1.14 -3.33 3.09
N LYS A 73 1.56 -4.31 3.88
CA LYS A 73 0.78 -5.54 4.04
C LYS A 73 -0.60 -5.24 4.61
N PHE A 74 -0.68 -4.21 5.43
CA PHE A 74 -1.95 -3.81 6.04
C PHE A 74 -2.87 -3.15 5.02
N ILE A 75 -2.38 -2.07 4.41
CA ILE A 75 -3.16 -1.35 3.42
C ILE A 75 -3.66 -2.28 2.31
N GLN A 76 -2.79 -3.21 1.90
CA GLN A 76 -3.15 -4.15 0.85
C GLN A 76 -4.16 -5.17 1.37
N LYS A 77 -3.81 -5.86 2.45
CA LYS A 77 -4.68 -6.86 3.04
C LYS A 77 -6.06 -6.28 3.32
N ALA A 78 -6.09 -5.01 3.72
CA ALA A 78 -7.35 -4.33 4.01
C ALA A 78 -8.10 -3.97 2.73
N MET A 79 -7.37 -3.48 1.74
CA MET A 79 -7.95 -3.10 0.46
C MET A 79 -8.55 -4.32 -0.24
N LYS A 80 -7.98 -5.49 0.02
CA LYS A 80 -8.46 -6.73 -0.58
C LYS A 80 -9.53 -7.39 0.29
N GLU A 81 -9.38 -7.24 1.60
CA GLU A 81 -10.32 -7.82 2.55
C GLU A 81 -11.68 -7.11 2.47
N GLY A 82 -11.66 -5.87 1.99
CA GLY A 82 -12.89 -5.11 1.87
C GLY A 82 -13.03 -4.08 2.97
N ARG A 83 -11.91 -3.55 3.43
CA ARG A 83 -11.92 -2.55 4.50
C ARG A 83 -11.44 -1.20 3.99
N TYR A 84 -10.36 -1.21 3.21
CA TYR A 84 -9.80 0.02 2.65
C TYR A 84 -10.25 0.22 1.21
N THR A 85 -10.49 1.47 0.84
CA THR A 85 -10.92 1.80 -0.51
C THR A 85 -10.22 3.04 -1.03
N VAL A 86 -9.92 3.06 -2.32
CA VAL A 86 -9.25 4.19 -2.94
C VAL A 86 -10.17 4.91 -3.93
N LEU A 87 -9.85 6.16 -4.22
CA LEU A 87 -10.65 6.95 -5.16
C LEU A 87 -10.72 6.28 -6.52
N ALA A 88 -11.41 6.92 -7.46
CA ALA A 88 -11.54 6.39 -8.81
C ALA A 88 -10.21 6.40 -9.53
N GLU A 89 -9.67 5.20 -9.79
CA GLU A 89 -8.39 5.08 -10.48
C GLU A 89 -8.57 5.25 -11.99
N ASN A 90 -7.45 5.30 -12.71
CA ASN A 90 -7.48 5.46 -14.15
C ASN A 90 -6.94 4.22 -14.85
N LYS A 91 -7.83 3.46 -15.48
CA LYS A 91 -7.44 2.25 -16.18
C LYS A 91 -6.36 2.54 -17.21
N SER A 92 -5.67 1.49 -17.66
CA SER A 92 -4.60 1.64 -18.64
C SER A 92 -4.88 0.79 -19.87
N ASP A 93 -6.16 0.64 -20.20
CA ASP A 93 -6.57 -0.14 -21.36
C ASP A 93 -5.96 -1.55 -21.31
N GLU A 94 -6.08 -2.19 -20.16
CA GLU A 94 -5.54 -3.53 -19.97
C GLU A 94 -4.02 -3.54 -20.14
N LYS A 95 -3.43 -4.72 -20.00
CA LYS A 95 -1.98 -4.86 -20.13
C LYS A 95 -1.62 -6.27 -20.60
N LYS A 96 -2.22 -6.71 -21.69
CA LYS A 96 -1.96 -8.04 -22.24
C LYS A 96 -2.34 -9.12 -21.24
N LYS A 97 -2.07 -10.37 -21.60
CA LYS A 97 -2.39 -11.50 -20.73
C LYS A 97 -1.52 -12.70 -21.07
N SER A 98 -0.24 -12.46 -21.33
CA SER A 98 0.69 -13.53 -21.68
C SER A 98 1.18 -14.24 -20.41
N GLY A 99 1.25 -15.56 -20.48
CA GLY A 99 1.70 -16.34 -19.35
C GLY A 99 0.88 -17.60 -19.13
N VAL A 100 1.41 -18.52 -18.34
CA VAL A 100 0.72 -19.78 -18.06
C VAL A 100 0.48 -19.95 -16.56
N SER A 101 0.18 -18.85 -15.88
CA SER A 101 -0.06 -18.88 -14.45
C SER A 101 1.13 -19.48 -13.71
N GLY A 1 18.58 13.98 6.21
CA GLY A 1 17.83 12.80 6.59
C GLY A 1 16.46 13.15 7.15
N SER A 2 16.44 13.64 8.39
CA SER A 2 15.18 14.01 9.04
C SER A 2 15.21 15.47 9.47
N SER A 3 14.09 16.16 9.26
CA SER A 3 13.98 17.57 9.61
C SER A 3 13.64 17.73 11.10
N GLY A 4 12.53 17.11 11.50
CA GLY A 4 12.11 17.19 12.90
C GLY A 4 11.48 15.90 13.38
N SER A 5 10.46 15.44 12.68
CA SER A 5 9.77 14.21 13.05
C SER A 5 9.20 13.51 11.82
N SER A 6 8.42 14.25 11.03
CA SER A 6 7.82 13.69 9.83
C SER A 6 6.86 12.57 10.17
N GLY A 7 6.27 11.95 9.14
CA GLY A 7 5.34 10.85 9.35
C GLY A 7 3.92 11.23 8.98
N VAL A 8 3.43 10.64 7.90
CA VAL A 8 2.07 10.91 7.44
C VAL A 8 1.20 9.66 7.51
N ALA A 9 -0.09 9.86 7.77
CA ALA A 9 -1.03 8.75 7.86
C ALA A 9 -2.38 9.13 7.30
N PRO A 10 -3.20 8.11 6.98
CA PRO A 10 -4.54 8.31 6.42
C PRO A 10 -5.51 8.89 7.44
N LEU A 11 -6.78 8.94 7.07
CA LEU A 11 -7.82 9.48 7.95
C LEU A 11 -8.76 8.37 8.42
N GLY A 12 -9.63 7.92 7.52
CA GLY A 12 -10.57 6.87 7.87
C GLY A 12 -9.88 5.63 8.38
N LEU A 13 -8.76 5.28 7.78
CA LEU A 13 -8.01 4.10 8.18
C LEU A 13 -7.27 4.34 9.50
N SER A 14 -7.48 3.43 10.45
CA SER A 14 -6.85 3.55 11.76
C SER A 14 -5.73 2.52 11.93
N VAL A 15 -4.49 2.99 11.88
CA VAL A 15 -3.33 2.11 12.03
C VAL A 15 -2.74 2.20 13.44
N PRO A 16 -2.45 1.03 14.03
CA PRO A 16 -1.86 0.96 15.37
C PRO A 16 -0.43 1.46 15.42
N SER A 17 0.19 1.38 16.59
CA SER A 17 1.56 1.83 16.77
C SER A 17 2.55 0.76 16.32
N ASP A 18 2.12 -0.50 16.38
CA ASP A 18 2.96 -1.62 15.98
C ASP A 18 3.47 -1.43 14.55
N VAL A 19 2.72 -0.69 13.75
CA VAL A 19 3.09 -0.44 12.36
C VAL A 19 3.83 0.89 12.24
N GLU A 20 4.94 0.88 11.50
CA GLU A 20 5.74 2.09 11.30
C GLU A 20 5.12 2.97 10.23
N LEU A 21 5.19 4.29 10.44
CA LEU A 21 4.63 5.25 9.49
C LEU A 21 5.63 5.52 8.36
N PRO A 22 5.10 6.03 7.23
CA PRO A 22 5.92 6.35 6.06
C PRO A 22 6.83 7.54 6.30
N PRO A 23 7.89 7.66 5.49
CA PRO A 23 8.86 8.75 5.58
C PRO A 23 8.26 10.09 5.16
N THR A 24 7.60 10.10 4.01
CA THR A 24 6.99 11.32 3.49
C THR A 24 5.75 11.00 2.65
N ALA A 25 5.00 12.03 2.30
CA ALA A 25 3.79 11.86 1.50
C ALA A 25 4.07 11.03 0.25
N LYS A 26 5.25 11.23 -0.34
CA LYS A 26 5.64 10.51 -1.53
C LYS A 26 5.57 9.00 -1.30
N MET A 27 6.42 8.50 -0.40
CA MET A 27 6.45 7.08 -0.08
C MET A 27 5.06 6.58 0.31
N HIS A 28 4.39 7.32 1.18
CA HIS A 28 3.06 6.95 1.63
C HIS A 28 2.12 6.73 0.45
N ALA A 29 2.23 7.59 -0.56
CA ALA A 29 1.40 7.49 -1.75
C ALA A 29 1.76 6.26 -2.57
N ILE A 30 3.07 6.04 -2.75
CA ILE A 30 3.54 4.89 -3.51
C ILE A 30 3.00 3.58 -2.95
N ILE A 31 3.10 3.43 -1.63
CA ILE A 31 2.62 2.23 -0.97
C ILE A 31 1.16 1.96 -1.31
N GLU A 32 0.28 2.86 -0.89
CA GLU A 32 -1.14 2.73 -1.15
C GLU A 32 -1.40 2.48 -2.64
N ARG A 33 -0.88 3.36 -3.48
CA ARG A 33 -1.05 3.25 -4.92
C ARG A 33 -0.65 1.85 -5.41
N THR A 34 0.45 1.34 -4.86
CA THR A 34 0.94 0.01 -5.23
C THR A 34 0.00 -1.08 -4.74
N ALA A 35 -0.45 -0.96 -3.49
CA ALA A 35 -1.36 -1.93 -2.91
C ALA A 35 -2.62 -2.10 -3.76
N SER A 36 -3.22 -0.99 -4.15
CA SER A 36 -4.43 -1.01 -4.96
C SER A 36 -4.20 -1.80 -6.24
N PHE A 37 -3.05 -1.57 -6.88
CA PHE A 37 -2.72 -2.26 -8.12
C PHE A 37 -2.41 -3.74 -7.86
N VAL A 38 -1.70 -4.00 -6.77
CA VAL A 38 -1.35 -5.37 -6.40
C VAL A 38 -2.59 -6.18 -6.02
N CYS A 39 -3.63 -5.47 -5.58
CA CYS A 39 -4.87 -6.11 -5.17
C CYS A 39 -5.77 -6.37 -6.38
N ARG A 40 -5.88 -5.36 -7.25
CA ARG A 40 -6.71 -5.47 -8.44
C ARG A 40 -6.07 -6.40 -9.46
N GLN A 41 -4.77 -6.24 -9.67
CA GLN A 41 -4.05 -7.07 -10.63
C GLN A 41 -3.88 -8.50 -10.09
N GLY A 42 -3.87 -8.63 -8.78
CA GLY A 42 -3.71 -9.94 -8.16
C GLY A 42 -2.40 -10.06 -7.40
N ALA A 43 -2.30 -11.09 -6.57
CA ALA A 43 -1.10 -11.33 -5.78
C ALA A 43 0.13 -11.44 -6.68
N GLN A 44 -0.04 -12.06 -7.84
CA GLN A 44 1.06 -12.24 -8.79
C GLN A 44 1.73 -10.90 -9.07
N PHE A 45 0.95 -9.83 -9.08
CA PHE A 45 1.47 -8.50 -9.34
C PHE A 45 2.66 -8.19 -8.44
N GLU A 46 2.49 -8.40 -7.14
CA GLU A 46 3.54 -8.15 -6.18
C GLU A 46 4.83 -8.85 -6.59
N ILE A 47 4.70 -10.05 -7.13
CA ILE A 47 5.86 -10.83 -7.57
C ILE A 47 6.58 -10.14 -8.71
N MET A 48 5.84 -9.83 -9.78
CA MET A 48 6.41 -9.18 -10.94
C MET A 48 7.13 -7.90 -10.54
N LEU A 49 6.52 -7.13 -9.65
CA LEU A 49 7.12 -5.88 -9.17
C LEU A 49 8.39 -6.15 -8.38
N LYS A 50 8.27 -6.98 -7.35
CA LYS A 50 9.40 -7.32 -6.51
C LYS A 50 10.52 -7.95 -7.33
N ALA A 51 10.17 -8.50 -8.48
CA ALA A 51 11.14 -9.13 -9.37
C ALA A 51 11.78 -8.11 -10.30
N LYS A 52 10.98 -7.56 -11.20
CA LYS A 52 11.46 -6.57 -12.15
C LYS A 52 12.08 -5.37 -11.43
N GLN A 53 11.31 -4.77 -10.53
CA GLN A 53 11.78 -3.62 -9.77
C GLN A 53 12.62 -4.06 -8.58
N ALA A 54 13.70 -4.80 -8.86
CA ALA A 54 14.58 -5.28 -7.82
C ALA A 54 15.62 -4.24 -7.44
N ARG A 55 15.91 -3.33 -8.38
CA ARG A 55 16.89 -2.28 -8.14
C ARG A 55 16.20 -1.01 -7.65
N ASN A 56 14.93 -0.85 -8.00
CA ASN A 56 14.16 0.32 -7.60
C ASN A 56 14.18 0.49 -6.09
N SER A 57 14.00 1.73 -5.62
CA SER A 57 14.01 2.03 -4.20
C SER A 57 12.60 2.34 -3.71
N GLN A 58 11.80 2.94 -4.57
CA GLN A 58 10.43 3.31 -4.22
C GLN A 58 9.66 2.08 -3.75
N PHE A 59 10.07 0.91 -4.21
CA PHE A 59 9.41 -0.34 -3.84
C PHE A 59 10.21 -1.07 -2.76
N ASP A 60 10.85 -0.31 -1.88
CA ASP A 60 11.65 -0.88 -0.81
C ASP A 60 10.74 -1.46 0.28
N PHE A 61 9.50 -0.99 0.34
CA PHE A 61 8.54 -1.45 1.33
C PHE A 61 8.24 -2.93 1.14
N LEU A 62 8.59 -3.45 -0.03
CA LEU A 62 8.35 -4.86 -0.34
C LEU A 62 9.33 -5.75 0.40
N ARG A 63 10.51 -5.21 0.70
CA ARG A 63 11.54 -5.96 1.39
C ARG A 63 11.04 -6.41 2.77
N PHE A 64 11.25 -7.69 3.07
CA PHE A 64 10.82 -8.25 4.36
C PHE A 64 11.54 -7.56 5.51
N ASP A 65 12.72 -7.01 5.24
CA ASP A 65 13.50 -6.32 6.26
C ASP A 65 13.38 -4.80 6.11
N HIS A 66 12.15 -4.34 5.89
CA HIS A 66 11.90 -2.91 5.73
C HIS A 66 10.97 -2.40 6.84
N TYR A 67 10.86 -1.08 6.94
CA TYR A 67 10.01 -0.46 7.96
C TYR A 67 8.62 -0.18 7.40
N LEU A 68 8.30 -0.81 6.27
CA LEU A 68 7.00 -0.62 5.63
C LEU A 68 6.36 -1.97 5.31
N ASN A 69 6.91 -3.03 5.89
CA ASN A 69 6.40 -4.38 5.66
C ASN A 69 4.95 -4.50 6.15
N PRO A 70 4.71 -4.14 7.41
CA PRO A 70 3.39 -4.19 8.02
C PRO A 70 2.44 -3.14 7.44
N TYR A 71 2.98 -1.96 7.16
CA TYR A 71 2.19 -0.86 6.61
C TYR A 71 1.61 -1.25 5.25
N TYR A 72 2.47 -1.68 4.34
CA TYR A 72 2.03 -2.08 3.01
C TYR A 72 1.15 -3.32 3.07
N LYS A 73 1.58 -4.32 3.83
CA LYS A 73 0.83 -5.55 3.98
C LYS A 73 -0.56 -5.28 4.56
N PHE A 74 -0.65 -4.27 5.41
CA PHE A 74 -1.92 -3.91 6.03
C PHE A 74 -2.85 -3.24 5.01
N ILE A 75 -2.38 -2.14 4.42
CA ILE A 75 -3.16 -1.41 3.43
C ILE A 75 -3.66 -2.34 2.33
N GLN A 76 -2.79 -3.26 1.91
CA GLN A 76 -3.15 -4.20 0.86
C GLN A 76 -4.18 -5.21 1.35
N LYS A 77 -3.85 -5.89 2.45
CA LYS A 77 -4.74 -6.89 3.02
C LYS A 77 -6.11 -6.28 3.31
N ALA A 78 -6.13 -5.01 3.71
CA ALA A 78 -7.37 -4.32 4.01
C ALA A 78 -8.13 -3.96 2.73
N MET A 79 -7.38 -3.49 1.73
CA MET A 79 -7.98 -3.11 0.45
C MET A 79 -8.61 -4.31 -0.23
N LYS A 80 -8.03 -5.48 -0.01
CA LYS A 80 -8.53 -6.72 -0.61
C LYS A 80 -9.60 -7.36 0.27
N GLU A 81 -9.46 -7.19 1.58
CA GLU A 81 -10.41 -7.76 2.53
C GLU A 81 -11.74 -6.99 2.47
N GLY A 82 -11.68 -5.75 1.99
CA GLY A 82 -12.88 -4.94 1.90
C GLY A 82 -12.99 -3.95 3.04
N ARG A 83 -11.88 -3.34 3.41
CA ARG A 83 -11.85 -2.37 4.50
C ARG A 83 -11.32 -1.02 4.01
N TYR A 84 -10.25 -1.06 3.23
CA TYR A 84 -9.65 0.16 2.70
C TYR A 84 -10.16 0.46 1.30
N THR A 85 -10.46 1.73 1.05
CA THR A 85 -10.96 2.15 -0.26
C THR A 85 -10.07 3.23 -0.86
N VAL A 86 -10.03 3.28 -2.20
CA VAL A 86 -9.22 4.26 -2.90
C VAL A 86 -10.08 5.10 -3.85
N LEU A 87 -9.65 6.33 -4.10
CA LEU A 87 -10.37 7.24 -4.98
C LEU A 87 -10.63 6.57 -6.33
N ALA A 88 -11.46 7.21 -7.15
CA ALA A 88 -11.80 6.68 -8.46
C ALA A 88 -10.54 6.55 -9.33
N GLU A 89 -10.08 5.31 -9.49
CA GLU A 89 -8.89 5.05 -10.30
C GLU A 89 -9.27 4.47 -11.66
N ASN A 90 -8.32 4.47 -12.58
CA ASN A 90 -8.55 3.95 -13.92
C ASN A 90 -8.81 2.45 -13.89
N LYS A 91 -9.66 1.98 -14.79
CA LYS A 91 -9.99 0.56 -14.88
C LYS A 91 -8.78 -0.25 -15.34
N SER A 92 -7.94 0.37 -16.14
CA SER A 92 -6.74 -0.31 -16.66
C SER A 92 -7.12 -1.60 -17.37
N ASP A 93 -7.36 -1.51 -18.67
CA ASP A 93 -7.73 -2.67 -19.47
C ASP A 93 -6.51 -3.23 -20.21
N GLU A 94 -6.08 -4.42 -19.81
CA GLU A 94 -4.93 -5.06 -20.44
C GLU A 94 -4.87 -6.54 -20.09
N LYS A 95 -4.40 -7.35 -21.05
CA LYS A 95 -4.30 -8.79 -20.83
C LYS A 95 -3.05 -9.34 -21.51
N LYS A 96 -1.88 -8.89 -21.06
CA LYS A 96 -0.62 -9.34 -21.63
C LYS A 96 0.42 -9.53 -20.52
N LYS A 97 0.47 -10.72 -19.95
CA LYS A 97 1.43 -11.03 -18.88
C LYS A 97 1.61 -12.54 -18.75
N SER A 98 1.74 -13.23 -19.87
CA SER A 98 1.92 -14.67 -19.87
C SER A 98 3.18 -15.06 -20.65
N GLY A 99 4.12 -15.70 -19.96
CA GLY A 99 5.35 -16.12 -20.61
C GLY A 99 6.58 -15.81 -19.77
N VAL A 100 6.97 -16.75 -18.92
CA VAL A 100 8.13 -16.57 -18.06
C VAL A 100 9.42 -16.87 -18.82
N SER A 101 9.34 -17.72 -19.83
CA SER A 101 10.49 -18.09 -20.63
C SER A 101 10.20 -17.93 -22.12
N GLY A 1 7.25 21.45 13.73
CA GLY A 1 6.12 21.24 14.62
C GLY A 1 6.52 20.57 15.91
N SER A 2 6.55 19.24 15.91
CA SER A 2 6.92 18.48 17.10
C SER A 2 8.44 18.38 17.23
N SER A 3 9.11 18.24 16.09
CA SER A 3 10.56 18.12 16.08
C SER A 3 11.01 16.86 16.81
N GLY A 4 10.54 15.71 16.33
CA GLY A 4 10.90 14.45 16.95
C GLY A 4 10.90 13.29 15.97
N SER A 5 9.71 12.72 15.73
CA SER A 5 9.58 11.60 14.82
C SER A 5 8.11 11.36 14.48
N SER A 6 7.47 12.35 13.87
CA SER A 6 6.07 12.24 13.51
C SER A 6 5.91 11.98 12.00
N GLY A 7 5.27 10.87 11.66
CA GLY A 7 5.08 10.53 10.26
C GLY A 7 3.68 10.87 9.78
N VAL A 8 3.52 10.93 8.46
CA VAL A 8 2.22 11.25 7.86
C VAL A 8 1.32 10.01 7.81
N ALA A 9 0.09 10.16 8.25
CA ALA A 9 -0.87 9.06 8.24
C ALA A 9 -2.07 9.38 7.36
N PRO A 10 -2.74 8.33 6.87
CA PRO A 10 -3.92 8.47 6.00
C PRO A 10 -5.12 9.02 6.75
N LEU A 11 -6.26 9.09 6.07
CA LEU A 11 -7.49 9.58 6.67
C LEU A 11 -8.55 8.49 6.72
N GLY A 12 -9.19 8.35 7.87
CA GLY A 12 -10.23 7.34 8.04
C GLY A 12 -9.67 6.01 8.49
N LEU A 13 -8.61 5.55 7.83
CA LEU A 13 -7.98 4.28 8.17
C LEU A 13 -7.33 4.35 9.55
N SER A 14 -7.62 3.36 10.39
CA SER A 14 -7.07 3.32 11.74
C SER A 14 -5.86 2.39 11.79
N VAL A 15 -4.75 2.90 12.33
CA VAL A 15 -3.52 2.12 12.43
C VAL A 15 -3.06 2.03 13.88
N PRO A 16 -2.68 0.82 14.32
CA PRO A 16 -2.21 0.57 15.68
C PRO A 16 -0.84 1.20 15.94
N SER A 17 -0.29 0.95 17.13
CA SER A 17 1.00 1.49 17.50
C SER A 17 2.11 0.47 17.24
N ASP A 18 1.87 -0.42 16.28
CA ASP A 18 2.85 -1.45 15.95
C ASP A 18 3.37 -1.25 14.53
N VAL A 19 2.57 -0.61 13.69
CA VAL A 19 2.94 -0.35 12.30
C VAL A 19 3.65 0.99 12.17
N GLU A 20 4.84 0.97 11.57
CA GLU A 20 5.62 2.20 11.39
C GLU A 20 4.99 3.08 10.30
N LEU A 21 5.17 4.39 10.43
CA LEU A 21 4.64 5.34 9.47
C LEU A 21 5.63 5.59 8.34
N PRO A 22 5.11 6.10 7.20
CA PRO A 22 5.94 6.40 6.03
C PRO A 22 6.86 7.60 6.26
N PRO A 23 7.91 7.69 5.45
CA PRO A 23 8.88 8.78 5.54
C PRO A 23 8.30 10.12 5.10
N THR A 24 7.64 10.12 3.94
CA THR A 24 7.03 11.33 3.40
C THR A 24 5.80 11.00 2.57
N ALA A 25 5.06 12.03 2.19
CA ALA A 25 3.86 11.86 1.38
C ALA A 25 4.14 11.01 0.14
N LYS A 26 5.32 11.18 -0.42
CA LYS A 26 5.73 10.43 -1.61
C LYS A 26 5.63 8.94 -1.37
N MET A 27 6.46 8.44 -0.45
CA MET A 27 6.47 7.02 -0.12
C MET A 27 5.08 6.54 0.29
N HIS A 28 4.42 7.32 1.13
CA HIS A 28 3.07 6.98 1.59
C HIS A 28 2.14 6.74 0.42
N ALA A 29 2.26 7.57 -0.62
CA ALA A 29 1.43 7.45 -1.81
C ALA A 29 1.80 6.20 -2.60
N ILE A 30 3.10 5.98 -2.78
CA ILE A 30 3.58 4.82 -3.52
C ILE A 30 3.02 3.52 -2.94
N ILE A 31 3.10 3.39 -1.63
CA ILE A 31 2.61 2.20 -0.95
C ILE A 31 1.14 1.95 -1.28
N GLU A 32 0.29 2.89 -0.90
CA GLU A 32 -1.15 2.78 -1.15
C GLU A 32 -1.41 2.48 -2.63
N ARG A 33 -0.89 3.35 -3.49
CA ARG A 33 -1.06 3.18 -4.94
C ARG A 33 -0.67 1.78 -5.37
N THR A 34 0.47 1.31 -4.90
CA THR A 34 0.97 -0.02 -5.24
C THR A 34 0.03 -1.11 -4.73
N ALA A 35 -0.46 -0.92 -3.50
CA ALA A 35 -1.37 -1.89 -2.90
C ALA A 35 -2.62 -2.07 -3.76
N SER A 36 -3.24 -0.97 -4.14
CA SER A 36 -4.45 -1.01 -4.95
C SER A 36 -4.20 -1.79 -6.25
N PHE A 37 -3.03 -1.60 -6.83
CA PHE A 37 -2.67 -2.28 -8.06
C PHE A 37 -2.39 -3.75 -7.82
N VAL A 38 -1.65 -4.04 -6.74
CA VAL A 38 -1.32 -5.41 -6.39
C VAL A 38 -2.56 -6.20 -6.01
N CYS A 39 -3.59 -5.49 -5.55
CA CYS A 39 -4.83 -6.12 -5.14
C CYS A 39 -5.76 -6.33 -6.34
N ARG A 40 -5.86 -5.31 -7.19
CA ARG A 40 -6.71 -5.38 -8.37
C ARG A 40 -6.11 -6.33 -9.41
N GLN A 41 -4.81 -6.20 -9.64
CA GLN A 41 -4.12 -7.05 -10.61
C GLN A 41 -3.98 -8.47 -10.09
N GLY A 42 -3.81 -8.60 -8.77
CA GLY A 42 -3.66 -9.92 -8.17
C GLY A 42 -2.36 -10.07 -7.43
N ALA A 43 -2.26 -11.11 -6.62
CA ALA A 43 -1.05 -11.37 -5.84
C ALA A 43 0.17 -11.47 -6.74
N GLN A 44 0.00 -12.09 -7.90
CA GLN A 44 1.09 -12.25 -8.86
C GLN A 44 1.76 -10.90 -9.14
N PHE A 45 0.97 -9.84 -9.13
CA PHE A 45 1.49 -8.50 -9.39
C PHE A 45 2.68 -8.21 -8.49
N GLU A 46 2.52 -8.44 -7.19
CA GLU A 46 3.59 -8.20 -6.23
C GLU A 46 4.89 -8.87 -6.68
N ILE A 47 4.75 -10.07 -7.23
CA ILE A 47 5.92 -10.82 -7.70
C ILE A 47 6.62 -10.10 -8.84
N MET A 48 5.88 -9.82 -9.91
CA MET A 48 6.42 -9.13 -11.06
C MET A 48 7.14 -7.85 -10.65
N LEU A 49 6.53 -7.11 -9.72
CA LEU A 49 7.11 -5.86 -9.24
C LEU A 49 8.36 -6.13 -8.42
N LYS A 50 8.23 -6.99 -7.42
CA LYS A 50 9.37 -7.33 -6.57
C LYS A 50 10.51 -7.92 -7.38
N ALA A 51 10.19 -8.43 -8.56
CA ALA A 51 11.19 -9.02 -9.44
C ALA A 51 11.79 -7.97 -10.38
N LYS A 52 10.97 -7.46 -11.28
CA LYS A 52 11.42 -6.44 -12.23
C LYS A 52 11.99 -5.24 -11.51
N GLN A 53 11.21 -4.68 -10.58
CA GLN A 53 11.65 -3.52 -9.82
C GLN A 53 12.47 -3.94 -8.60
N ALA A 54 13.59 -4.61 -8.86
CA ALA A 54 14.46 -5.07 -7.79
C ALA A 54 15.48 -4.01 -7.41
N ARG A 55 15.78 -3.11 -8.36
CA ARG A 55 16.73 -2.04 -8.13
C ARG A 55 16.03 -0.79 -7.60
N ASN A 56 14.74 -0.67 -7.90
CA ASN A 56 13.96 0.48 -7.45
C ASN A 56 14.05 0.64 -5.94
N SER A 57 13.83 1.86 -5.46
CA SER A 57 13.88 2.15 -4.03
C SER A 57 12.49 2.38 -3.47
N GLN A 58 11.56 2.79 -4.34
CA GLN A 58 10.19 3.05 -3.93
C GLN A 58 9.49 1.74 -3.54
N PHE A 59 9.96 0.64 -4.09
CA PHE A 59 9.38 -0.67 -3.81
C PHE A 59 10.20 -1.41 -2.76
N ASP A 60 10.78 -0.67 -1.82
CA ASP A 60 11.59 -1.25 -0.76
C ASP A 60 10.71 -1.74 0.39
N PHE A 61 9.49 -1.23 0.45
CA PHE A 61 8.56 -1.60 1.50
C PHE A 61 8.21 -3.09 1.42
N LEU A 62 8.50 -3.69 0.27
CA LEU A 62 8.23 -5.11 0.05
C LEU A 62 9.22 -5.97 0.83
N ARG A 63 10.44 -5.48 0.99
CA ARG A 63 11.47 -6.21 1.72
C ARG A 63 10.98 -6.59 3.11
N PHE A 64 11.11 -7.88 3.45
CA PHE A 64 10.67 -8.38 4.74
C PHE A 64 11.40 -7.65 5.87
N ASP A 65 12.59 -7.13 5.57
CA ASP A 65 13.37 -6.41 6.56
C ASP A 65 13.24 -4.90 6.36
N HIS A 66 12.03 -4.44 6.11
CA HIS A 66 11.78 -3.02 5.89
C HIS A 66 10.87 -2.46 6.98
N TYR A 67 10.80 -1.13 7.06
CA TYR A 67 9.97 -0.47 8.06
C TYR A 67 8.57 -0.19 7.51
N LEU A 68 8.26 -0.81 6.38
CA LEU A 68 6.96 -0.64 5.74
C LEU A 68 6.31 -1.99 5.45
N ASN A 69 6.85 -3.04 6.05
CA ASN A 69 6.31 -4.39 5.85
C ASN A 69 4.86 -4.48 6.31
N PRO A 70 4.61 -4.08 7.57
CA PRO A 70 3.27 -4.11 8.15
C PRO A 70 2.35 -3.05 7.54
N TYR A 71 2.93 -1.90 7.21
CA TYR A 71 2.15 -0.81 6.62
C TYR A 71 1.56 -1.23 5.28
N TYR A 72 2.42 -1.70 4.39
CA TYR A 72 1.98 -2.13 3.07
C TYR A 72 1.09 -3.36 3.17
N LYS A 73 1.51 -4.33 3.96
CA LYS A 73 0.75 -5.57 4.15
C LYS A 73 -0.64 -5.27 4.69
N PHE A 74 -0.74 -4.23 5.52
CA PHE A 74 -2.02 -3.84 6.11
C PHE A 74 -2.92 -3.19 5.08
N ILE A 75 -2.42 -2.12 4.45
CA ILE A 75 -3.18 -1.40 3.44
C ILE A 75 -3.66 -2.34 2.34
N GLN A 76 -2.80 -3.28 1.96
CA GLN A 76 -3.13 -4.24 0.92
C GLN A 76 -4.17 -5.24 1.41
N LYS A 77 -3.85 -5.93 2.50
CA LYS A 77 -4.76 -6.91 3.07
C LYS A 77 -6.13 -6.30 3.34
N ALA A 78 -6.14 -5.03 3.73
CA ALA A 78 -7.39 -4.32 4.02
C ALA A 78 -8.12 -3.97 2.73
N MET A 79 -7.37 -3.50 1.74
CA MET A 79 -7.95 -3.13 0.46
C MET A 79 -8.59 -4.34 -0.23
N LYS A 80 -8.01 -5.50 0.01
CA LYS A 80 -8.52 -6.74 -0.59
C LYS A 80 -9.60 -7.36 0.29
N GLU A 81 -9.46 -7.20 1.60
CA GLU A 81 -10.43 -7.74 2.55
C GLU A 81 -11.75 -6.97 2.48
N GLY A 82 -11.68 -5.74 1.99
CA GLY A 82 -12.87 -4.92 1.88
C GLY A 82 -12.98 -3.92 3.01
N ARG A 83 -11.86 -3.33 3.40
CA ARG A 83 -11.84 -2.35 4.47
C ARG A 83 -11.28 -1.02 3.99
N TYR A 84 -10.17 -1.07 3.27
CA TYR A 84 -9.53 0.13 2.74
C TYR A 84 -10.05 0.45 1.34
N THR A 85 -10.45 1.71 1.15
CA THR A 85 -10.97 2.14 -0.13
C THR A 85 -10.10 3.24 -0.74
N VAL A 86 -10.04 3.29 -2.07
CA VAL A 86 -9.24 4.28 -2.76
C VAL A 86 -10.10 5.14 -3.68
N LEU A 87 -10.08 6.45 -3.44
CA LEU A 87 -10.86 7.38 -4.25
C LEU A 87 -12.35 7.10 -4.10
N ALA A 88 -13.16 7.87 -4.83
CA ALA A 88 -14.61 7.71 -4.79
C ALA A 88 -15.10 6.82 -5.93
N GLU A 89 -14.23 5.93 -6.39
CA GLU A 89 -14.57 5.02 -7.49
C GLU A 89 -14.75 3.60 -6.98
N ASN A 90 -16.01 3.22 -6.73
CA ASN A 90 -16.32 1.87 -6.24
C ASN A 90 -17.68 1.42 -6.75
N LYS A 91 -17.88 0.10 -6.77
CA LYS A 91 -19.14 -0.47 -7.23
C LYS A 91 -20.23 -0.28 -6.20
N SER A 92 -21.44 0.04 -6.67
CA SER A 92 -22.57 0.25 -5.78
C SER A 92 -22.96 -1.04 -5.07
N ASP A 93 -23.39 -2.02 -5.85
CA ASP A 93 -23.79 -3.32 -5.31
C ASP A 93 -22.58 -4.22 -5.10
N GLU A 94 -22.23 -4.46 -3.84
CA GLU A 94 -21.08 -5.31 -3.53
C GLU A 94 -21.55 -6.62 -2.87
N LYS A 95 -21.04 -7.73 -3.39
CA LYS A 95 -21.40 -9.04 -2.86
C LYS A 95 -20.21 -9.68 -2.15
N LYS A 96 -20.08 -9.42 -0.86
CA LYS A 96 -18.99 -9.97 -0.07
C LYS A 96 -19.32 -11.39 0.39
N LYS A 97 -18.28 -12.16 0.71
CA LYS A 97 -18.45 -13.53 1.17
C LYS A 97 -17.77 -13.76 2.51
N SER A 98 -18.55 -13.71 3.58
CA SER A 98 -18.01 -13.91 4.93
C SER A 98 -17.74 -15.38 5.19
N GLY A 99 -16.46 -15.73 5.33
CA GLY A 99 -16.09 -17.11 5.60
C GLY A 99 -14.63 -17.25 6.00
N VAL A 100 -14.11 -18.47 5.91
CA VAL A 100 -12.73 -18.73 6.26
C VAL A 100 -11.77 -18.19 5.21
N SER A 101 -10.49 -18.11 5.56
CA SER A 101 -9.48 -17.61 4.64
C SER A 101 -9.82 -16.20 4.17
N GLY A 1 16.57 11.82 20.86
CA GLY A 1 16.12 13.19 20.67
C GLY A 1 15.92 13.53 19.20
N SER A 2 14.79 14.17 18.90
CA SER A 2 14.48 14.56 17.53
C SER A 2 14.54 13.35 16.60
N SER A 3 13.57 12.46 16.74
CA SER A 3 13.51 11.25 15.91
C SER A 3 12.52 11.43 14.77
N GLY A 4 12.81 12.38 13.88
CA GLY A 4 11.93 12.63 12.76
C GLY A 4 10.61 13.26 13.17
N SER A 5 9.64 12.43 13.53
CA SER A 5 8.33 12.92 13.94
C SER A 5 7.64 13.66 12.80
N SER A 6 7.66 13.06 11.62
CA SER A 6 7.04 13.66 10.44
C SER A 6 6.51 12.59 9.50
N GLY A 7 5.77 11.63 10.07
CA GLY A 7 5.22 10.55 9.27
C GLY A 7 3.73 10.75 8.99
N VAL A 8 3.36 10.71 7.71
CA VAL A 8 1.96 10.89 7.33
C VAL A 8 1.16 9.62 7.61
N ALA A 9 -0.10 9.80 8.00
CA ALA A 9 -0.98 8.68 8.29
C ALA A 9 -2.40 8.94 7.78
N PRO A 10 -3.14 7.86 7.51
CA PRO A 10 -4.52 7.94 7.02
C PRO A 10 -5.49 8.47 8.09
N LEU A 11 -6.70 8.78 7.67
CA LEU A 11 -7.72 9.29 8.58
C LEU A 11 -8.90 8.32 8.69
N GLY A 12 -9.10 7.52 7.64
CA GLY A 12 -10.19 6.57 7.64
C GLY A 12 -9.71 5.16 7.93
N LEU A 13 -8.52 5.03 8.49
CA LEU A 13 -7.95 3.73 8.82
C LEU A 13 -7.53 3.68 10.28
N SER A 14 -7.62 2.49 10.88
CA SER A 14 -7.25 2.31 12.28
C SER A 14 -6.00 1.44 12.39
N VAL A 15 -4.83 2.09 12.42
CA VAL A 15 -3.57 1.37 12.53
C VAL A 15 -3.33 0.91 13.97
N PRO A 16 -2.90 -0.36 14.11
CA PRO A 16 -2.61 -0.94 15.42
C PRO A 16 -1.37 -0.34 16.07
N SER A 17 -1.02 -0.86 17.24
CA SER A 17 0.15 -0.37 17.97
C SER A 17 1.38 -1.23 17.67
N ASP A 18 1.74 -1.31 16.39
CA ASP A 18 2.89 -2.11 15.97
C ASP A 18 3.41 -1.64 14.62
N VAL A 19 2.48 -1.34 13.70
CA VAL A 19 2.84 -0.87 12.37
C VAL A 19 3.46 0.52 12.42
N GLU A 20 4.48 0.74 11.60
CA GLU A 20 5.15 2.03 11.55
C GLU A 20 4.59 2.89 10.41
N LEU A 21 4.73 4.21 10.55
CA LEU A 21 4.24 5.14 9.55
C LEU A 21 5.31 5.42 8.50
N PRO A 22 4.88 5.90 7.32
CA PRO A 22 5.79 6.22 6.22
C PRO A 22 6.65 7.45 6.51
N PRO A 23 7.73 7.62 5.74
CA PRO A 23 8.64 8.74 5.90
C PRO A 23 8.02 10.07 5.48
N THR A 24 7.40 10.08 4.31
CA THR A 24 6.75 11.28 3.79
C THR A 24 5.57 10.94 2.91
N ALA A 25 4.79 11.96 2.55
CA ALA A 25 3.62 11.76 1.70
C ALA A 25 3.98 10.97 0.44
N LYS A 26 5.16 11.23 -0.10
CA LYS A 26 5.62 10.56 -1.30
C LYS A 26 5.57 9.03 -1.12
N MET A 27 6.38 8.52 -0.20
CA MET A 27 6.42 7.09 0.06
C MET A 27 5.03 6.57 0.42
N HIS A 28 4.31 7.33 1.25
CA HIS A 28 2.97 6.94 1.67
C HIS A 28 2.07 6.70 0.46
N ALA A 29 2.18 7.57 -0.53
CA ALA A 29 1.38 7.45 -1.74
C ALA A 29 1.80 6.25 -2.58
N ILE A 30 3.11 6.11 -2.77
CA ILE A 30 3.65 5.00 -3.54
C ILE A 30 3.16 3.66 -3.01
N ILE A 31 3.17 3.52 -1.68
CA ILE A 31 2.71 2.29 -1.04
C ILE A 31 1.25 2.00 -1.37
N GLU A 32 0.38 2.92 -0.95
CA GLU A 32 -1.05 2.78 -1.20
C GLU A 32 -1.33 2.50 -2.67
N ARG A 33 -0.81 3.36 -3.53
CA ARG A 33 -1.00 3.21 -4.97
C ARG A 33 -0.61 1.81 -5.43
N THR A 34 0.56 1.35 -5.00
CA THR A 34 1.04 0.02 -5.37
C THR A 34 0.10 -1.07 -4.85
N ALA A 35 -0.35 -0.90 -3.61
CA ALA A 35 -1.26 -1.88 -3.00
C ALA A 35 -2.51 -2.06 -3.84
N SER A 36 -3.14 -0.94 -4.22
CA SER A 36 -4.35 -0.97 -5.01
C SER A 36 -4.14 -1.80 -6.29
N PHE A 37 -2.97 -1.64 -6.90
CA PHE A 37 -2.65 -2.35 -8.13
C PHE A 37 -2.36 -3.83 -7.83
N VAL A 38 -1.66 -4.08 -6.72
CA VAL A 38 -1.33 -5.44 -6.33
C VAL A 38 -2.57 -6.22 -5.93
N CYS A 39 -3.60 -5.51 -5.52
CA CYS A 39 -4.86 -6.14 -5.11
C CYS A 39 -5.79 -6.32 -6.31
N ARG A 40 -5.87 -5.29 -7.15
CA ARG A 40 -6.72 -5.34 -8.33
C ARG A 40 -6.15 -6.29 -9.38
N GLN A 41 -4.85 -6.17 -9.62
CA GLN A 41 -4.18 -7.01 -10.61
C GLN A 41 -4.04 -8.44 -10.10
N GLY A 42 -3.85 -8.58 -8.79
CA GLY A 42 -3.72 -9.90 -8.19
C GLY A 42 -2.40 -10.07 -7.46
N ALA A 43 -2.29 -11.16 -6.70
CA ALA A 43 -1.08 -11.43 -5.94
C ALA A 43 0.14 -11.51 -6.84
N GLN A 44 -0.05 -12.09 -8.03
CA GLN A 44 1.04 -12.23 -9.00
C GLN A 44 1.72 -10.89 -9.24
N PHE A 45 0.94 -9.82 -9.21
CA PHE A 45 1.47 -8.47 -9.43
C PHE A 45 2.67 -8.20 -8.52
N GLU A 46 2.48 -8.44 -7.23
CA GLU A 46 3.54 -8.23 -6.25
C GLU A 46 4.83 -8.93 -6.68
N ILE A 47 4.68 -10.13 -7.24
CA ILE A 47 5.82 -10.91 -7.69
C ILE A 47 6.56 -10.21 -8.83
N MET A 48 5.82 -9.90 -9.89
CA MET A 48 6.40 -9.22 -11.05
C MET A 48 7.15 -7.96 -10.63
N LEU A 49 6.54 -7.19 -9.72
CA LEU A 49 7.15 -5.96 -9.23
C LEU A 49 8.40 -6.27 -8.40
N LYS A 50 8.25 -7.12 -7.40
CA LYS A 50 9.37 -7.50 -6.55
C LYS A 50 10.50 -8.12 -7.36
N ALA A 51 10.16 -8.62 -8.54
CA ALA A 51 11.15 -9.25 -9.42
C ALA A 51 11.79 -8.21 -10.34
N LYS A 52 10.99 -7.66 -11.25
CA LYS A 52 11.48 -6.65 -12.18
C LYS A 52 12.09 -5.48 -11.44
N GLN A 53 11.33 -4.89 -10.52
CA GLN A 53 11.79 -3.75 -9.74
C GLN A 53 12.63 -4.20 -8.55
N ALA A 54 13.70 -4.93 -8.83
CA ALA A 54 14.59 -5.43 -7.78
C ALA A 54 15.63 -4.39 -7.39
N ARG A 55 15.93 -3.48 -8.33
CA ARG A 55 16.91 -2.44 -8.08
C ARG A 55 16.24 -1.17 -7.58
N ASN A 56 14.96 -1.00 -7.94
CA ASN A 56 14.20 0.18 -7.53
C ASN A 56 14.23 0.34 -6.02
N SER A 57 14.04 1.57 -5.55
CA SER A 57 14.05 1.86 -4.12
C SER A 57 12.64 2.24 -3.64
N GLN A 58 11.84 2.76 -4.56
CA GLN A 58 10.48 3.17 -4.22
C GLN A 58 9.65 1.98 -3.74
N PHE A 59 10.05 0.78 -4.17
CA PHE A 59 9.34 -0.44 -3.79
C PHE A 59 10.12 -1.19 -2.72
N ASP A 60 10.80 -0.45 -1.85
CA ASP A 60 11.59 -1.05 -0.78
C ASP A 60 10.68 -1.63 0.30
N PHE A 61 9.45 -1.12 0.37
CA PHE A 61 8.50 -1.59 1.36
C PHE A 61 8.19 -3.07 1.16
N LEU A 62 8.49 -3.58 -0.04
CA LEU A 62 8.25 -4.98 -0.35
C LEU A 62 9.22 -5.88 0.39
N ARG A 63 10.42 -5.36 0.66
CA ARG A 63 11.44 -6.13 1.36
C ARG A 63 10.97 -6.52 2.75
N PHE A 64 11.12 -7.80 3.08
CA PHE A 64 10.71 -8.31 4.38
C PHE A 64 11.47 -7.62 5.51
N ASP A 65 12.65 -7.09 5.18
CA ASP A 65 13.48 -6.41 6.15
C ASP A 65 13.25 -4.90 6.11
N HIS A 66 12.01 -4.51 5.84
CA HIS A 66 11.65 -3.09 5.76
C HIS A 66 10.63 -2.73 6.84
N TYR A 67 10.57 -1.45 7.18
CA TYR A 67 9.64 -0.98 8.21
C TYR A 67 8.24 -0.81 7.62
N LEU A 68 8.15 -0.72 6.31
CA LEU A 68 6.87 -0.54 5.63
C LEU A 68 6.21 -1.90 5.37
N ASN A 69 6.86 -2.96 5.84
CA ASN A 69 6.33 -4.31 5.66
C ASN A 69 4.89 -4.42 6.15
N PRO A 70 4.68 -4.02 7.41
CA PRO A 70 3.36 -4.06 8.04
C PRO A 70 2.40 -3.02 7.45
N TYR A 71 2.94 -1.83 7.19
CA TYR A 71 2.14 -0.74 6.63
C TYR A 71 1.57 -1.13 5.27
N TYR A 72 2.44 -1.58 4.38
CA TYR A 72 2.03 -1.99 3.04
C TYR A 72 1.11 -3.21 3.10
N LYS A 73 1.54 -4.22 3.86
CA LYS A 73 0.76 -5.44 4.01
C LYS A 73 -0.61 -5.16 4.61
N PHE A 74 -0.68 -4.12 5.43
CA PHE A 74 -1.92 -3.73 6.08
C PHE A 74 -2.88 -3.08 5.08
N ILE A 75 -2.39 -2.05 4.39
CA ILE A 75 -3.19 -1.34 3.41
C ILE A 75 -3.71 -2.30 2.33
N GLN A 76 -2.85 -3.21 1.88
CA GLN A 76 -3.22 -4.18 0.86
C GLN A 76 -4.22 -5.19 1.41
N LYS A 77 -3.85 -5.83 2.52
CA LYS A 77 -4.71 -6.82 3.15
C LYS A 77 -6.11 -6.25 3.42
N ALA A 78 -6.15 -4.98 3.79
CA ALA A 78 -7.41 -4.31 4.07
C ALA A 78 -8.16 -3.96 2.78
N MET A 79 -7.41 -3.54 1.77
CA MET A 79 -8.00 -3.18 0.49
C MET A 79 -8.57 -4.41 -0.21
N LYS A 80 -8.01 -5.57 0.11
CA LYS A 80 -8.47 -6.82 -0.49
C LYS A 80 -9.52 -7.49 0.39
N GLU A 81 -9.39 -7.32 1.70
CA GLU A 81 -10.33 -7.91 2.64
C GLU A 81 -11.69 -7.22 2.57
N GLY A 82 -11.69 -5.98 2.06
CA GLY A 82 -12.93 -5.23 1.94
C GLY A 82 -13.09 -4.21 3.04
N ARG A 83 -11.99 -3.61 3.46
CA ARG A 83 -12.02 -2.61 4.53
C ARG A 83 -11.57 -1.25 4.00
N TYR A 84 -10.48 -1.24 3.25
CA TYR A 84 -9.95 0.00 2.69
C TYR A 84 -10.46 0.22 1.27
N THR A 85 -10.93 1.43 1.00
CA THR A 85 -11.46 1.77 -0.31
C THR A 85 -10.66 2.90 -0.94
N VAL A 86 -10.49 2.84 -2.26
CA VAL A 86 -9.74 3.86 -2.99
C VAL A 86 -10.63 4.58 -4.00
N LEU A 87 -10.36 5.86 -4.21
CA LEU A 87 -11.14 6.66 -5.16
C LEU A 87 -11.22 5.97 -6.51
N ALA A 88 -12.10 6.48 -7.37
CA ALA A 88 -12.27 5.91 -8.71
C ALA A 88 -10.99 6.04 -9.53
N GLU A 89 -10.44 4.90 -9.95
CA GLU A 89 -9.22 4.90 -10.74
C GLU A 89 -9.26 3.78 -11.79
N ASN A 90 -10.30 3.79 -12.62
CA ASN A 90 -10.46 2.79 -13.67
C ASN A 90 -9.86 3.28 -14.99
N LYS A 91 -9.72 2.36 -15.93
CA LYS A 91 -9.16 2.70 -17.24
C LYS A 91 -10.04 2.15 -18.36
N SER A 92 -10.28 0.84 -18.33
CA SER A 92 -11.10 0.19 -19.34
C SER A 92 -11.43 -1.24 -18.94
N ASP A 93 -12.53 -1.77 -19.49
CA ASP A 93 -12.96 -3.13 -19.19
C ASP A 93 -12.09 -4.15 -19.92
N GLU A 94 -11.57 -5.11 -19.18
CA GLU A 94 -10.73 -6.15 -19.77
C GLU A 94 -11.57 -7.14 -20.58
N LYS A 95 -10.98 -7.67 -21.65
CA LYS A 95 -11.67 -8.62 -22.51
C LYS A 95 -10.79 -9.85 -22.77
N LYS A 96 -11.35 -10.84 -23.46
CA LYS A 96 -10.63 -12.05 -23.78
C LYS A 96 -10.97 -12.53 -25.18
N LYS A 97 -12.21 -12.92 -25.40
CA LYS A 97 -12.66 -13.40 -26.70
C LYS A 97 -14.16 -13.69 -26.69
N SER A 98 -14.71 -14.02 -27.85
CA SER A 98 -16.13 -14.32 -27.98
C SER A 98 -16.34 -15.58 -28.80
N GLY A 99 -17.41 -16.31 -28.49
CA GLY A 99 -17.72 -17.53 -29.20
C GLY A 99 -17.16 -18.76 -28.52
N VAL A 100 -18.05 -19.58 -27.96
CA VAL A 100 -17.63 -20.80 -27.27
C VAL A 100 -18.33 -22.02 -27.85
N SER A 101 -19.65 -21.96 -27.94
CA SER A 101 -20.44 -23.06 -28.48
C SER A 101 -20.21 -23.22 -29.96
N GLY A 1 16.87 6.82 9.57
CA GLY A 1 17.38 7.76 10.55
C GLY A 1 16.56 9.02 10.61
N SER A 2 17.22 10.15 10.87
CA SER A 2 16.54 11.43 10.97
C SER A 2 16.29 12.02 9.58
N SER A 3 15.10 12.60 9.39
CA SER A 3 14.74 13.19 8.11
C SER A 3 13.53 14.11 8.27
N GLY A 4 12.46 13.59 8.85
CA GLY A 4 11.26 14.38 9.06
C GLY A 4 11.01 14.69 10.52
N SER A 5 9.93 14.12 11.06
CA SER A 5 9.58 14.34 12.46
C SER A 5 8.60 13.27 12.94
N SER A 6 7.38 13.31 12.41
CA SER A 6 6.35 12.35 12.79
C SER A 6 6.02 11.41 11.64
N GLY A 7 5.36 11.95 10.62
CA GLY A 7 5.00 11.15 9.46
C GLY A 7 3.67 11.57 8.86
N VAL A 8 3.25 10.86 7.81
CA VAL A 8 1.98 11.17 7.15
C VAL A 8 1.07 9.95 7.13
N ALA A 9 -0.24 10.20 7.25
CA ALA A 9 -1.22 9.13 7.26
C ALA A 9 -2.41 9.48 6.37
N PRO A 10 -3.18 8.45 5.99
CA PRO A 10 -4.37 8.62 5.13
C PRO A 10 -5.50 9.34 5.86
N LEU A 11 -6.67 9.38 5.22
CA LEU A 11 -7.84 10.03 5.81
C LEU A 11 -8.86 9.00 6.29
N GLY A 12 -9.56 8.39 5.34
CA GLY A 12 -10.56 7.39 5.69
C GLY A 12 -9.97 6.22 6.45
N LEU A 13 -8.79 5.77 6.03
CA LEU A 13 -8.13 4.66 6.68
C LEU A 13 -7.48 5.10 7.99
N SER A 14 -7.67 4.30 9.04
CA SER A 14 -7.11 4.61 10.35
C SER A 14 -6.06 3.58 10.75
N VAL A 15 -4.80 4.01 10.77
CA VAL A 15 -3.69 3.14 11.13
C VAL A 15 -3.28 3.35 12.58
N PRO A 16 -3.08 2.22 13.30
CA PRO A 16 -2.68 2.26 14.71
C PRO A 16 -1.24 2.75 14.89
N SER A 17 -0.85 2.96 16.14
CA SER A 17 0.50 3.43 16.45
C SER A 17 1.52 2.31 16.28
N ASP A 18 1.05 1.08 16.42
CA ASP A 18 1.93 -0.09 16.28
C ASP A 18 2.67 -0.05 14.94
N VAL A 19 1.91 0.06 13.86
CA VAL A 19 2.48 0.11 12.52
C VAL A 19 3.29 1.38 12.32
N GLU A 20 4.49 1.23 11.76
CA GLU A 20 5.37 2.37 11.51
C GLU A 20 4.84 3.23 10.36
N LEU A 21 4.79 4.53 10.58
CA LEU A 21 4.30 5.45 9.55
C LEU A 21 5.35 5.68 8.47
N PRO A 22 4.90 6.15 7.30
CA PRO A 22 5.79 6.41 6.16
C PRO A 22 6.70 7.62 6.41
N PRO A 23 7.78 7.72 5.62
CA PRO A 23 8.74 8.81 5.73
C PRO A 23 8.16 10.15 5.27
N THR A 24 7.52 10.14 4.10
CA THR A 24 6.92 11.35 3.54
C THR A 24 5.71 11.02 2.69
N ALA A 25 4.96 12.05 2.31
CA ALA A 25 3.77 11.86 1.48
C ALA A 25 4.09 11.02 0.25
N LYS A 26 5.28 11.20 -0.30
CA LYS A 26 5.69 10.45 -1.49
C LYS A 26 5.61 8.95 -1.24
N MET A 27 6.43 8.45 -0.32
CA MET A 27 6.45 7.04 0.00
C MET A 27 5.05 6.56 0.39
N HIS A 28 4.36 7.35 1.21
CA HIS A 28 3.02 7.00 1.65
C HIS A 28 2.10 6.72 0.46
N ALA A 29 2.22 7.55 -0.58
CA ALA A 29 1.41 7.39 -1.77
C ALA A 29 1.82 6.16 -2.56
N ILE A 30 3.14 5.97 -2.70
CA ILE A 30 3.67 4.82 -3.43
C ILE A 30 3.10 3.51 -2.87
N ILE A 31 3.19 3.35 -1.55
CA ILE A 31 2.70 2.15 -0.89
C ILE A 31 1.23 1.90 -1.23
N GLU A 32 0.37 2.84 -0.81
CA GLU A 32 -1.06 2.73 -1.07
C GLU A 32 -1.33 2.46 -2.54
N ARG A 33 -0.82 3.34 -3.40
CA ARG A 33 -0.99 3.20 -4.84
C ARG A 33 -0.61 1.80 -5.32
N THR A 34 0.55 1.33 -4.85
CA THR A 34 1.04 0.01 -5.22
C THR A 34 0.11 -1.08 -4.72
N ALA A 35 -0.34 -0.96 -3.48
CA ALA A 35 -1.23 -1.94 -2.88
C ALA A 35 -2.49 -2.11 -3.73
N SER A 36 -3.13 -1.00 -4.07
CA SER A 36 -4.34 -1.04 -4.87
C SER A 36 -4.13 -1.85 -6.15
N PHE A 37 -2.99 -1.64 -6.79
CA PHE A 37 -2.66 -2.35 -8.02
C PHE A 37 -2.35 -3.82 -7.74
N VAL A 38 -1.59 -4.06 -6.67
CA VAL A 38 -1.23 -5.42 -6.29
C VAL A 38 -2.47 -6.23 -5.92
N CYS A 39 -3.51 -5.54 -5.50
CA CYS A 39 -4.76 -6.21 -5.11
C CYS A 39 -5.63 -6.47 -6.33
N ARG A 40 -5.86 -5.42 -7.12
CA ARG A 40 -6.69 -5.54 -8.31
C ARG A 40 -6.05 -6.48 -9.33
N GLN A 41 -4.75 -6.32 -9.54
CA GLN A 41 -4.01 -7.16 -10.49
C GLN A 41 -3.84 -8.57 -9.94
N GLY A 42 -3.80 -8.69 -8.62
CA GLY A 42 -3.64 -9.99 -8.00
C GLY A 42 -2.31 -10.13 -7.28
N ALA A 43 -2.20 -11.15 -6.44
CA ALA A 43 -0.97 -11.39 -5.70
C ALA A 43 0.23 -11.50 -6.63
N GLN A 44 0.02 -12.14 -7.77
CA GLN A 44 1.10 -12.31 -8.75
C GLN A 44 1.75 -10.98 -9.08
N PHE A 45 0.95 -9.92 -9.07
CA PHE A 45 1.45 -8.58 -9.37
C PHE A 45 2.67 -8.24 -8.51
N GLU A 46 2.53 -8.45 -7.20
CA GLU A 46 3.62 -8.18 -6.27
C GLU A 46 4.91 -8.87 -6.72
N ILE A 47 4.77 -10.07 -7.25
CA ILE A 47 5.93 -10.83 -7.72
C ILE A 47 6.60 -10.14 -8.90
N MET A 48 5.82 -9.85 -9.93
CA MET A 48 6.33 -9.19 -11.12
C MET A 48 7.06 -7.90 -10.75
N LEU A 49 6.47 -7.14 -9.84
CA LEU A 49 7.06 -5.88 -9.40
C LEU A 49 8.36 -6.13 -8.64
N LYS A 50 8.28 -6.94 -7.59
CA LYS A 50 9.45 -7.25 -6.79
C LYS A 50 10.55 -7.89 -7.63
N ALA A 51 10.15 -8.46 -8.77
CA ALA A 51 11.11 -9.10 -9.67
C ALA A 51 11.70 -8.09 -10.65
N LYS A 52 10.86 -7.56 -11.53
CA LYS A 52 11.31 -6.58 -12.52
C LYS A 52 11.94 -5.37 -11.84
N GLN A 53 11.19 -4.76 -10.91
CA GLN A 53 11.68 -3.60 -10.19
C GLN A 53 12.59 -4.01 -9.03
N ALA A 54 13.64 -4.75 -9.35
CA ALA A 54 14.58 -5.21 -8.34
C ALA A 54 15.64 -4.15 -8.05
N ARG A 55 15.89 -3.28 -9.02
CA ARG A 55 16.88 -2.21 -8.87
C ARG A 55 16.25 -0.97 -8.26
N ASN A 56 14.94 -0.82 -8.43
CA ASN A 56 14.22 0.33 -7.90
C ASN A 56 14.44 0.44 -6.39
N SER A 57 14.29 1.65 -5.87
CA SER A 57 14.47 1.90 -4.44
C SER A 57 13.14 2.23 -3.77
N GLN A 58 12.27 2.92 -4.50
CA GLN A 58 10.97 3.31 -3.99
C GLN A 58 10.17 2.08 -3.55
N PHE A 59 10.52 0.93 -4.11
CA PHE A 59 9.83 -0.32 -3.78
C PHE A 59 10.60 -1.09 -2.70
N ASP A 60 11.23 -0.35 -1.79
CA ASP A 60 12.00 -0.96 -0.71
C ASP A 60 11.07 -1.41 0.41
N PHE A 61 9.85 -0.89 0.42
CA PHE A 61 8.87 -1.24 1.45
C PHE A 61 8.53 -2.73 1.39
N LEU A 62 8.87 -3.36 0.27
CA LEU A 62 8.59 -4.78 0.09
C LEU A 62 9.55 -5.63 0.93
N ARG A 63 10.74 -5.08 1.19
CA ARG A 63 11.73 -5.79 1.98
C ARG A 63 11.14 -6.28 3.30
N PHE A 64 11.32 -7.56 3.59
CA PHE A 64 10.80 -8.16 4.81
C PHE A 64 11.40 -7.47 6.04
N ASP A 65 12.57 -6.88 5.86
CA ASP A 65 13.25 -6.18 6.95
C ASP A 65 13.10 -4.67 6.82
N HIS A 66 11.95 -4.24 6.33
CA HIS A 66 11.68 -2.82 6.14
C HIS A 66 10.71 -2.31 7.22
N TYR A 67 10.61 -0.99 7.34
CA TYR A 67 9.73 -0.38 8.31
C TYR A 67 8.35 -0.12 7.72
N LEU A 68 8.10 -0.69 6.54
CA LEU A 68 6.82 -0.53 5.87
C LEU A 68 6.17 -1.89 5.59
N ASN A 69 6.81 -2.95 6.07
CA ASN A 69 6.30 -4.30 5.87
C ASN A 69 4.85 -4.41 6.33
N PRO A 70 4.60 -4.02 7.59
CA PRO A 70 3.26 -4.07 8.18
C PRO A 70 2.32 -3.02 7.57
N TYR A 71 2.87 -1.85 7.28
CA TYR A 71 2.09 -0.76 6.70
C TYR A 71 1.54 -1.16 5.33
N TYR A 72 2.44 -1.60 4.45
CA TYR A 72 2.03 -2.01 3.11
C TYR A 72 1.14 -3.24 3.16
N LYS A 73 1.55 -4.24 3.92
CA LYS A 73 0.78 -5.47 4.06
C LYS A 73 -0.61 -5.18 4.61
N PHE A 74 -0.69 -4.20 5.51
CA PHE A 74 -1.96 -3.83 6.12
C PHE A 74 -2.89 -3.19 5.09
N ILE A 75 -2.43 -2.10 4.49
CA ILE A 75 -3.21 -1.39 3.48
C ILE A 75 -3.71 -2.34 2.41
N GLN A 76 -2.81 -3.16 1.87
CA GLN A 76 -3.16 -4.11 0.83
C GLN A 76 -4.21 -5.10 1.33
N LYS A 77 -3.91 -5.75 2.46
CA LYS A 77 -4.83 -6.72 3.03
C LYS A 77 -6.21 -6.10 3.25
N ALA A 78 -6.23 -4.83 3.65
CA ALA A 78 -7.48 -4.13 3.89
C ALA A 78 -8.21 -3.84 2.57
N MET A 79 -7.44 -3.53 1.53
CA MET A 79 -8.01 -3.24 0.23
C MET A 79 -8.67 -4.48 -0.38
N LYS A 80 -8.03 -5.63 -0.18
CA LYS A 80 -8.55 -6.89 -0.70
C LYS A 80 -9.64 -7.45 0.22
N GLU A 81 -9.49 -7.20 1.51
CA GLU A 81 -10.45 -7.69 2.49
C GLU A 81 -11.79 -6.97 2.35
N GLY A 82 -11.75 -5.76 1.77
CA GLY A 82 -12.95 -4.98 1.59
C GLY A 82 -13.15 -3.94 2.67
N ARG A 83 -12.06 -3.30 3.07
CA ARG A 83 -12.11 -2.28 4.11
C ARG A 83 -11.69 -0.92 3.55
N TYR A 84 -10.58 -0.90 2.82
CA TYR A 84 -10.06 0.33 2.23
C TYR A 84 -10.85 0.70 0.98
N THR A 85 -11.31 1.94 0.92
CA THR A 85 -12.08 2.42 -0.22
C THR A 85 -11.26 3.40 -1.06
N VAL A 86 -11.15 3.12 -2.34
CA VAL A 86 -10.40 3.97 -3.25
C VAL A 86 -11.24 4.38 -4.46
N LEU A 87 -11.24 5.66 -4.78
CA LEU A 87 -12.00 6.18 -5.91
C LEU A 87 -13.49 5.88 -5.74
N ALA A 88 -14.29 6.31 -6.71
CA ALA A 88 -15.72 6.08 -6.68
C ALA A 88 -16.11 4.85 -7.48
N GLU A 89 -15.18 3.91 -7.58
CA GLU A 89 -15.42 2.67 -8.32
C GLU A 89 -15.75 1.52 -7.37
N ASN A 90 -16.82 0.79 -7.68
CA ASN A 90 -17.23 -0.34 -6.86
C ASN A 90 -17.82 -1.46 -7.72
N LYS A 91 -18.05 -2.61 -7.09
CA LYS A 91 -18.60 -3.76 -7.80
C LYS A 91 -20.10 -3.85 -7.59
N SER A 92 -20.79 -4.55 -8.50
CA SER A 92 -22.24 -4.72 -8.41
C SER A 92 -22.64 -5.25 -7.03
N ASP A 93 -22.10 -6.42 -6.68
CA ASP A 93 -22.40 -7.04 -5.41
C ASP A 93 -23.88 -7.34 -5.27
N GLU A 94 -24.27 -8.54 -5.67
CA GLU A 94 -25.67 -8.96 -5.60
C GLU A 94 -25.85 -10.14 -4.64
N LYS A 95 -25.04 -10.17 -3.59
CA LYS A 95 -25.10 -11.23 -2.60
C LYS A 95 -24.76 -10.71 -1.21
N LYS A 96 -24.83 -11.59 -0.22
CA LYS A 96 -24.52 -11.22 1.16
C LYS A 96 -23.17 -11.78 1.58
N LYS A 97 -23.04 -13.10 1.56
CA LYS A 97 -21.79 -13.75 1.94
C LYS A 97 -21.41 -13.40 3.38
N SER A 98 -21.76 -14.28 4.31
CA SER A 98 -21.46 -14.06 5.72
C SER A 98 -20.76 -15.28 6.31
N GLY A 99 -19.53 -15.07 6.78
CA GLY A 99 -18.77 -16.15 7.37
C GLY A 99 -17.97 -15.71 8.57
N VAL A 100 -17.94 -16.55 9.61
CA VAL A 100 -17.21 -16.24 10.84
C VAL A 100 -15.89 -16.99 10.89
N SER A 101 -15.85 -18.15 10.24
CA SER A 101 -14.66 -18.99 10.20
C SER A 101 -14.51 -19.69 8.87
N GLY A 1 19.75 13.25 1.68
CA GLY A 1 18.65 12.32 1.91
C GLY A 1 18.19 12.31 3.35
N SER A 2 17.07 12.96 3.62
CA SER A 2 16.53 13.03 4.96
C SER A 2 15.33 12.10 5.12
N SER A 3 15.60 10.88 5.58
CA SER A 3 14.55 9.89 5.76
C SER A 3 14.25 9.67 7.24
N GLY A 4 13.02 9.97 7.65
CA GLY A 4 12.64 9.81 9.04
C GLY A 4 12.59 11.13 9.79
N SER A 5 11.56 11.92 9.53
CA SER A 5 11.40 13.21 10.17
C SER A 5 9.95 13.44 10.58
N SER A 6 9.04 13.26 9.63
CA SER A 6 7.61 13.45 9.89
C SER A 6 6.81 12.25 9.41
N GLY A 7 5.91 11.76 10.26
CA GLY A 7 5.10 10.62 9.91
C GLY A 7 3.70 11.02 9.48
N VAL A 8 3.37 10.80 8.21
CA VAL A 8 2.06 11.14 7.68
C VAL A 8 1.16 9.91 7.59
N ALA A 9 -0.09 10.06 7.99
CA ALA A 9 -1.04 8.96 7.95
C ALA A 9 -2.21 9.28 7.02
N PRO A 10 -2.86 8.23 6.49
CA PRO A 10 -4.01 8.38 5.59
C PRO A 10 -5.24 8.91 6.31
N LEU A 11 -6.27 9.22 5.53
CA LEU A 11 -7.53 9.73 6.08
C LEU A 11 -8.63 8.70 6.01
N GLY A 12 -8.96 8.10 7.16
CA GLY A 12 -10.01 7.10 7.19
C GLY A 12 -9.57 5.84 7.93
N LEU A 13 -8.49 5.24 7.46
CA LEU A 13 -7.97 4.02 8.08
C LEU A 13 -7.08 4.36 9.28
N SER A 14 -7.38 3.75 10.43
CA SER A 14 -6.61 3.98 11.63
C SER A 14 -5.54 2.91 11.82
N VAL A 15 -4.31 3.24 11.45
CA VAL A 15 -3.20 2.30 11.58
C VAL A 15 -2.70 2.22 13.01
N PRO A 16 -2.49 0.99 13.49
CA PRO A 16 -2.01 0.75 14.86
C PRO A 16 -0.56 1.19 15.05
N SER A 17 -0.20 1.50 16.29
CA SER A 17 1.15 1.94 16.61
C SER A 17 2.17 0.86 16.24
N ASP A 18 1.72 -0.40 16.24
CA ASP A 18 2.59 -1.52 15.92
C ASP A 18 3.25 -1.32 14.56
N VAL A 19 2.59 -0.57 13.69
CA VAL A 19 3.11 -0.28 12.35
C VAL A 19 3.83 1.05 12.31
N GLU A 20 4.90 1.12 11.52
CA GLU A 20 5.68 2.34 11.38
C GLU A 20 5.15 3.21 10.24
N LEU A 21 4.93 4.49 10.53
CA LEU A 21 4.42 5.42 9.52
C LEU A 21 5.46 5.65 8.43
N PRO A 22 4.98 6.13 7.27
CA PRO A 22 5.86 6.41 6.12
C PRO A 22 6.76 7.61 6.36
N PRO A 23 7.84 7.71 5.56
CA PRO A 23 8.80 8.81 5.66
C PRO A 23 8.21 10.15 5.22
N THR A 24 7.56 10.14 4.06
CA THR A 24 6.96 11.36 3.51
C THR A 24 5.73 11.03 2.68
N ALA A 25 4.97 12.06 2.31
CA ALA A 25 3.77 11.88 1.50
C ALA A 25 4.06 11.03 0.26
N LYS A 26 5.23 11.25 -0.33
CA LYS A 26 5.63 10.51 -1.53
C LYS A 26 5.54 9.01 -1.28
N MET A 27 6.35 8.51 -0.35
CA MET A 27 6.35 7.09 -0.02
C MET A 27 4.96 6.62 0.37
N HIS A 28 4.29 7.38 1.22
CA HIS A 28 2.95 7.03 1.66
C HIS A 28 2.03 6.78 0.48
N ALA A 29 2.17 7.59 -0.57
CA ALA A 29 1.36 7.45 -1.77
C ALA A 29 1.75 6.21 -2.56
N ILE A 30 3.06 6.03 -2.75
CA ILE A 30 3.57 4.88 -3.50
C ILE A 30 3.02 3.58 -2.93
N ILE A 31 3.09 3.42 -1.62
CA ILE A 31 2.61 2.22 -0.95
C ILE A 31 1.13 1.98 -1.27
N GLU A 32 0.28 2.92 -0.89
CA GLU A 32 -1.15 2.82 -1.14
C GLU A 32 -1.42 2.52 -2.61
N ARG A 33 -0.89 3.37 -3.49
CA ARG A 33 -1.07 3.20 -4.93
C ARG A 33 -0.68 1.79 -5.37
N THR A 34 0.48 1.34 -4.91
CA THR A 34 0.99 0.01 -5.26
C THR A 34 0.04 -1.06 -4.76
N ALA A 35 -0.43 -0.93 -3.53
CA ALA A 35 -1.35 -1.90 -2.94
C ALA A 35 -2.60 -2.05 -3.79
N SER A 36 -3.20 -0.93 -4.17
CA SER A 36 -4.40 -0.94 -4.98
C SER A 36 -4.20 -1.74 -6.26
N PHE A 37 -3.03 -1.56 -6.87
CA PHE A 37 -2.70 -2.27 -8.11
C PHE A 37 -2.42 -3.74 -7.83
N VAL A 38 -1.68 -4.00 -6.76
CA VAL A 38 -1.34 -5.37 -6.38
C VAL A 38 -2.59 -6.16 -5.99
N CYS A 39 -3.62 -5.45 -5.56
CA CYS A 39 -4.88 -6.08 -5.16
C CYS A 39 -5.79 -6.29 -6.35
N ARG A 40 -5.89 -5.27 -7.20
CA ARG A 40 -6.75 -5.33 -8.38
C ARG A 40 -6.16 -6.28 -9.42
N GLN A 41 -4.85 -6.16 -9.66
CA GLN A 41 -4.17 -7.02 -10.63
C GLN A 41 -4.04 -8.44 -10.11
N GLY A 42 -3.85 -8.56 -8.79
CA GLY A 42 -3.72 -9.88 -8.19
C GLY A 42 -2.41 -10.04 -7.44
N ALA A 43 -2.30 -11.10 -6.66
CA ALA A 43 -1.09 -11.37 -5.89
C ALA A 43 0.13 -11.45 -6.81
N GLN A 44 -0.06 -12.04 -7.98
CA GLN A 44 1.04 -12.18 -8.95
C GLN A 44 1.72 -10.84 -9.20
N PHE A 45 0.94 -9.77 -9.17
CA PHE A 45 1.48 -8.43 -9.39
C PHE A 45 2.67 -8.16 -8.48
N GLU A 46 2.48 -8.39 -7.18
CA GLU A 46 3.54 -8.18 -6.21
C GLU A 46 4.82 -8.89 -6.62
N ILE A 47 4.67 -10.09 -7.18
CA ILE A 47 5.81 -10.88 -7.62
C ILE A 47 6.55 -10.18 -8.77
N MET A 48 5.81 -9.86 -9.83
CA MET A 48 6.39 -9.19 -10.99
C MET A 48 7.15 -7.94 -10.56
N LEU A 49 6.56 -7.17 -9.66
CA LEU A 49 7.18 -5.94 -9.17
C LEU A 49 8.43 -6.25 -8.37
N LYS A 50 8.29 -7.10 -7.35
CA LYS A 50 9.41 -7.47 -6.51
C LYS A 50 10.53 -8.11 -7.34
N ALA A 51 10.16 -8.63 -8.50
CA ALA A 51 11.12 -9.27 -9.39
C ALA A 51 11.79 -8.25 -10.31
N LYS A 52 11.00 -7.68 -11.22
CA LYS A 52 11.50 -6.69 -12.16
C LYS A 52 12.14 -5.51 -11.42
N GLN A 53 11.37 -4.91 -10.51
CA GLN A 53 11.85 -3.77 -9.73
C GLN A 53 12.69 -4.24 -8.55
N ALA A 54 13.74 -5.00 -8.83
CA ALA A 54 14.62 -5.51 -7.78
C ALA A 54 15.65 -4.47 -7.37
N ARG A 55 15.96 -3.55 -8.29
CA ARG A 55 16.94 -2.51 -8.03
C ARG A 55 16.25 -1.17 -7.77
N ASN A 56 14.97 -1.23 -7.42
CA ASN A 56 14.19 -0.02 -7.14
C ASN A 56 14.31 0.37 -5.67
N SER A 57 14.11 1.66 -5.40
CA SER A 57 14.21 2.18 -4.03
C SER A 57 12.82 2.53 -3.50
N GLN A 58 11.91 2.90 -4.40
CA GLN A 58 10.55 3.26 -4.00
C GLN A 58 9.78 2.02 -3.54
N PHE A 59 10.18 0.86 -4.05
CA PHE A 59 9.52 -0.39 -3.69
C PHE A 59 10.32 -1.14 -2.62
N ASP A 60 10.95 -0.39 -1.73
CA ASP A 60 11.75 -0.98 -0.66
C ASP A 60 10.85 -1.54 0.44
N PHE A 61 9.60 -1.11 0.45
CA PHE A 61 8.63 -1.56 1.45
C PHE A 61 8.33 -3.05 1.27
N LEU A 62 8.66 -3.57 0.09
CA LEU A 62 8.41 -4.98 -0.22
C LEU A 62 9.39 -5.87 0.54
N ARG A 63 10.54 -5.31 0.89
CA ARG A 63 11.57 -6.06 1.61
C ARG A 63 11.05 -6.49 2.99
N PHE A 64 11.20 -7.78 3.28
CA PHE A 64 10.75 -8.32 4.56
C PHE A 64 11.45 -7.62 5.73
N ASP A 65 12.64 -7.09 5.45
CA ASP A 65 13.41 -6.39 6.49
C ASP A 65 13.30 -4.88 6.31
N HIS A 66 12.08 -4.40 6.06
CA HIS A 66 11.84 -2.98 5.87
C HIS A 66 10.92 -2.43 6.96
N TYR A 67 10.84 -1.11 7.05
CA TYR A 67 9.99 -0.47 8.05
C TYR A 67 8.61 -0.18 7.49
N LEU A 68 8.29 -0.81 6.36
CA LEU A 68 6.99 -0.62 5.72
C LEU A 68 6.35 -1.97 5.39
N ASN A 69 6.89 -3.02 5.99
CA ASN A 69 6.36 -4.36 5.76
C ASN A 69 4.91 -4.47 6.21
N PRO A 70 4.65 -4.10 7.47
CA PRO A 70 3.31 -4.14 8.06
C PRO A 70 2.39 -3.08 7.47
N TYR A 71 2.95 -1.91 7.17
CA TYR A 71 2.18 -0.82 6.60
C TYR A 71 1.60 -1.20 5.24
N TYR A 72 2.46 -1.65 4.35
CA TYR A 72 2.05 -2.05 3.01
C TYR A 72 1.15 -3.29 3.08
N LYS A 73 1.58 -4.29 3.84
CA LYS A 73 0.82 -5.52 3.99
C LYS A 73 -0.57 -5.24 4.57
N PHE A 74 -0.66 -4.21 5.41
CA PHE A 74 -1.92 -3.83 6.02
C PHE A 74 -2.85 -3.17 5.02
N ILE A 75 -2.37 -2.09 4.41
CA ILE A 75 -3.17 -1.36 3.42
C ILE A 75 -3.67 -2.29 2.32
N GLN A 76 -2.80 -3.20 1.89
CA GLN A 76 -3.16 -4.15 0.84
C GLN A 76 -4.16 -5.19 1.36
N LYS A 77 -3.78 -5.87 2.43
CA LYS A 77 -4.65 -6.88 3.03
C LYS A 77 -6.04 -6.31 3.33
N ALA A 78 -6.07 -5.04 3.72
CA ALA A 78 -7.33 -4.38 4.04
C ALA A 78 -8.09 -4.01 2.77
N MET A 79 -7.36 -3.53 1.76
CA MET A 79 -7.97 -3.14 0.49
C MET A 79 -8.56 -4.36 -0.22
N LYS A 80 -7.99 -5.53 0.05
CA LYS A 80 -8.46 -6.77 -0.57
C LYS A 80 -9.51 -7.44 0.31
N GLU A 81 -9.36 -7.30 1.62
CA GLU A 81 -10.29 -7.89 2.57
C GLU A 81 -11.64 -7.19 2.52
N GLY A 82 -11.64 -5.95 2.03
CA GLY A 82 -12.88 -5.20 1.93
C GLY A 82 -13.03 -4.19 3.06
N ARG A 83 -11.90 -3.63 3.51
CA ARG A 83 -11.91 -2.65 4.58
C ARG A 83 -11.46 -1.28 4.08
N TYR A 84 -10.37 -1.26 3.31
CA TYR A 84 -9.85 -0.03 2.77
C TYR A 84 -10.35 0.21 1.35
N THR A 85 -10.60 1.48 1.02
CA THR A 85 -11.09 1.84 -0.31
C THR A 85 -10.33 3.04 -0.86
N VAL A 86 -10.14 3.05 -2.18
CA VAL A 86 -9.43 4.15 -2.84
C VAL A 86 -10.36 4.91 -3.79
N LEU A 87 -9.97 6.13 -4.12
CA LEU A 87 -10.76 6.96 -5.02
C LEU A 87 -10.69 6.43 -6.46
N ALA A 88 -11.38 7.11 -7.37
CA ALA A 88 -11.39 6.71 -8.77
C ALA A 88 -12.04 5.34 -8.94
N GLU A 89 -12.80 4.91 -7.94
CA GLU A 89 -13.47 3.62 -7.99
C GLU A 89 -14.41 3.45 -6.81
N ASN A 90 -15.12 4.52 -6.47
CA ASN A 90 -16.06 4.49 -5.35
C ASN A 90 -17.24 3.58 -5.66
N LYS A 91 -17.79 2.98 -4.62
CA LYS A 91 -18.93 2.07 -4.77
C LYS A 91 -19.81 2.09 -3.53
N SER A 92 -20.70 3.08 -3.44
CA SER A 92 -21.59 3.19 -2.29
C SER A 92 -22.75 4.14 -2.60
N ASP A 93 -23.73 4.18 -1.71
CA ASP A 93 -24.88 5.04 -1.88
C ASP A 93 -24.66 6.42 -1.26
N GLU A 94 -24.10 6.42 -0.05
CA GLU A 94 -23.83 7.66 0.66
C GLU A 94 -25.11 8.45 0.90
N LYS A 95 -25.82 8.12 1.97
CA LYS A 95 -27.06 8.80 2.30
C LYS A 95 -26.85 9.83 3.41
N LYS A 96 -25.80 9.63 4.20
CA LYS A 96 -25.47 10.56 5.28
C LYS A 96 -24.01 10.42 5.69
N LYS A 97 -23.12 10.54 4.71
CA LYS A 97 -21.68 10.44 4.97
C LYS A 97 -20.99 11.78 4.74
N SER A 98 -21.54 12.83 5.34
CA SER A 98 -20.98 14.17 5.20
C SER A 98 -20.93 14.59 3.74
N GLY A 99 -20.49 15.82 3.50
CA GLY A 99 -20.40 16.33 2.14
C GLY A 99 -19.28 15.69 1.35
N VAL A 100 -18.19 16.43 1.17
CA VAL A 100 -17.03 15.93 0.43
C VAL A 100 -16.28 14.87 1.24
N SER A 101 -15.18 14.39 0.68
CA SER A 101 -14.37 13.37 1.34
C SER A 101 -13.34 14.02 2.27
N GLY A 1 14.54 13.15 2.06
CA GLY A 1 15.41 13.18 3.22
C GLY A 1 14.81 13.94 4.39
N SER A 2 13.50 13.81 4.55
CA SER A 2 12.80 14.49 5.63
C SER A 2 12.15 13.48 6.58
N SER A 3 12.97 12.62 7.16
CA SER A 3 12.47 11.60 8.09
C SER A 3 12.96 11.88 9.51
N GLY A 4 12.10 11.58 10.48
CA GLY A 4 12.45 11.81 11.87
C GLY A 4 11.72 10.88 12.81
N SER A 5 10.52 11.27 13.22
CA SER A 5 9.71 10.47 14.13
C SER A 5 8.31 10.27 13.58
N SER A 6 7.54 11.36 13.49
CA SER A 6 6.19 11.29 12.97
C SER A 6 6.18 11.21 11.45
N GLY A 7 5.00 10.95 10.89
CA GLY A 7 4.88 10.84 9.44
C GLY A 7 3.47 11.14 8.95
N VAL A 8 3.24 10.93 7.66
CA VAL A 8 1.93 11.19 7.07
C VAL A 8 1.04 9.96 7.20
N ALA A 9 -0.26 10.20 7.36
CA ALA A 9 -1.23 9.11 7.48
C ALA A 9 -2.54 9.45 6.79
N PRO A 10 -3.32 8.42 6.44
CA PRO A 10 -4.61 8.59 5.78
C PRO A 10 -5.67 9.20 6.69
N LEU A 11 -6.89 9.28 6.20
CA LEU A 11 -7.99 9.85 6.98
C LEU A 11 -8.95 8.75 7.44
N GLY A 12 -9.75 8.22 6.50
CA GLY A 12 -10.69 7.18 6.84
C GLY A 12 -10.03 5.99 7.51
N LEU A 13 -8.80 5.69 7.10
CA LEU A 13 -8.06 4.58 7.67
C LEU A 13 -7.37 4.98 8.97
N SER A 14 -7.60 4.21 10.03
CA SER A 14 -6.99 4.50 11.32
C SER A 14 -5.95 3.44 11.69
N VAL A 15 -4.69 3.72 11.37
CA VAL A 15 -3.60 2.80 11.66
C VAL A 15 -3.22 2.84 13.14
N PRO A 16 -3.06 1.66 13.74
CA PRO A 16 -2.69 1.54 15.15
C PRO A 16 -1.25 1.99 15.42
N SER A 17 -0.78 1.76 16.64
CA SER A 17 0.57 2.14 17.02
C SER A 17 1.57 1.04 16.66
N ASP A 18 1.08 -0.19 16.61
CA ASP A 18 1.93 -1.34 16.28
C ASP A 18 2.64 -1.11 14.95
N VAL A 19 1.95 -0.47 14.01
CA VAL A 19 2.50 -0.20 12.69
C VAL A 19 3.17 1.17 12.65
N GLU A 20 4.23 1.28 11.85
CA GLU A 20 4.96 2.54 11.73
C GLU A 20 4.44 3.35 10.55
N LEU A 21 4.63 4.66 10.61
CA LEU A 21 4.19 5.56 9.54
C LEU A 21 5.28 5.75 8.49
N PRO A 22 4.87 6.17 7.29
CA PRO A 22 5.81 6.41 6.19
C PRO A 22 6.70 7.63 6.42
N PRO A 23 7.79 7.72 5.65
CA PRO A 23 8.73 8.84 5.76
C PRO A 23 8.14 10.15 5.26
N THR A 24 7.53 10.12 4.08
CA THR A 24 6.93 11.30 3.49
C THR A 24 5.74 10.94 2.60
N ALA A 25 5.00 11.95 2.17
CA ALA A 25 3.84 11.73 1.31
C ALA A 25 4.20 10.86 0.11
N LYS A 26 5.38 11.09 -0.44
CA LYS A 26 5.84 10.31 -1.60
C LYS A 26 5.74 8.82 -1.32
N MET A 27 6.50 8.34 -0.35
CA MET A 27 6.49 6.93 0.00
C MET A 27 5.08 6.46 0.35
N HIS A 28 4.38 7.27 1.15
CA HIS A 28 3.02 6.93 1.55
C HIS A 28 2.13 6.70 0.33
N ALA A 29 2.33 7.51 -0.70
CA ALA A 29 1.54 7.38 -1.93
C ALA A 29 1.93 6.12 -2.70
N ILE A 30 3.23 5.88 -2.81
CA ILE A 30 3.72 4.70 -3.53
C ILE A 30 3.13 3.42 -2.94
N ILE A 31 3.19 3.30 -1.62
CA ILE A 31 2.66 2.12 -0.94
C ILE A 31 1.19 1.91 -1.27
N GLU A 32 0.36 2.87 -0.88
CA GLU A 32 -1.07 2.80 -1.14
C GLU A 32 -1.35 2.53 -2.62
N ARG A 33 -0.80 3.39 -3.47
CA ARG A 33 -0.99 3.25 -4.92
C ARG A 33 -0.64 1.84 -5.38
N THR A 34 0.54 1.37 -4.99
CA THR A 34 1.00 0.03 -5.36
C THR A 34 0.04 -1.04 -4.85
N ALA A 35 -0.34 -0.93 -3.58
CA ALA A 35 -1.26 -1.88 -2.96
C ALA A 35 -2.52 -2.05 -3.81
N SER A 36 -3.16 -0.94 -4.14
CA SER A 36 -4.37 -0.96 -4.94
C SER A 36 -4.17 -1.77 -6.21
N PHE A 37 -3.09 -1.48 -6.93
CA PHE A 37 -2.79 -2.18 -8.17
C PHE A 37 -2.49 -3.65 -7.90
N VAL A 38 -1.81 -3.93 -6.80
CA VAL A 38 -1.47 -5.29 -6.42
C VAL A 38 -2.71 -6.08 -6.01
N CYS A 39 -3.74 -5.36 -5.59
CA CYS A 39 -4.98 -5.98 -5.16
C CYS A 39 -5.91 -6.23 -6.36
N ARG A 40 -5.90 -5.29 -7.30
CA ARG A 40 -6.73 -5.41 -8.49
C ARG A 40 -6.10 -6.33 -9.52
N GLN A 41 -4.76 -6.33 -9.56
CA GLN A 41 -4.03 -7.18 -10.50
C GLN A 41 -3.79 -8.57 -9.92
N GLY A 42 -3.94 -8.68 -8.60
CA GLY A 42 -3.73 -9.96 -7.94
C GLY A 42 -2.40 -10.03 -7.23
N ALA A 43 -2.24 -11.04 -6.38
CA ALA A 43 -1.01 -11.23 -5.63
C ALA A 43 0.19 -11.33 -6.57
N GLN A 44 -0.01 -11.97 -7.71
CA GLN A 44 1.06 -12.15 -8.69
C GLN A 44 1.72 -10.82 -9.02
N PHE A 45 0.93 -9.75 -9.02
CA PHE A 45 1.44 -8.42 -9.31
C PHE A 45 2.65 -8.09 -8.45
N GLU A 46 2.52 -8.31 -7.14
CA GLU A 46 3.60 -8.04 -6.21
C GLU A 46 4.88 -8.74 -6.64
N ILE A 47 4.73 -9.96 -7.16
CA ILE A 47 5.87 -10.74 -7.61
C ILE A 47 6.57 -10.06 -8.79
N MET A 48 5.81 -9.80 -9.85
CA MET A 48 6.35 -9.15 -11.03
C MET A 48 7.09 -7.86 -10.66
N LEU A 49 6.49 -7.07 -9.78
CA LEU A 49 7.08 -5.82 -9.34
C LEU A 49 8.36 -6.06 -8.54
N LYS A 50 8.23 -6.88 -7.50
CA LYS A 50 9.37 -7.20 -6.65
C LYS A 50 10.50 -7.84 -7.46
N ALA A 51 10.15 -8.41 -8.61
CA ALA A 51 11.12 -9.05 -9.48
C ALA A 51 11.77 -8.03 -10.41
N LYS A 52 10.98 -7.47 -11.32
CA LYS A 52 11.48 -6.49 -12.27
C LYS A 52 12.10 -5.29 -11.54
N GLN A 53 11.33 -4.69 -10.64
CA GLN A 53 11.81 -3.55 -9.88
C GLN A 53 12.66 -4.00 -8.70
N ALA A 54 13.72 -4.73 -8.99
CA ALA A 54 14.62 -5.23 -7.95
C ALA A 54 15.70 -4.20 -7.63
N ARG A 55 15.99 -3.33 -8.58
CA ARG A 55 17.01 -2.30 -8.40
C ARG A 55 16.39 -1.04 -7.80
N ASN A 56 15.10 -0.85 -8.04
CA ASN A 56 14.40 0.32 -7.52
C ASN A 56 14.39 0.32 -5.99
N SER A 57 14.37 1.51 -5.41
CA SER A 57 14.36 1.65 -3.96
C SER A 57 12.96 1.97 -3.45
N GLN A 58 12.16 2.61 -4.31
CA GLN A 58 10.80 2.98 -3.95
C GLN A 58 9.99 1.75 -3.53
N PHE A 59 10.41 0.59 -4.00
CA PHE A 59 9.73 -0.66 -3.66
C PHE A 59 10.46 -1.40 -2.55
N ASP A 60 11.05 -0.65 -1.63
CA ASP A 60 11.78 -1.23 -0.51
C ASP A 60 10.81 -1.69 0.58
N PHE A 61 9.61 -1.13 0.57
CA PHE A 61 8.60 -1.49 1.57
C PHE A 61 8.22 -2.96 1.45
N LEU A 62 8.55 -3.56 0.31
CA LEU A 62 8.25 -4.97 0.08
C LEU A 62 9.23 -5.87 0.82
N ARG A 63 10.44 -5.38 1.03
CA ARG A 63 11.47 -6.15 1.72
C ARG A 63 11.00 -6.53 3.12
N PHE A 64 11.13 -7.82 3.45
CA PHE A 64 10.72 -8.32 4.75
C PHE A 64 11.50 -7.63 5.87
N ASP A 65 12.66 -7.11 5.54
CA ASP A 65 13.49 -6.41 6.51
C ASP A 65 13.26 -4.90 6.47
N HIS A 66 12.01 -4.52 6.21
CA HIS A 66 11.65 -3.11 6.13
C HIS A 66 10.62 -2.74 7.19
N TYR A 67 10.53 -1.46 7.51
CA TYR A 67 9.58 -0.99 8.51
C TYR A 67 8.19 -0.82 7.91
N LEU A 68 8.13 -0.70 6.59
CA LEU A 68 6.86 -0.54 5.89
C LEU A 68 6.21 -1.90 5.62
N ASN A 69 6.86 -2.96 6.08
CA ASN A 69 6.34 -4.31 5.90
C ASN A 69 4.88 -4.41 6.35
N PRO A 70 4.63 -4.00 7.61
CA PRO A 70 3.29 -4.04 8.19
C PRO A 70 2.36 -2.99 7.56
N TYR A 71 2.93 -1.85 7.20
CA TYR A 71 2.16 -0.77 6.59
C TYR A 71 1.57 -1.21 5.25
N TYR A 72 2.43 -1.68 4.36
CA TYR A 72 2.00 -2.13 3.04
C TYR A 72 1.11 -3.37 3.15
N LYS A 73 1.55 -4.32 3.96
CA LYS A 73 0.80 -5.55 4.16
C LYS A 73 -0.59 -5.27 4.70
N PHE A 74 -0.69 -4.25 5.56
CA PHE A 74 -1.96 -3.87 6.16
C PHE A 74 -2.89 -3.24 5.11
N ILE A 75 -2.42 -2.17 4.49
CA ILE A 75 -3.20 -1.48 3.47
C ILE A 75 -3.70 -2.44 2.41
N GLN A 76 -2.80 -3.30 1.93
CA GLN A 76 -3.16 -4.28 0.90
C GLN A 76 -4.19 -5.27 1.43
N LYS A 77 -3.88 -5.90 2.56
CA LYS A 77 -4.77 -6.86 3.17
C LYS A 77 -6.16 -6.27 3.38
N ALA A 78 -6.20 -4.98 3.69
CA ALA A 78 -7.46 -4.28 3.90
C ALA A 78 -8.20 -4.07 2.59
N MET A 79 -7.46 -3.66 1.56
CA MET A 79 -8.06 -3.42 0.25
C MET A 79 -8.67 -4.69 -0.32
N LYS A 80 -8.02 -5.83 -0.07
CA LYS A 80 -8.51 -7.11 -0.54
C LYS A 80 -9.59 -7.67 0.38
N GLU A 81 -9.46 -7.38 1.66
CA GLU A 81 -10.42 -7.86 2.65
C GLU A 81 -11.75 -7.10 2.52
N GLY A 82 -11.68 -5.91 1.94
CA GLY A 82 -12.88 -5.10 1.76
C GLY A 82 -13.04 -4.05 2.85
N ARG A 83 -11.94 -3.41 3.21
CA ARG A 83 -11.96 -2.38 4.24
C ARG A 83 -11.49 -1.03 3.68
N TYR A 84 -10.39 -1.06 2.95
CA TYR A 84 -9.83 0.15 2.35
C TYR A 84 -10.32 0.33 0.92
N THR A 85 -10.87 1.51 0.64
CA THR A 85 -11.38 1.81 -0.70
C THR A 85 -10.66 3.03 -1.30
N VAL A 86 -10.44 2.99 -2.60
CA VAL A 86 -9.77 4.08 -3.30
C VAL A 86 -10.62 4.59 -4.46
N LEU A 87 -10.76 5.91 -4.53
CA LEU A 87 -11.55 6.54 -5.60
C LEU A 87 -12.99 6.06 -5.55
N ALA A 88 -13.80 6.54 -6.50
CA ALA A 88 -15.20 6.15 -6.57
C ALA A 88 -15.41 5.01 -7.57
N GLU A 89 -14.37 4.20 -7.75
CA GLU A 89 -14.44 3.08 -8.68
C GLU A 89 -14.09 1.77 -7.98
N ASN A 90 -14.99 0.80 -8.08
CA ASN A 90 -14.78 -0.50 -7.45
C ASN A 90 -14.83 -1.62 -8.49
N LYS A 91 -14.02 -2.65 -8.28
CA LYS A 91 -13.96 -3.78 -9.20
C LYS A 91 -13.54 -5.05 -8.46
N SER A 92 -14.39 -5.52 -7.55
CA SER A 92 -14.10 -6.73 -6.78
C SER A 92 -15.37 -7.54 -6.58
N ASP A 93 -15.21 -8.87 -6.58
CA ASP A 93 -16.35 -9.77 -6.39
C ASP A 93 -16.63 -9.97 -4.90
N GLU A 94 -17.72 -10.67 -4.61
CA GLU A 94 -18.11 -10.93 -3.22
C GLU A 94 -17.47 -12.22 -2.72
N LYS A 95 -16.20 -12.12 -2.31
CA LYS A 95 -15.47 -13.27 -1.81
C LYS A 95 -14.90 -12.98 -0.42
N LYS A 96 -15.02 -13.94 0.48
CA LYS A 96 -14.53 -13.81 1.84
C LYS A 96 -14.63 -15.12 2.61
N LYS A 97 -14.00 -15.18 3.77
CA LYS A 97 -14.02 -16.38 4.60
C LYS A 97 -14.72 -16.11 5.93
N SER A 98 -15.73 -16.92 6.23
CA SER A 98 -16.49 -16.76 7.46
C SER A 98 -16.21 -17.92 8.42
N GLY A 99 -16.72 -17.81 9.65
CA GLY A 99 -16.52 -18.85 10.63
C GLY A 99 -17.14 -18.51 11.97
N VAL A 100 -18.26 -19.13 12.27
CA VAL A 100 -18.96 -18.89 13.54
C VAL A 100 -19.52 -20.18 14.11
N SER A 101 -19.49 -20.30 15.44
CA SER A 101 -19.99 -21.48 16.11
C SER A 101 -19.31 -22.75 15.59
N GLY A 1 13.30 14.18 17.66
CA GLY A 1 14.24 15.28 17.64
C GLY A 1 14.02 16.21 16.45
N SER A 2 14.99 16.22 15.54
CA SER A 2 14.91 17.06 14.35
C SER A 2 15.22 16.27 13.09
N SER A 3 15.05 16.90 11.93
CA SER A 3 15.31 16.25 10.65
C SER A 3 14.57 14.92 10.56
N GLY A 4 13.28 14.95 10.82
CA GLY A 4 12.48 13.74 10.76
C GLY A 4 11.45 13.67 11.86
N SER A 5 11.04 12.46 12.22
CA SER A 5 10.04 12.26 13.27
C SER A 5 8.72 12.91 12.90
N SER A 6 8.21 12.55 11.72
CA SER A 6 6.95 13.11 11.24
C SER A 6 6.40 12.27 10.09
N GLY A 7 5.53 11.33 10.41
CA GLY A 7 4.93 10.48 9.39
C GLY A 7 3.54 10.91 9.01
N VAL A 8 3.09 10.49 7.83
CA VAL A 8 1.76 10.85 7.35
C VAL A 8 0.81 9.66 7.44
N ALA A 9 -0.39 9.90 7.96
CA ALA A 9 -1.38 8.85 8.10
C ALA A 9 -2.39 8.88 6.94
N PRO A 10 -3.10 7.76 6.75
CA PRO A 10 -4.11 7.64 5.69
C PRO A 10 -5.33 8.51 5.94
N LEU A 11 -6.35 8.35 5.10
CA LEU A 11 -7.58 9.11 5.24
C LEU A 11 -8.19 8.93 6.63
N GLY A 12 -8.78 7.77 6.86
CA GLY A 12 -9.38 7.49 8.15
C GLY A 12 -9.23 6.03 8.57
N LEU A 13 -8.27 5.35 7.96
CA LEU A 13 -8.03 3.95 8.26
C LEU A 13 -7.50 3.78 9.68
N SER A 14 -8.05 2.82 10.41
CA SER A 14 -7.62 2.56 11.78
C SER A 14 -6.34 1.75 11.81
N VAL A 15 -5.24 2.40 12.18
CA VAL A 15 -3.94 1.75 12.24
C VAL A 15 -3.58 1.40 13.68
N PRO A 16 -3.09 0.16 13.89
CA PRO A 16 -2.69 -0.32 15.22
C PRO A 16 -1.44 0.37 15.74
N SER A 17 -1.03 0.01 16.94
CA SER A 17 0.16 0.60 17.56
C SER A 17 1.37 -0.30 17.34
N ASP A 18 1.35 -1.08 16.26
CA ASP A 18 2.45 -1.98 15.95
C ASP A 18 3.08 -1.60 14.61
N VAL A 19 2.29 -1.02 13.73
CA VAL A 19 2.77 -0.60 12.42
C VAL A 19 3.37 0.80 12.47
N GLU A 20 4.39 1.03 11.65
CA GLU A 20 5.05 2.33 11.60
C GLU A 20 4.53 3.15 10.42
N LEU A 21 4.62 4.47 10.55
CA LEU A 21 4.17 5.37 9.50
C LEU A 21 5.26 5.60 8.46
N PRO A 22 4.86 6.05 7.27
CA PRO A 22 5.79 6.31 6.17
C PRO A 22 6.66 7.54 6.43
N PRO A 23 7.75 7.66 5.65
CA PRO A 23 8.69 8.79 5.78
C PRO A 23 8.08 10.11 5.33
N THR A 24 7.46 10.10 4.16
CA THR A 24 6.83 11.30 3.61
C THR A 24 5.63 10.94 2.73
N ALA A 25 4.88 11.97 2.34
CA ALA A 25 3.70 11.77 1.50
C ALA A 25 4.05 10.94 0.27
N LYS A 26 5.23 11.18 -0.28
CA LYS A 26 5.68 10.45 -1.47
C LYS A 26 5.61 8.94 -1.25
N MET A 27 6.42 8.44 -0.31
CA MET A 27 6.43 7.01 -0.01
C MET A 27 5.04 6.52 0.36
N HIS A 28 4.34 7.31 1.16
CA HIS A 28 2.99 6.96 1.60
C HIS A 28 2.08 6.70 0.40
N ALA A 29 2.18 7.55 -0.61
CA ALA A 29 1.37 7.42 -1.81
C ALA A 29 1.78 6.18 -2.61
N ILE A 30 3.09 6.01 -2.78
CA ILE A 30 3.61 4.87 -3.52
C ILE A 30 3.08 3.56 -2.97
N ILE A 31 3.13 3.42 -1.65
CA ILE A 31 2.66 2.21 -0.99
C ILE A 31 1.18 1.96 -1.30
N GLU A 32 0.33 2.89 -0.89
CA GLU A 32 -1.09 2.77 -1.13
C GLU A 32 -1.39 2.49 -2.60
N ARG A 33 -0.87 3.35 -3.47
CA ARG A 33 -1.06 3.20 -4.91
C ARG A 33 -0.68 1.79 -5.37
N THR A 34 0.50 1.34 -4.95
CA THR A 34 0.98 0.02 -5.32
C THR A 34 0.04 -1.07 -4.82
N ALA A 35 -0.39 -0.94 -3.57
CA ALA A 35 -1.30 -1.91 -2.97
C ALA A 35 -2.57 -2.07 -3.81
N SER A 36 -3.19 -0.95 -4.16
CA SER A 36 -4.41 -0.96 -4.97
C SER A 36 -4.21 -1.78 -6.25
N PHE A 37 -3.05 -1.60 -6.87
CA PHE A 37 -2.73 -2.30 -8.11
C PHE A 37 -2.43 -3.78 -7.83
N VAL A 38 -1.72 -4.03 -6.74
CA VAL A 38 -1.36 -5.39 -6.36
C VAL A 38 -2.60 -6.19 -5.97
N CYS A 39 -3.65 -5.49 -5.55
CA CYS A 39 -4.89 -6.13 -5.15
C CYS A 39 -5.82 -6.34 -6.35
N ARG A 40 -5.92 -5.30 -7.19
CA ARG A 40 -6.77 -5.36 -8.36
C ARG A 40 -6.18 -6.30 -9.41
N GLN A 41 -4.87 -6.16 -9.64
CA GLN A 41 -4.19 -7.00 -10.63
C GLN A 41 -4.04 -8.43 -10.12
N GLY A 42 -3.86 -8.58 -8.81
CA GLY A 42 -3.71 -9.89 -8.22
C GLY A 42 -2.40 -10.05 -7.48
N ALA A 43 -2.28 -11.13 -6.72
CA ALA A 43 -1.07 -11.40 -5.97
C ALA A 43 0.15 -11.47 -6.88
N GLN A 44 -0.04 -12.03 -8.07
CA GLN A 44 1.04 -12.16 -9.04
C GLN A 44 1.72 -10.81 -9.27
N PHE A 45 0.94 -9.75 -9.23
CA PHE A 45 1.47 -8.39 -9.43
C PHE A 45 2.66 -8.14 -8.52
N GLU A 46 2.47 -8.39 -7.22
CA GLU A 46 3.53 -8.17 -6.25
C GLU A 46 4.81 -8.88 -6.67
N ILE A 47 4.67 -10.08 -7.23
CA ILE A 47 5.81 -10.86 -7.68
C ILE A 47 6.55 -10.15 -8.80
N MET A 48 5.83 -9.83 -9.87
CA MET A 48 6.42 -9.13 -11.01
C MET A 48 7.16 -7.88 -10.57
N LEU A 49 6.55 -7.13 -9.65
CA LEU A 49 7.15 -5.90 -9.15
C LEU A 49 8.38 -6.21 -8.30
N LYS A 50 8.20 -7.07 -7.30
CA LYS A 50 9.30 -7.44 -6.42
C LYS A 50 10.45 -8.06 -7.22
N ALA A 51 10.14 -8.57 -8.40
CA ALA A 51 11.14 -9.18 -9.25
C ALA A 51 11.79 -8.15 -10.17
N LYS A 52 11.01 -7.61 -11.09
CA LYS A 52 11.51 -6.61 -12.03
C LYS A 52 12.11 -5.42 -11.28
N GLN A 53 11.33 -4.84 -10.38
CA GLN A 53 11.79 -3.70 -9.60
C GLN A 53 12.56 -4.15 -8.36
N ALA A 54 13.65 -4.86 -8.58
CA ALA A 54 14.48 -5.35 -7.48
C ALA A 54 15.51 -4.31 -7.06
N ARG A 55 15.87 -3.44 -7.99
CA ARG A 55 16.85 -2.40 -7.71
C ARG A 55 16.17 -1.12 -7.24
N ASN A 56 14.92 -0.94 -7.64
CA ASN A 56 14.16 0.24 -7.25
C ASN A 56 14.13 0.40 -5.74
N SER A 57 14.04 1.65 -5.27
CA SER A 57 14.01 1.94 -3.85
C SER A 57 12.59 2.23 -3.39
N GLN A 58 11.80 2.85 -4.26
CA GLN A 58 10.42 3.18 -3.94
C GLN A 58 9.64 1.94 -3.53
N PHE A 59 10.09 0.78 -4.00
CA PHE A 59 9.43 -0.48 -3.69
C PHE A 59 10.20 -1.24 -2.62
N ASP A 60 10.82 -0.51 -1.70
CA ASP A 60 11.60 -1.11 -0.63
C ASP A 60 10.68 -1.69 0.44
N PHE A 61 9.45 -1.19 0.50
CA PHE A 61 8.48 -1.66 1.48
C PHE A 61 8.18 -3.14 1.28
N LEU A 62 8.50 -3.65 0.09
CA LEU A 62 8.26 -5.06 -0.23
C LEU A 62 9.26 -5.95 0.50
N ARG A 63 10.44 -5.41 0.79
CA ARG A 63 11.49 -6.16 1.47
C ARG A 63 11.03 -6.56 2.88
N PHE A 64 11.13 -7.85 3.17
CA PHE A 64 10.73 -8.37 4.48
C PHE A 64 11.51 -7.69 5.60
N ASP A 65 12.68 -7.15 5.26
CA ASP A 65 13.53 -6.46 6.23
C ASP A 65 13.29 -4.96 6.19
N HIS A 66 12.04 -4.57 5.93
CA HIS A 66 11.69 -3.16 5.87
C HIS A 66 10.67 -2.80 6.94
N TYR A 67 10.58 -1.52 7.28
CA TYR A 67 9.65 -1.06 8.30
C TYR A 67 8.24 -0.88 7.71
N LEU A 68 8.17 -0.74 6.40
CA LEU A 68 6.89 -0.57 5.72
C LEU A 68 6.24 -1.92 5.43
N ASN A 69 6.88 -2.99 5.89
CA ASN A 69 6.37 -4.34 5.69
C ASN A 69 4.92 -4.44 6.16
N PRO A 70 4.69 -4.06 7.43
CA PRO A 70 3.35 -4.09 8.03
C PRO A 70 2.42 -3.05 7.44
N TYR A 71 2.96 -1.86 7.16
CA TYR A 71 2.18 -0.78 6.60
C TYR A 71 1.60 -1.17 5.24
N TYR A 72 2.47 -1.62 4.34
CA TYR A 72 2.05 -2.03 3.00
C TYR A 72 1.15 -3.25 3.07
N LYS A 73 1.59 -4.27 3.81
CA LYS A 73 0.82 -5.50 3.96
C LYS A 73 -0.55 -5.22 4.55
N PHE A 74 -0.63 -4.18 5.38
CA PHE A 74 -1.89 -3.80 6.02
C PHE A 74 -2.83 -3.14 5.01
N ILE A 75 -2.37 -2.07 4.39
CA ILE A 75 -3.17 -1.35 3.40
C ILE A 75 -3.68 -2.28 2.31
N GLN A 76 -2.81 -3.20 1.88
CA GLN A 76 -3.17 -4.16 0.84
C GLN A 76 -4.17 -5.18 1.37
N LYS A 77 -3.81 -5.84 2.46
CA LYS A 77 -4.66 -6.84 3.08
C LYS A 77 -6.04 -6.28 3.37
N ALA A 78 -6.09 -5.00 3.76
CA ALA A 78 -7.34 -4.34 4.08
C ALA A 78 -8.11 -4.00 2.80
N MET A 79 -7.39 -3.52 1.79
CA MET A 79 -8.00 -3.15 0.52
C MET A 79 -8.59 -4.37 -0.17
N LYS A 80 -8.00 -5.53 0.08
CA LYS A 80 -8.47 -6.78 -0.51
C LYS A 80 -9.51 -7.45 0.37
N GLU A 81 -9.36 -7.29 1.68
CA GLU A 81 -10.30 -7.88 2.63
C GLU A 81 -11.65 -7.19 2.57
N GLY A 82 -11.65 -5.95 2.07
CA GLY A 82 -12.89 -5.20 1.96
C GLY A 82 -13.04 -4.18 3.07
N ARG A 83 -11.93 -3.60 3.50
CA ARG A 83 -11.95 -2.60 4.57
C ARG A 83 -11.50 -1.24 4.05
N TYR A 84 -10.40 -1.24 3.30
CA TYR A 84 -9.85 -0.01 2.74
C TYR A 84 -10.34 0.20 1.31
N THR A 85 -10.57 1.46 0.95
CA THR A 85 -11.03 1.80 -0.40
C THR A 85 -10.32 3.04 -0.92
N VAL A 86 -9.99 3.02 -2.21
CA VAL A 86 -9.32 4.15 -2.83
C VAL A 86 -10.23 4.85 -3.84
N LEU A 87 -9.91 6.10 -4.15
CA LEU A 87 -10.70 6.88 -5.08
C LEU A 87 -10.77 6.19 -6.44
N ALA A 88 -9.68 6.25 -7.20
CA ALA A 88 -9.62 5.63 -8.52
C ALA A 88 -9.77 4.12 -8.41
N GLU A 89 -10.98 3.62 -8.66
CA GLU A 89 -11.25 2.19 -8.59
C GLU A 89 -12.43 1.82 -9.49
N ASN A 90 -12.40 0.60 -10.01
CA ASN A 90 -13.46 0.12 -10.89
C ASN A 90 -14.59 -0.50 -10.08
N LYS A 91 -15.60 -1.01 -10.78
CA LYS A 91 -16.74 -1.64 -10.13
C LYS A 91 -16.75 -3.14 -10.37
N SER A 92 -16.97 -3.91 -9.30
CA SER A 92 -17.00 -5.37 -9.40
C SER A 92 -18.44 -5.88 -9.48
N ASP A 93 -18.58 -7.19 -9.61
CA ASP A 93 -19.90 -7.81 -9.70
C ASP A 93 -20.13 -8.75 -8.52
N GLU A 94 -19.31 -9.78 -8.42
CA GLU A 94 -19.42 -10.76 -7.35
C GLU A 94 -20.76 -11.48 -7.41
N LYS A 95 -20.99 -12.38 -6.46
CA LYS A 95 -22.23 -13.15 -6.42
C LYS A 95 -23.25 -12.48 -5.51
N LYS A 96 -22.76 -11.68 -4.57
CA LYS A 96 -23.63 -10.97 -3.63
C LYS A 96 -22.94 -9.73 -3.08
N LYS A 97 -23.42 -8.56 -3.50
CA LYS A 97 -22.85 -7.30 -3.05
C LYS A 97 -23.50 -6.84 -1.74
N SER A 98 -23.14 -5.64 -1.30
CA SER A 98 -23.69 -5.10 -0.07
C SER A 98 -24.89 -4.21 -0.35
N GLY A 99 -26.07 -4.68 0.04
CA GLY A 99 -27.29 -3.91 -0.19
C GLY A 99 -27.60 -2.96 0.96
N VAL A 100 -28.76 -3.14 1.57
CA VAL A 100 -29.17 -2.30 2.69
C VAL A 100 -28.70 -2.87 4.02
N SER A 101 -27.48 -2.50 4.42
CA SER A 101 -26.92 -2.99 5.67
C SER A 101 -25.55 -2.34 5.93
N GLY A 1 7.65 21.16 10.71
CA GLY A 1 9.00 20.74 10.99
C GLY A 1 9.07 19.34 11.58
N SER A 2 10.04 18.55 11.13
CA SER A 2 10.20 17.19 11.61
C SER A 2 11.61 16.98 12.17
N SER A 3 11.73 16.01 13.08
CA SER A 3 13.02 15.71 13.70
C SER A 3 12.98 14.33 14.38
N GLY A 4 11.90 14.07 15.10
CA GLY A 4 11.77 12.79 15.78
C GLY A 4 10.32 12.35 15.91
N SER A 5 10.07 11.08 15.62
CA SER A 5 8.71 10.53 15.70
C SER A 5 7.75 11.37 14.87
N SER A 6 7.66 11.08 13.58
CA SER A 6 6.77 11.80 12.69
C SER A 6 6.47 10.98 11.44
N GLY A 7 5.29 11.21 10.86
CA GLY A 7 4.91 10.49 9.67
C GLY A 7 3.47 10.76 9.27
N VAL A 8 3.21 10.79 7.96
CA VAL A 8 1.87 11.05 7.45
C VAL A 8 1.00 9.79 7.55
N ALA A 9 -0.27 10.00 7.87
CA ALA A 9 -1.22 8.88 8.00
C ALA A 9 -2.55 9.23 7.37
N PRO A 10 -3.34 8.19 7.02
CA PRO A 10 -4.65 8.36 6.40
C PRO A 10 -5.68 8.94 7.38
N LEU A 11 -6.94 8.96 6.95
CA LEU A 11 -8.02 9.48 7.78
C LEU A 11 -8.95 8.36 8.23
N GLY A 12 -9.78 7.88 7.30
CA GLY A 12 -10.71 6.80 7.62
C GLY A 12 -10.01 5.59 8.20
N LEU A 13 -8.80 5.32 7.73
CA LEU A 13 -8.03 4.18 8.20
C LEU A 13 -7.34 4.50 9.53
N SER A 14 -7.51 3.62 10.50
CA SER A 14 -6.90 3.81 11.82
C SER A 14 -5.80 2.78 12.06
N VAL A 15 -4.56 3.16 11.75
CA VAL A 15 -3.42 2.27 11.94
C VAL A 15 -3.02 2.19 13.41
N PRO A 16 -2.77 0.96 13.89
CA PRO A 16 -2.38 0.73 15.28
C PRO A 16 -0.97 1.23 15.57
N SER A 17 -0.47 0.92 16.76
CA SER A 17 0.86 1.34 17.17
C SER A 17 1.92 0.36 16.67
N ASP A 18 1.52 -0.90 16.51
CA ASP A 18 2.43 -1.94 16.04
C ASP A 18 3.07 -1.53 14.70
N VAL A 19 2.23 -1.11 13.76
CA VAL A 19 2.71 -0.69 12.45
C VAL A 19 3.31 0.71 12.51
N GLU A 20 4.31 0.96 11.67
CA GLU A 20 4.97 2.26 11.62
C GLU A 20 4.43 3.08 10.45
N LEU A 21 4.46 4.40 10.62
CA LEU A 21 3.98 5.32 9.57
C LEU A 21 5.08 5.60 8.56
N PRO A 22 4.68 6.05 7.36
CA PRO A 22 5.61 6.38 6.28
C PRO A 22 6.44 7.62 6.58
N PRO A 23 7.55 7.79 5.84
CA PRO A 23 8.45 8.94 6.01
C PRO A 23 7.81 10.24 5.54
N THR A 24 7.23 10.23 4.35
CA THR A 24 6.59 11.41 3.79
C THR A 24 5.43 11.02 2.88
N ALA A 25 4.65 12.02 2.46
CA ALA A 25 3.52 11.79 1.58
C ALA A 25 3.92 10.98 0.35
N LYS A 26 5.13 11.24 -0.15
CA LYS A 26 5.64 10.53 -1.31
C LYS A 26 5.59 9.02 -1.10
N MET A 27 6.40 8.53 -0.18
CA MET A 27 6.44 7.10 0.13
C MET A 27 5.05 6.58 0.47
N HIS A 28 4.31 7.35 1.25
CA HIS A 28 2.96 6.97 1.65
C HIS A 28 2.08 6.71 0.43
N ALA A 29 2.15 7.61 -0.53
CA ALA A 29 1.36 7.48 -1.76
C ALA A 29 1.80 6.26 -2.57
N ILE A 30 3.11 6.08 -2.69
CA ILE A 30 3.66 4.95 -3.43
C ILE A 30 3.14 3.63 -2.88
N ILE A 31 3.17 3.50 -1.56
CA ILE A 31 2.71 2.28 -0.91
C ILE A 31 1.26 1.98 -1.25
N GLU A 32 0.35 2.86 -0.83
CA GLU A 32 -1.07 2.70 -1.10
C GLU A 32 -1.31 2.47 -2.59
N ARG A 33 -0.76 3.35 -3.42
CA ARG A 33 -0.92 3.25 -4.86
C ARG A 33 -0.55 1.85 -5.35
N THR A 34 0.59 1.35 -4.88
CA THR A 34 1.06 0.03 -5.26
C THR A 34 0.10 -1.06 -4.81
N ALA A 35 -0.36 -0.95 -3.56
CA ALA A 35 -1.29 -1.92 -3.00
C ALA A 35 -2.55 -2.04 -3.85
N SER A 36 -3.07 -0.89 -4.29
CA SER A 36 -4.26 -0.86 -5.11
C SER A 36 -4.10 -1.72 -6.36
N PHE A 37 -2.97 -1.55 -7.03
CA PHE A 37 -2.68 -2.31 -8.24
C PHE A 37 -2.41 -3.78 -7.92
N VAL A 38 -1.68 -4.01 -6.82
CA VAL A 38 -1.36 -5.36 -6.40
C VAL A 38 -2.60 -6.13 -5.98
N CYS A 39 -3.63 -5.39 -5.57
CA CYS A 39 -4.88 -6.00 -5.13
C CYS A 39 -5.81 -6.24 -6.32
N ARG A 40 -5.91 -5.24 -7.20
CA ARG A 40 -6.76 -5.35 -8.38
C ARG A 40 -6.18 -6.33 -9.39
N GLN A 41 -4.88 -6.24 -9.61
CA GLN A 41 -4.20 -7.13 -10.56
C GLN A 41 -4.08 -8.53 -9.99
N GLY A 42 -3.90 -8.62 -8.67
CA GLY A 42 -3.78 -9.92 -8.03
C GLY A 42 -2.47 -10.06 -7.26
N ALA A 43 -2.38 -11.08 -6.43
CA ALA A 43 -1.18 -11.32 -5.65
C ALA A 43 0.05 -11.46 -6.54
N GLN A 44 -0.13 -12.14 -7.67
CA GLN A 44 0.96 -12.34 -8.62
C GLN A 44 1.64 -11.02 -8.97
N PHE A 45 0.85 -9.95 -9.00
CA PHE A 45 1.37 -8.62 -9.32
C PHE A 45 2.57 -8.28 -8.44
N GLU A 46 2.41 -8.48 -7.13
CA GLU A 46 3.48 -8.19 -6.18
C GLU A 46 4.78 -8.89 -6.59
N ILE A 47 4.64 -10.12 -7.09
CA ILE A 47 5.79 -10.90 -7.52
C ILE A 47 6.52 -10.21 -8.68
N MET A 48 5.77 -9.95 -9.75
CA MET A 48 6.35 -9.30 -10.92
C MET A 48 7.06 -8.01 -10.54
N LEU A 49 6.41 -7.22 -9.68
CA LEU A 49 6.98 -5.95 -9.24
C LEU A 49 8.24 -6.18 -8.41
N LYS A 50 8.12 -6.98 -7.36
CA LYS A 50 9.25 -7.30 -6.49
C LYS A 50 10.39 -7.93 -7.29
N ALA A 51 10.06 -8.52 -8.43
CA ALA A 51 11.05 -9.14 -9.28
C ALA A 51 11.71 -8.13 -10.21
N LYS A 52 10.92 -7.60 -11.14
CA LYS A 52 11.43 -6.62 -12.10
C LYS A 52 12.02 -5.41 -11.37
N GLN A 53 11.22 -4.79 -10.51
CA GLN A 53 11.66 -3.62 -9.75
C GLN A 53 12.46 -4.04 -8.53
N ALA A 54 13.55 -4.79 -8.76
CA ALA A 54 14.40 -5.25 -7.68
C ALA A 54 15.44 -4.20 -7.31
N ARG A 55 15.77 -3.33 -8.26
CA ARG A 55 16.75 -2.29 -8.05
C ARG A 55 16.09 -1.00 -7.56
N ASN A 56 14.81 -0.84 -7.92
CA ASN A 56 14.06 0.35 -7.53
C ASN A 56 14.09 0.53 -6.02
N SER A 57 14.02 1.79 -5.57
CA SER A 57 14.04 2.09 -4.15
C SER A 57 12.64 2.45 -3.65
N GLN A 58 11.83 3.03 -4.54
CA GLN A 58 10.48 3.42 -4.19
C GLN A 58 9.67 2.22 -3.72
N PHE A 59 10.07 1.04 -4.15
CA PHE A 59 9.38 -0.20 -3.78
C PHE A 59 10.16 -0.95 -2.71
N ASP A 60 10.83 -0.20 -1.84
CA ASP A 60 11.61 -0.80 -0.76
C ASP A 60 10.70 -1.40 0.31
N PHE A 61 9.47 -0.90 0.38
CA PHE A 61 8.51 -1.38 1.36
C PHE A 61 8.21 -2.86 1.15
N LEU A 62 8.52 -3.36 -0.04
CA LEU A 62 8.29 -4.76 -0.36
C LEU A 62 9.31 -5.66 0.34
N ARG A 63 10.51 -5.13 0.54
CA ARG A 63 11.57 -5.88 1.20
C ARG A 63 11.13 -6.33 2.60
N PHE A 64 11.28 -7.62 2.88
CA PHE A 64 10.89 -8.18 4.17
C PHE A 64 11.67 -7.50 5.30
N ASP A 65 12.82 -6.93 4.96
CA ASP A 65 13.66 -6.26 5.95
C ASP A 65 13.39 -4.77 5.95
N HIS A 66 12.13 -4.39 5.71
CA HIS A 66 11.75 -2.98 5.69
C HIS A 66 10.72 -2.69 6.79
N TYR A 67 10.62 -1.41 7.15
CA TYR A 67 9.68 -1.00 8.19
C TYR A 67 8.27 -0.84 7.62
N LEU A 68 8.19 -0.67 6.31
CA LEU A 68 6.90 -0.50 5.64
C LEU A 68 6.27 -1.86 5.33
N ASN A 69 6.95 -2.93 5.75
CA ASN A 69 6.45 -4.28 5.51
C ASN A 69 5.02 -4.43 6.00
N PRO A 70 4.79 -4.08 7.28
CA PRO A 70 3.46 -4.16 7.89
C PRO A 70 2.49 -3.12 7.34
N TYR A 71 2.99 -1.91 7.13
CA TYR A 71 2.18 -0.82 6.60
C TYR A 71 1.61 -1.18 5.23
N TYR A 72 2.49 -1.59 4.32
CA TYR A 72 2.07 -1.96 2.98
C TYR A 72 1.18 -3.21 3.01
N LYS A 73 1.65 -4.24 3.70
CA LYS A 73 0.90 -5.48 3.82
C LYS A 73 -0.48 -5.25 4.41
N PHE A 74 -0.57 -4.24 5.27
CA PHE A 74 -1.84 -3.90 5.91
C PHE A 74 -2.79 -3.24 4.93
N ILE A 75 -2.35 -2.13 4.34
CA ILE A 75 -3.15 -1.41 3.37
C ILE A 75 -3.66 -2.33 2.26
N GLN A 76 -2.79 -3.22 1.80
CA GLN A 76 -3.14 -4.17 0.74
C GLN A 76 -4.14 -5.20 1.25
N LYS A 77 -3.77 -5.89 2.33
CA LYS A 77 -4.62 -6.91 2.91
C LYS A 77 -6.00 -6.34 3.23
N ALA A 78 -6.04 -5.08 3.65
CA ALA A 78 -7.29 -4.41 3.98
C ALA A 78 -8.08 -4.06 2.72
N MET A 79 -7.37 -3.57 1.71
CA MET A 79 -8.00 -3.18 0.45
C MET A 79 -8.62 -4.39 -0.24
N LYS A 80 -8.00 -5.55 -0.05
CA LYS A 80 -8.48 -6.79 -0.64
C LYS A 80 -9.52 -7.46 0.25
N GLU A 81 -9.36 -7.31 1.56
CA GLU A 81 -10.28 -7.89 2.52
C GLU A 81 -11.63 -7.16 2.50
N GLY A 82 -11.60 -5.92 2.02
CA GLY A 82 -12.83 -5.13 1.96
C GLY A 82 -12.95 -4.16 3.12
N ARG A 83 -11.83 -3.55 3.49
CA ARG A 83 -11.81 -2.59 4.59
C ARG A 83 -11.36 -1.22 4.11
N TYR A 84 -10.27 -1.20 3.34
CA TYR A 84 -9.73 0.06 2.82
C TYR A 84 -10.31 0.35 1.44
N THR A 85 -10.77 1.59 1.26
CA THR A 85 -11.34 2.02 -0.02
C THR A 85 -10.48 3.08 -0.68
N VAL A 86 -10.41 3.03 -2.01
CA VAL A 86 -9.62 3.99 -2.77
C VAL A 86 -10.47 4.68 -3.83
N LEU A 87 -10.08 5.89 -4.21
CA LEU A 87 -10.79 6.66 -5.22
C LEU A 87 -10.99 5.83 -6.49
N ALA A 88 -9.91 5.70 -7.27
CA ALA A 88 -9.96 4.93 -8.51
C ALA A 88 -10.17 3.45 -8.23
N GLU A 89 -11.31 2.93 -8.64
CA GLU A 89 -11.64 1.51 -8.44
C GLU A 89 -12.67 1.03 -9.45
N ASN A 90 -12.24 0.89 -10.71
CA ASN A 90 -13.12 0.44 -11.78
C ASN A 90 -13.74 -0.92 -11.44
N LYS A 91 -15.03 -0.92 -11.18
CA LYS A 91 -15.75 -2.14 -10.85
C LYS A 91 -15.85 -3.06 -12.07
N SER A 92 -14.87 -3.96 -12.22
CA SER A 92 -14.86 -4.89 -13.34
C SER A 92 -13.97 -6.09 -13.04
N ASP A 93 -14.03 -6.56 -11.80
CA ASP A 93 -13.22 -7.70 -11.38
C ASP A 93 -14.00 -9.00 -11.54
N GLU A 94 -13.30 -10.12 -11.43
CA GLU A 94 -13.93 -11.44 -11.57
C GLU A 94 -13.35 -12.43 -10.56
N LYS A 95 -14.20 -12.93 -9.68
CA LYS A 95 -13.78 -13.89 -8.67
C LYS A 95 -14.97 -14.66 -8.11
N LYS A 96 -14.75 -15.93 -7.78
CA LYS A 96 -15.81 -16.77 -7.24
C LYS A 96 -17.01 -16.81 -8.17
N LYS A 97 -18.07 -17.49 -7.74
CA LYS A 97 -19.28 -17.59 -8.53
C LYS A 97 -20.50 -17.12 -7.75
N SER A 98 -20.32 -16.03 -7.00
CA SER A 98 -21.40 -15.49 -6.19
C SER A 98 -22.61 -15.14 -7.06
N GLY A 99 -23.77 -15.68 -6.69
CA GLY A 99 -24.98 -15.42 -7.45
C GLY A 99 -25.92 -16.61 -7.47
N VAL A 100 -27.22 -16.34 -7.50
CA VAL A 100 -28.22 -17.41 -7.53
C VAL A 100 -28.29 -18.06 -8.90
N SER A 101 -28.70 -19.32 -8.92
CA SER A 101 -28.82 -20.07 -10.17
C SER A 101 -27.49 -20.06 -10.94
N GLY A 1 2.37 18.43 22.68
CA GLY A 1 3.65 17.94 23.15
C GLY A 1 4.79 18.26 22.21
N SER A 2 5.91 17.59 22.39
CA SER A 2 7.09 17.81 21.54
C SER A 2 6.95 17.07 20.22
N SER A 3 6.67 17.82 19.16
CA SER A 3 6.51 17.23 17.83
C SER A 3 7.47 17.88 16.83
N GLY A 4 7.44 17.40 15.59
CA GLY A 4 8.30 17.94 14.56
C GLY A 4 7.65 17.94 13.19
N SER A 5 8.32 17.34 12.22
CA SER A 5 7.79 17.28 10.85
C SER A 5 8.15 15.95 10.19
N SER A 6 7.54 14.87 10.69
CA SER A 6 7.80 13.55 10.16
C SER A 6 6.67 12.58 10.51
N GLY A 7 6.49 11.56 9.68
CA GLY A 7 5.43 10.59 9.93
C GLY A 7 4.07 11.10 9.52
N VAL A 8 3.59 10.63 8.36
CA VAL A 8 2.29 11.05 7.86
C VAL A 8 1.35 9.86 7.70
N ALA A 9 0.12 10.02 8.15
CA ALA A 9 -0.87 8.95 8.06
C ALA A 9 -2.07 9.38 7.21
N PRO A 10 -2.77 8.40 6.63
CA PRO A 10 -3.95 8.66 5.79
C PRO A 10 -5.14 9.16 6.59
N LEU A 11 -6.29 9.24 5.96
CA LEU A 11 -7.51 9.70 6.61
C LEU A 11 -8.54 8.58 6.69
N GLY A 12 -9.12 8.39 7.87
CA GLY A 12 -10.12 7.36 8.06
C GLY A 12 -9.51 6.04 8.49
N LEU A 13 -8.45 5.63 7.80
CA LEU A 13 -7.79 4.37 8.12
C LEU A 13 -6.97 4.50 9.41
N SER A 14 -7.49 3.92 10.48
CA SER A 14 -6.81 3.96 11.78
C SER A 14 -5.77 2.87 11.88
N VAL A 15 -4.50 3.26 11.82
CA VAL A 15 -3.40 2.31 11.91
C VAL A 15 -2.83 2.26 13.33
N PRO A 16 -2.60 1.04 13.83
CA PRO A 16 -2.06 0.83 15.17
C PRO A 16 -0.59 1.25 15.28
N SER A 17 -0.15 1.51 16.50
CA SER A 17 1.24 1.92 16.74
C SER A 17 2.21 0.82 16.33
N ASP A 18 1.74 -0.42 16.39
CA ASP A 18 2.57 -1.57 16.03
C ASP A 18 3.15 -1.41 14.63
N VAL A 19 2.44 -0.66 13.79
CA VAL A 19 2.89 -0.41 12.42
C VAL A 19 3.62 0.92 12.30
N GLU A 20 4.75 0.89 11.61
CA GLU A 20 5.55 2.11 11.42
C GLU A 20 4.95 2.99 10.33
N LEU A 21 5.05 4.31 10.52
CA LEU A 21 4.52 5.25 9.55
C LEU A 21 5.53 5.51 8.44
N PRO A 22 5.04 6.02 7.30
CA PRO A 22 5.88 6.34 6.13
C PRO A 22 6.79 7.53 6.39
N PRO A 23 7.86 7.64 5.58
CA PRO A 23 8.83 8.74 5.70
C PRO A 23 8.24 10.07 5.26
N THR A 24 7.60 10.08 4.10
CA THR A 24 6.99 11.29 3.56
C THR A 24 5.78 10.96 2.70
N ALA A 25 5.03 11.99 2.32
CA ALA A 25 3.84 11.82 1.50
C ALA A 25 4.15 10.98 0.26
N LYS A 26 5.34 11.17 -0.29
CA LYS A 26 5.76 10.44 -1.48
C LYS A 26 5.68 8.94 -1.25
N MET A 27 6.51 8.45 -0.32
CA MET A 27 6.53 7.03 0.01
C MET A 27 5.13 6.53 0.37
N HIS A 28 4.44 7.28 1.22
CA HIS A 28 3.10 6.91 1.65
C HIS A 28 2.18 6.69 0.44
N ALA A 29 2.29 7.57 -0.54
CA ALA A 29 1.48 7.46 -1.76
C ALA A 29 1.86 6.23 -2.56
N ILE A 30 3.16 6.00 -2.71
CA ILE A 30 3.66 4.85 -3.47
C ILE A 30 3.10 3.55 -2.91
N ILE A 31 3.18 3.39 -1.59
CA ILE A 31 2.68 2.19 -0.93
C ILE A 31 1.22 1.94 -1.28
N GLU A 32 0.34 2.86 -0.87
CA GLU A 32 -1.09 2.73 -1.14
C GLU A 32 -1.33 2.49 -2.63
N ARG A 33 -0.78 3.37 -3.46
CA ARG A 33 -0.94 3.27 -4.90
C ARG A 33 -0.57 1.87 -5.40
N THR A 34 0.57 1.37 -4.93
CA THR A 34 1.04 0.05 -5.33
C THR A 34 0.08 -1.04 -4.83
N ALA A 35 -0.31 -0.94 -3.57
CA ALA A 35 -1.23 -1.92 -2.98
C ALA A 35 -2.48 -2.08 -3.84
N SER A 36 -3.10 -0.96 -4.21
CA SER A 36 -4.30 -0.99 -5.02
C SER A 36 -4.10 -1.84 -6.27
N PHE A 37 -3.04 -1.54 -7.01
CA PHE A 37 -2.73 -2.28 -8.23
C PHE A 37 -2.44 -3.75 -7.93
N VAL A 38 -1.78 -3.99 -6.80
CA VAL A 38 -1.43 -5.35 -6.39
C VAL A 38 -2.68 -6.13 -5.99
N CYS A 39 -3.72 -5.40 -5.58
CA CYS A 39 -4.97 -6.02 -5.17
C CYS A 39 -5.87 -6.30 -6.36
N ARG A 40 -5.86 -5.38 -7.33
CA ARG A 40 -6.67 -5.53 -8.52
C ARG A 40 -6.02 -6.48 -9.52
N GLN A 41 -4.68 -6.49 -9.53
CA GLN A 41 -3.93 -7.36 -10.43
C GLN A 41 -3.70 -8.72 -9.79
N GLY A 42 -3.86 -8.80 -8.47
CA GLY A 42 -3.65 -10.05 -7.77
C GLY A 42 -2.33 -10.09 -7.05
N ALA A 43 -2.16 -11.06 -6.15
CA ALA A 43 -0.93 -11.21 -5.39
C ALA A 43 0.27 -11.36 -6.32
N GLN A 44 0.07 -12.07 -7.43
CA GLN A 44 1.14 -12.29 -8.39
C GLN A 44 1.79 -10.96 -8.80
N PHE A 45 0.99 -9.91 -8.84
CA PHE A 45 1.48 -8.59 -9.20
C PHE A 45 2.70 -8.21 -8.37
N GLU A 46 2.59 -8.38 -7.06
CA GLU A 46 3.68 -8.06 -6.15
C GLU A 46 4.97 -8.75 -6.58
N ILE A 47 4.84 -9.98 -7.08
CA ILE A 47 5.99 -10.75 -7.53
C ILE A 47 6.65 -10.10 -8.75
N MET A 48 5.85 -9.86 -9.78
CA MET A 48 6.34 -9.24 -11.00
C MET A 48 7.07 -7.93 -10.70
N LEU A 49 6.48 -7.13 -9.81
CA LEU A 49 7.07 -5.85 -9.43
C LEU A 49 8.38 -6.06 -8.69
N LYS A 50 8.33 -6.82 -7.60
CA LYS A 50 9.52 -7.10 -6.81
C LYS A 50 10.61 -7.76 -7.65
N ALA A 51 10.19 -8.38 -8.75
CA ALA A 51 11.13 -9.06 -9.65
C ALA A 51 11.72 -8.08 -10.66
N LYS A 52 10.87 -7.57 -11.54
CA LYS A 52 11.30 -6.62 -12.57
C LYS A 52 11.94 -5.39 -11.92
N GLN A 53 11.20 -4.74 -11.04
CA GLN A 53 11.70 -3.55 -10.35
C GLN A 53 12.60 -3.93 -9.18
N ALA A 54 13.65 -4.68 -9.47
CA ALA A 54 14.59 -5.11 -8.43
C ALA A 54 15.62 -4.02 -8.14
N ARG A 55 15.85 -3.16 -9.13
CA ARG A 55 16.81 -2.08 -8.97
C ARG A 55 16.14 -0.82 -8.40
N ASN A 56 14.83 -0.71 -8.64
CA ASN A 56 14.07 0.44 -8.16
C ASN A 56 14.22 0.61 -6.65
N SER A 57 14.08 1.84 -6.18
CA SER A 57 14.21 2.13 -4.76
C SER A 57 12.84 2.41 -4.14
N GLN A 58 11.90 2.87 -4.97
CA GLN A 58 10.56 3.18 -4.50
C GLN A 58 9.83 1.91 -4.06
N PHE A 59 10.24 0.78 -4.62
CA PHE A 59 9.63 -0.50 -4.29
C PHE A 59 10.49 -1.28 -3.30
N ASP A 60 11.17 -0.56 -2.41
CA ASP A 60 12.03 -1.18 -1.42
C ASP A 60 11.24 -1.55 -0.17
N PHE A 61 10.10 -0.90 0.02
CA PHE A 61 9.25 -1.16 1.18
C PHE A 61 8.84 -2.63 1.23
N LEU A 62 8.87 -3.29 0.08
CA LEU A 62 8.51 -4.70 0.00
C LEU A 62 9.48 -5.56 0.80
N ARG A 63 10.67 -5.03 1.06
CA ARG A 63 11.69 -5.74 1.82
C ARG A 63 11.11 -6.25 3.15
N PHE A 64 11.33 -7.52 3.43
CA PHE A 64 10.83 -8.13 4.65
C PHE A 64 11.44 -7.46 5.87
N ASP A 65 12.62 -6.87 5.70
CA ASP A 65 13.30 -6.18 6.79
C ASP A 65 13.14 -4.67 6.67
N HIS A 66 11.97 -4.24 6.21
CA HIS A 66 11.68 -2.82 6.04
C HIS A 66 10.71 -2.34 7.11
N TYR A 67 10.59 -1.02 7.24
CA TYR A 67 9.70 -0.42 8.23
C TYR A 67 8.32 -0.17 7.63
N LEU A 68 8.08 -0.75 6.46
CA LEU A 68 6.80 -0.59 5.77
C LEU A 68 6.15 -1.95 5.50
N ASN A 69 6.80 -3.01 5.96
CA ASN A 69 6.30 -4.37 5.76
C ASN A 69 4.85 -4.47 6.23
N PRO A 70 4.60 -4.09 7.50
CA PRO A 70 3.27 -4.14 8.09
C PRO A 70 2.33 -3.10 7.49
N TYR A 71 2.87 -1.91 7.23
CA TYR A 71 2.07 -0.82 6.65
C TYR A 71 1.51 -1.23 5.29
N TYR A 72 2.39 -1.67 4.41
CA TYR A 72 1.99 -2.08 3.07
C TYR A 72 1.09 -3.31 3.12
N LYS A 73 1.53 -4.32 3.88
CA LYS A 73 0.76 -5.55 4.01
C LYS A 73 -0.63 -5.27 4.58
N PHE A 74 -0.73 -4.26 5.42
CA PHE A 74 -2.00 -3.89 6.02
C PHE A 74 -2.92 -3.24 5.00
N ILE A 75 -2.45 -2.14 4.40
CA ILE A 75 -3.24 -1.43 3.39
C ILE A 75 -3.73 -2.37 2.31
N GLN A 76 -2.87 -3.29 1.89
CA GLN A 76 -3.22 -4.25 0.85
C GLN A 76 -4.24 -5.25 1.37
N LYS A 77 -3.91 -5.92 2.47
CA LYS A 77 -4.81 -6.90 3.07
C LYS A 77 -6.18 -6.30 3.34
N ALA A 78 -6.21 -5.02 3.70
CA ALA A 78 -7.45 -4.33 3.98
C ALA A 78 -8.21 -4.02 2.70
N MET A 79 -7.47 -3.55 1.69
CA MET A 79 -8.08 -3.21 0.41
C MET A 79 -8.70 -4.44 -0.25
N LYS A 80 -8.10 -5.60 -0.01
CA LYS A 80 -8.59 -6.85 -0.57
C LYS A 80 -9.66 -7.47 0.32
N GLU A 81 -9.52 -7.27 1.63
CA GLU A 81 -10.47 -7.81 2.60
C GLU A 81 -11.80 -7.07 2.51
N GLY A 82 -11.76 -5.84 2.00
CA GLY A 82 -12.97 -5.05 1.87
C GLY A 82 -13.10 -4.02 2.97
N ARG A 83 -11.97 -3.44 3.38
CA ARG A 83 -11.97 -2.44 4.44
C ARG A 83 -11.49 -1.09 3.90
N TYR A 84 -10.38 -1.12 3.17
CA TYR A 84 -9.81 0.10 2.60
C TYR A 84 -10.34 0.35 1.20
N THR A 85 -10.88 1.55 0.98
CA THR A 85 -11.42 1.92 -0.33
C THR A 85 -10.59 3.02 -0.98
N VAL A 86 -10.45 2.95 -2.30
CA VAL A 86 -9.68 3.94 -3.04
C VAL A 86 -10.52 4.56 -4.15
N LEU A 87 -10.31 5.84 -4.40
CA LEU A 87 -11.04 6.56 -5.45
C LEU A 87 -10.88 5.86 -6.79
N ALA A 88 -11.68 6.29 -7.77
CA ALA A 88 -11.63 5.71 -9.10
C ALA A 88 -11.99 4.22 -9.08
N GLU A 89 -12.82 3.85 -8.11
CA GLU A 89 -13.24 2.46 -7.98
C GLU A 89 -13.88 1.96 -9.27
N ASN A 90 -13.28 0.92 -9.85
CA ASN A 90 -13.79 0.35 -11.10
C ASN A 90 -13.29 -1.09 -11.28
N LYS A 91 -14.08 -1.90 -11.98
CA LYS A 91 -13.72 -3.29 -12.22
C LYS A 91 -14.60 -3.90 -13.31
N SER A 92 -15.89 -3.58 -13.25
CA SER A 92 -16.85 -4.09 -14.23
C SER A 92 -16.39 -3.79 -15.65
N ASP A 93 -15.99 -4.84 -16.38
CA ASP A 93 -15.53 -4.67 -17.75
C ASP A 93 -16.24 -5.66 -18.68
N GLU A 94 -15.92 -5.58 -19.96
CA GLU A 94 -16.52 -6.46 -20.96
C GLU A 94 -15.79 -7.80 -21.00
N LYS A 95 -14.49 -7.75 -21.26
CA LYS A 95 -13.67 -8.95 -21.33
C LYS A 95 -12.31 -8.74 -20.68
N LYS A 96 -11.63 -9.83 -20.37
CA LYS A 96 -10.32 -9.76 -19.74
C LYS A 96 -9.22 -9.56 -20.79
N LYS A 97 -8.19 -8.80 -20.42
CA LYS A 97 -7.07 -8.56 -21.32
C LYS A 97 -5.75 -8.56 -20.56
N SER A 98 -5.59 -7.62 -19.64
CA SER A 98 -4.37 -7.52 -18.86
C SER A 98 -3.20 -7.07 -19.71
N GLY A 99 -2.68 -7.99 -20.52
CA GLY A 99 -1.56 -7.67 -21.38
C GLY A 99 -1.74 -8.21 -22.79
N VAL A 100 -0.77 -7.93 -23.66
CA VAL A 100 -0.83 -8.39 -25.04
C VAL A 100 0.45 -9.12 -25.44
N SER A 101 0.52 -9.56 -26.69
CA SER A 101 1.68 -10.27 -27.19
C SER A 101 2.69 -9.30 -27.82
N GLY A 1 10.85 26.23 5.86
CA GLY A 1 12.05 25.45 6.11
C GLY A 1 11.80 24.27 7.02
N SER A 2 10.91 24.46 7.99
CA SER A 2 10.58 23.40 8.94
C SER A 2 11.82 22.98 9.72
N SER A 3 11.65 22.01 10.62
CA SER A 3 12.74 21.51 11.43
C SER A 3 13.16 20.11 10.98
N GLY A 4 12.22 19.17 11.02
CA GLY A 4 12.51 17.81 10.63
C GLY A 4 11.37 17.18 9.84
N SER A 5 11.28 15.87 9.89
CA SER A 5 10.23 15.14 9.17
C SER A 5 8.94 15.10 9.98
N SER A 6 7.96 14.34 9.49
CA SER A 6 6.68 14.23 10.16
C SER A 6 5.87 13.06 9.59
N GLY A 7 5.47 12.15 10.48
CA GLY A 7 4.70 11.00 10.04
C GLY A 7 3.34 11.38 9.50
N VAL A 8 3.06 10.96 8.26
CA VAL A 8 1.79 11.27 7.62
C VAL A 8 0.91 10.03 7.52
N ALA A 9 -0.39 10.19 7.80
CA ALA A 9 -1.33 9.08 7.74
C ALA A 9 -2.52 9.43 6.86
N PRO A 10 -3.20 8.39 6.35
CA PRO A 10 -4.38 8.56 5.48
C PRO A 10 -5.58 9.10 6.25
N LEU A 11 -6.68 9.31 5.54
CA LEU A 11 -7.91 9.83 6.14
C LEU A 11 -9.06 8.86 5.94
N GLY A 12 -9.20 7.91 6.86
CA GLY A 12 -10.26 6.92 6.77
C GLY A 12 -9.91 5.61 7.43
N LEU A 13 -8.66 5.19 7.30
CA LEU A 13 -8.20 3.95 7.90
C LEU A 13 -7.40 4.21 9.16
N SER A 14 -7.94 3.78 10.30
CA SER A 14 -7.28 3.98 11.58
C SER A 14 -6.19 2.92 11.80
N VAL A 15 -4.95 3.30 11.51
CA VAL A 15 -3.83 2.39 11.67
C VAL A 15 -3.38 2.31 13.13
N PRO A 16 -3.15 1.08 13.61
CA PRO A 16 -2.73 0.85 14.99
C PRO A 16 -1.29 1.32 15.25
N SER A 17 -0.90 1.34 16.51
CA SER A 17 0.44 1.77 16.89
C SER A 17 1.47 0.73 16.49
N ASP A 18 1.05 -0.52 16.41
CA ASP A 18 1.94 -1.61 16.04
C ASP A 18 2.63 -1.32 14.71
N VAL A 19 1.97 -0.53 13.87
CA VAL A 19 2.51 -0.17 12.56
C VAL A 19 3.14 1.21 12.59
N GLU A 20 4.19 1.40 11.81
CA GLU A 20 4.87 2.69 11.74
C GLU A 20 4.41 3.48 10.51
N LEU A 21 4.31 4.80 10.69
CA LEU A 21 3.88 5.68 9.61
C LEU A 21 5.00 5.89 8.59
N PRO A 22 4.63 6.31 7.38
CA PRO A 22 5.58 6.56 6.30
C PRO A 22 6.44 7.79 6.56
N PRO A 23 7.56 7.90 5.81
CA PRO A 23 8.49 9.03 5.96
C PRO A 23 7.89 10.34 5.44
N THR A 24 7.32 10.29 4.24
CA THR A 24 6.71 11.47 3.64
C THR A 24 5.56 11.08 2.72
N ALA A 25 4.81 12.09 2.26
CA ALA A 25 3.68 11.85 1.38
C ALA A 25 4.08 10.99 0.19
N LYS A 26 5.25 11.25 -0.36
CA LYS A 26 5.76 10.49 -1.50
C LYS A 26 5.70 8.99 -1.22
N MET A 27 6.41 8.56 -0.19
CA MET A 27 6.44 7.15 0.19
C MET A 27 5.03 6.63 0.47
N HIS A 28 4.27 7.39 1.24
CA HIS A 28 2.91 7.01 1.59
C HIS A 28 2.09 6.75 0.33
N ALA A 29 2.24 7.61 -0.67
CA ALA A 29 1.51 7.47 -1.92
C ALA A 29 1.97 6.23 -2.69
N ILE A 30 3.28 6.01 -2.72
CA ILE A 30 3.83 4.86 -3.41
C ILE A 30 3.26 3.55 -2.87
N ILE A 31 3.27 3.41 -1.55
CA ILE A 31 2.74 2.21 -0.91
C ILE A 31 1.28 1.98 -1.29
N GLU A 32 0.42 2.92 -0.90
CA GLU A 32 -1.01 2.82 -1.20
C GLU A 32 -1.24 2.57 -2.68
N ARG A 33 -0.64 3.43 -3.52
CA ARG A 33 -0.78 3.30 -4.96
C ARG A 33 -0.44 1.88 -5.43
N THR A 34 0.71 1.38 -4.97
CA THR A 34 1.15 0.04 -5.34
C THR A 34 0.15 -1.02 -4.87
N ALA A 35 -0.25 -0.92 -3.62
CA ALA A 35 -1.20 -1.87 -3.04
C ALA A 35 -2.45 -1.98 -3.93
N SER A 36 -3.01 -0.85 -4.30
CA SER A 36 -4.21 -0.83 -5.13
C SER A 36 -4.01 -1.68 -6.38
N PHE A 37 -2.88 -1.49 -7.05
CA PHE A 37 -2.57 -2.23 -8.27
C PHE A 37 -2.31 -3.71 -7.94
N VAL A 38 -1.78 -3.95 -6.76
CA VAL A 38 -1.48 -5.32 -6.33
C VAL A 38 -2.76 -6.09 -6.04
N CYS A 39 -3.80 -5.38 -5.63
CA CYS A 39 -5.08 -6.00 -5.32
C CYS A 39 -5.98 -6.04 -6.55
N ARG A 40 -5.77 -5.08 -7.46
CA ARG A 40 -6.57 -4.99 -8.68
C ARG A 40 -6.01 -5.93 -9.75
N GLN A 41 -4.70 -5.87 -9.96
CA GLN A 41 -4.04 -6.71 -10.95
C GLN A 41 -3.99 -8.16 -10.49
N GLY A 42 -3.83 -8.35 -9.19
CA GLY A 42 -3.76 -9.69 -8.63
C GLY A 42 -2.55 -9.91 -7.76
N ALA A 43 -2.52 -11.02 -7.04
CA ALA A 43 -1.40 -11.33 -6.16
C ALA A 43 -0.10 -11.46 -6.94
N GLN A 44 -0.14 -12.22 -8.04
CA GLN A 44 1.04 -12.42 -8.87
C GLN A 44 1.69 -11.09 -9.22
N PHE A 45 0.88 -10.05 -9.33
CA PHE A 45 1.38 -8.72 -9.66
C PHE A 45 2.51 -8.32 -8.72
N GLU A 46 2.30 -8.55 -7.43
CA GLU A 46 3.30 -8.20 -6.42
C GLU A 46 4.62 -8.90 -6.71
N ILE A 47 4.54 -10.08 -7.33
CA ILE A 47 5.74 -10.85 -7.66
C ILE A 47 6.51 -10.20 -8.80
N MET A 48 5.79 -9.85 -9.86
CA MET A 48 6.41 -9.22 -11.03
C MET A 48 7.08 -7.90 -10.64
N LEU A 49 6.40 -7.14 -9.79
CA LEU A 49 6.93 -5.86 -9.33
C LEU A 49 8.17 -6.05 -8.45
N LYS A 50 8.02 -6.86 -7.41
CA LYS A 50 9.12 -7.15 -6.49
C LYS A 50 10.28 -7.82 -7.22
N ALA A 51 9.97 -8.47 -8.35
CA ALA A 51 10.98 -9.16 -9.13
C ALA A 51 11.67 -8.20 -10.09
N LYS A 52 10.91 -7.67 -11.05
CA LYS A 52 11.46 -6.74 -12.02
C LYS A 52 12.01 -5.49 -11.34
N GLN A 53 11.18 -4.85 -10.51
CA GLN A 53 11.58 -3.64 -9.80
C GLN A 53 12.37 -4.00 -8.54
N ALA A 54 13.45 -4.75 -8.72
CA ALA A 54 14.29 -5.17 -7.59
C ALA A 54 15.38 -4.13 -7.31
N ARG A 55 15.74 -3.38 -8.34
CA ARG A 55 16.77 -2.36 -8.21
C ARG A 55 16.19 -1.05 -7.67
N ASN A 56 14.90 -0.85 -7.91
CA ASN A 56 14.21 0.35 -7.45
C ASN A 56 14.37 0.53 -5.94
N SER A 57 14.26 1.76 -5.48
CA SER A 57 14.40 2.07 -4.06
C SER A 57 13.05 2.41 -3.45
N GLN A 58 12.15 2.91 -4.28
CA GLN A 58 10.81 3.28 -3.81
C GLN A 58 10.00 2.06 -3.41
N PHE A 59 10.41 0.90 -3.94
CA PHE A 59 9.72 -0.36 -3.64
C PHE A 59 10.44 -1.12 -2.53
N ASP A 60 11.03 -0.38 -1.60
CA ASP A 60 11.76 -0.99 -0.49
C ASP A 60 10.80 -1.43 0.61
N PHE A 61 9.58 -0.90 0.57
CA PHE A 61 8.57 -1.24 1.57
C PHE A 61 8.20 -2.71 1.48
N LEU A 62 8.56 -3.35 0.38
CA LEU A 62 8.28 -4.76 0.18
C LEU A 62 9.30 -5.64 0.90
N ARG A 63 10.49 -5.10 1.11
CA ARG A 63 11.55 -5.83 1.79
C ARG A 63 11.11 -6.25 3.19
N PHE A 64 11.25 -7.54 3.48
CA PHE A 64 10.87 -8.07 4.79
C PHE A 64 11.60 -7.35 5.91
N ASP A 65 12.76 -6.80 5.59
CA ASP A 65 13.57 -6.07 6.56
C ASP A 65 13.29 -4.57 6.49
N HIS A 66 12.03 -4.22 6.23
CA HIS A 66 11.64 -2.82 6.14
C HIS A 66 10.59 -2.48 7.20
N TYR A 67 10.49 -1.20 7.54
CA TYR A 67 9.54 -0.74 8.53
C TYR A 67 8.15 -0.60 7.93
N LEU A 68 8.09 -0.51 6.60
CA LEU A 68 6.82 -0.39 5.90
C LEU A 68 6.20 -1.75 5.63
N ASN A 69 6.86 -2.80 6.10
CA ASN A 69 6.37 -4.16 5.90
C ASN A 69 4.92 -4.28 6.34
N PRO A 70 4.64 -3.90 7.59
CA PRO A 70 3.29 -3.95 8.16
C PRO A 70 2.36 -2.93 7.54
N TYR A 71 2.89 -1.76 7.24
CA TYR A 71 2.10 -0.68 6.63
C TYR A 71 1.53 -1.12 5.29
N TYR A 72 2.42 -1.56 4.40
CA TYR A 72 2.01 -2.01 3.07
C TYR A 72 1.14 -3.26 3.16
N LYS A 73 1.60 -4.24 3.93
CA LYS A 73 0.86 -5.48 4.10
C LYS A 73 -0.52 -5.23 4.68
N PHE A 74 -0.64 -4.17 5.49
CA PHE A 74 -1.92 -3.82 6.09
C PHE A 74 -2.86 -3.21 5.07
N ILE A 75 -2.40 -2.15 4.41
CA ILE A 75 -3.21 -1.47 3.40
C ILE A 75 -3.70 -2.44 2.34
N GLN A 76 -2.81 -3.35 1.91
CA GLN A 76 -3.16 -4.34 0.91
C GLN A 76 -4.13 -5.38 1.46
N LYS A 77 -3.74 -6.01 2.58
CA LYS A 77 -4.58 -7.01 3.21
C LYS A 77 -5.98 -6.46 3.49
N ALA A 78 -6.05 -5.19 3.84
CA ALA A 78 -7.32 -4.54 4.12
C ALA A 78 -8.09 -4.25 2.84
N MET A 79 -7.38 -3.78 1.82
CA MET A 79 -8.00 -3.46 0.54
C MET A 79 -8.56 -4.72 -0.11
N LYS A 80 -7.95 -5.86 0.18
CA LYS A 80 -8.39 -7.13 -0.38
C LYS A 80 -9.42 -7.80 0.53
N GLU A 81 -9.27 -7.60 1.83
CA GLU A 81 -10.19 -8.19 2.80
C GLU A 81 -11.56 -7.53 2.72
N GLY A 82 -11.60 -6.31 2.19
CA GLY A 82 -12.85 -5.59 2.06
C GLY A 82 -13.02 -4.54 3.14
N ARG A 83 -11.91 -3.96 3.58
CA ARG A 83 -11.95 -2.93 4.62
C ARG A 83 -11.52 -1.58 4.06
N TYR A 84 -10.46 -1.58 3.26
CA TYR A 84 -9.96 -0.36 2.66
C TYR A 84 -10.42 -0.22 1.21
N THR A 85 -10.76 1.01 0.82
CA THR A 85 -11.23 1.27 -0.53
C THR A 85 -10.62 2.56 -1.09
N VAL A 86 -10.13 2.50 -2.31
CA VAL A 86 -9.53 3.67 -2.95
C VAL A 86 -10.53 4.37 -3.86
N LEU A 87 -10.46 5.70 -3.88
CA LEU A 87 -11.37 6.50 -4.70
C LEU A 87 -12.83 6.24 -4.32
N ALA A 88 -13.74 6.92 -5.01
CA ALA A 88 -15.16 6.77 -4.75
C ALA A 88 -15.79 5.75 -5.71
N GLU A 89 -14.97 4.82 -6.19
CA GLU A 89 -15.44 3.80 -7.12
C GLU A 89 -16.63 3.04 -6.53
N ASN A 90 -16.57 2.77 -5.24
CA ASN A 90 -17.65 2.05 -4.55
C ASN A 90 -18.42 2.99 -3.63
N LYS A 91 -19.74 3.04 -3.83
CA LYS A 91 -20.59 3.89 -3.02
C LYS A 91 -20.97 3.19 -1.71
N SER A 92 -20.70 3.87 -0.60
CA SER A 92 -21.01 3.32 0.72
C SER A 92 -21.40 4.42 1.70
N ASP A 93 -21.97 5.49 1.16
CA ASP A 93 -22.39 6.63 1.99
C ASP A 93 -21.20 7.20 2.77
N GLU A 94 -20.56 8.20 2.18
CA GLU A 94 -19.41 8.84 2.82
C GLU A 94 -19.42 10.35 2.58
N LYS A 95 -20.62 10.93 2.62
CA LYS A 95 -20.78 12.36 2.40
C LYS A 95 -20.42 13.14 3.67
N LYS A 96 -19.14 13.41 3.85
CA LYS A 96 -18.67 14.14 5.02
C LYS A 96 -17.63 15.19 4.63
N LYS A 97 -18.01 16.46 4.74
CA LYS A 97 -17.12 17.56 4.40
C LYS A 97 -16.66 18.30 5.65
N SER A 98 -15.36 18.58 5.73
CA SER A 98 -14.80 19.29 6.87
C SER A 98 -14.92 20.79 6.70
N GLY A 99 -14.77 21.53 7.79
CA GLY A 99 -14.86 22.97 7.73
C GLY A 99 -13.90 23.65 8.70
N VAL A 100 -12.68 23.15 8.77
CA VAL A 100 -11.67 23.72 9.66
C VAL A 100 -10.26 23.35 9.21
N SER A 101 -9.36 24.32 9.23
CA SER A 101 -7.98 24.09 8.82
C SER A 101 -7.05 24.11 10.02
#